data_8BEU
#
_entry.id   8BEU
#
_cell.length_a   81.008
_cell.length_b   114.544
_cell.length_c   139.165
_cell.angle_alpha   90.000
_cell.angle_beta   104.580
_cell.angle_gamma   90.000
#
_symmetry.space_group_name_H-M   'P 1 21 1'
#
loop_
_entity.id
_entity.type
_entity.pdbx_description
1 polymer Beta-fructofuranosidase
2 branched alpha-D-mannopyranose-(1-3)-beta-D-mannopyranose-(1-4)-2-acetamido-2-deoxy-beta-D-glucopyranose-(1-4)-2-acetamido-2-deoxy-beta-D-glucopyranose
3 branched 2-acetamido-2-deoxy-beta-D-glucopyranose-(1-4)-2-acetamido-2-deoxy-beta-D-glucopyranose
4 branched alpha-D-galactopyranose-(1-6)-alpha-D-glucopyranose-(1-2)-beta-D-fructofuranose
5 branched alpha-D-mannopyranose-(1-3)-alpha-D-mannopyranose-(1-6)-beta-D-mannopyranose-(1-4)-2-acetamido-2-deoxy-beta-D-glucopyranose-(1-4)-2-acetamido-2-deoxy-beta-D-glucopyranose
6 branched beta-D-mannopyranose-(1-4)-2-acetamido-2-deoxy-beta-D-glucopyranose-(1-4)-2-acetamido-2-deoxy-beta-D-glucopyranose
7 non-polymer alpha-D-mannopyranose
8 non-polymer 2-acetamido-2-deoxy-beta-D-glucopyranose
9 non-polymer DI(HYDROXYETHYL)ETHER
10 water water
#
_entity_poly.entity_id   1
_entity_poly.type   'polypeptide(L)'
_entity_poly.pdbx_seq_one_letter_code
;MKFTLLSVVAIAAAASDSYAAPAASSLAGPVTTGVFSAVSAIPSFATNLSGQVASATSTVLSGSTASGSSATAAPSASAS
GASSMQSMASSLSGSAFSPSSMMPIASGNMTMPNMTSSASASSAASTATGVAGGAGSNSSSSCAPTSLPASATELPTTVP
TGTVITGDYTGSYRPQVHYSPPKGFMNAPNGCHRDRNGTYHLYYQYNPLEYVAGNQHWGHATSDDLYHWTNQPIAIFPPN
STSQVFSGSAVLDPNNTSGFFPNTTDGVVAVYTLNTPTLQVQEVAYSTDGGYNFTPYENNPVLSVGSNQFRDPKVFWYED
HWVMAVAAANDFTIEIYTSPNLTSWTFASNFTHHGLLGLAYECPNLVQVPFQDDPSKSAWLMYISINPGAPLGGSVGQYF
PGDFNGTHFVAYDSAARIADFAKDNYASQWFADTENGESISIAWASNWQYTQQVPTSAQAFRSAMSLPRRNYLTNITRLG
WDLVSLPYDLSPVVGPSLLSSSEANSTADVDFTNVTSNAVWFSLNVTLPDAAIQNASLISADASINITFLPSTKCSSSSG
SGSDSPAATLTYFYAGLTNGALALTRPAASSSWGAENPFFTDKFSYTLVDPLTSLVGVFDRSMLEVFVNEGAHSATMLVF
PDSPVGSMKVATGGLPEGTQVNLQVNGLESTWQSS
;
_entity_poly.pdbx_strand_id   A,B,C,D
#
# COMPACT_ATOMS: atom_id res chain seq x y z
N SER A 142 -4.79 26.41 -19.99
CA SER A 142 -3.78 27.10 -19.14
C SER A 142 -2.39 26.54 -19.43
N CYS A 143 -1.34 27.36 -19.22
CA CYS A 143 0.09 26.95 -19.27
C CYS A 143 0.42 26.03 -18.07
N ALA A 144 1.23 24.99 -18.30
CA ALA A 144 1.80 24.10 -17.26
C ALA A 144 2.49 24.96 -16.20
N PRO A 145 2.32 24.66 -14.89
CA PRO A 145 3.00 25.42 -13.84
C PRO A 145 4.52 25.18 -13.80
N THR A 146 5.30 26.25 -13.68
CA THR A 146 6.79 26.22 -13.58
C THR A 146 7.23 25.94 -12.15
N SER A 147 6.33 26.16 -11.19
CA SER A 147 6.51 25.85 -9.73
C SER A 147 5.22 25.24 -9.18
N LEU A 148 5.34 24.27 -8.26
CA LEU A 148 4.18 23.58 -7.63
C LEU A 148 4.05 24.03 -6.17
N PRO A 149 2.87 23.87 -5.55
CA PRO A 149 2.70 24.11 -4.11
C PRO A 149 3.61 23.22 -3.23
N ALA A 150 3.99 23.75 -2.06
CA ALA A 150 4.95 23.11 -1.13
C ALA A 150 4.48 21.71 -0.72
N SER A 151 3.17 21.47 -0.62
CA SER A 151 2.59 20.14 -0.30
C SER A 151 2.95 19.10 -1.37
N ALA A 152 3.13 19.53 -2.63
CA ALA A 152 3.51 18.67 -3.77
C ALA A 152 5.01 18.36 -3.77
N THR A 153 5.86 19.30 -3.33
CA THR A 153 7.35 19.17 -3.39
C THR A 153 7.96 18.78 -2.04
N GLU A 154 7.37 19.17 -0.91
CA GLU A 154 7.92 18.85 0.45
C GLU A 154 8.03 17.33 0.60
N LEU A 155 9.19 16.85 1.03
CA LEU A 155 9.47 15.40 1.21
C LEU A 155 9.26 15.05 2.68
N PRO A 156 8.81 13.81 2.99
CA PRO A 156 8.65 13.39 4.38
C PRO A 156 10.03 13.22 5.03
N THR A 157 10.09 13.31 6.37
CA THR A 157 11.35 13.13 7.16
C THR A 157 11.53 11.64 7.49
N THR A 158 10.47 10.83 7.38
CA THR A 158 10.53 9.35 7.52
C THR A 158 10.03 8.69 6.24
N VAL A 159 10.62 7.56 5.87
CA VAL A 159 10.25 6.79 4.65
C VAL A 159 8.89 6.13 4.91
N PRO A 160 7.90 6.34 4.02
CA PRO A 160 6.62 5.64 4.13
C PRO A 160 6.72 4.17 3.70
N THR A 161 6.13 3.27 4.50
CA THR A 161 6.05 1.80 4.22
C THR A 161 4.59 1.49 3.85
N GLY A 162 4.40 0.63 2.84
CA GLY A 162 3.09 0.07 2.44
C GLY A 162 2.09 1.15 2.00
N THR A 163 2.56 2.33 1.62
CA THR A 163 1.71 3.40 1.05
C THR A 163 2.35 3.88 -0.27
N VAL A 164 1.53 4.18 -1.27
CA VAL A 164 2.01 4.81 -2.54
C VAL A 164 2.24 6.28 -2.23
N ILE A 165 3.39 6.81 -2.66
CA ILE A 165 3.71 8.27 -2.59
C ILE A 165 2.97 8.96 -3.73
N THR A 166 2.17 9.97 -3.38
CA THR A 166 1.38 10.75 -4.36
C THR A 166 2.36 11.71 -5.06
N GLY A 167 2.22 11.83 -6.37
CA GLY A 167 2.98 12.80 -7.18
C GLY A 167 2.04 13.71 -7.94
N ASP A 168 2.47 14.96 -8.09
CA ASP A 168 1.89 15.96 -9.03
C ASP A 168 2.75 15.92 -10.28
N TYR A 169 2.17 15.50 -11.41
CA TYR A 169 2.86 15.25 -12.70
C TYR A 169 2.54 16.37 -13.71
N THR A 170 2.32 17.61 -13.25
CA THR A 170 1.84 18.73 -14.11
C THR A 170 2.97 19.72 -14.44
N GLY A 171 4.11 19.63 -13.76
CA GLY A 171 5.24 20.56 -13.99
C GLY A 171 5.59 20.73 -15.48
N SER A 172 6.08 21.91 -15.84
CA SER A 172 6.44 22.30 -17.24
C SER A 172 7.61 21.46 -17.78
N TYR A 173 8.41 20.84 -16.92
CA TYR A 173 9.58 20.00 -17.28
C TYR A 173 9.27 18.52 -17.04
N ARG A 174 8.07 18.19 -16.52
CA ARG A 174 7.68 16.82 -16.17
C ARG A 174 7.30 16.06 -17.44
N PRO A 175 8.07 15.00 -17.82
CA PRO A 175 7.74 14.22 -19.01
C PRO A 175 6.41 13.45 -18.86
N GLN A 176 5.66 13.34 -19.95
CA GLN A 176 4.28 12.78 -19.93
C GLN A 176 4.26 11.35 -20.49
N VAL A 177 5.32 10.90 -21.17
CA VAL A 177 5.39 9.50 -21.71
C VAL A 177 6.64 8.78 -21.19
N HIS A 178 7.45 9.44 -20.35
CA HIS A 178 8.63 8.83 -19.69
C HIS A 178 8.30 8.58 -18.21
N TYR A 179 8.81 7.51 -17.63
CA TYR A 179 8.68 7.30 -16.17
C TYR A 179 9.56 8.31 -15.42
N SER A 180 8.99 8.91 -14.39
CA SER A 180 9.71 9.68 -13.34
C SER A 180 9.00 9.47 -12.01
N PRO A 181 9.69 9.58 -10.86
CA PRO A 181 9.10 9.24 -9.57
C PRO A 181 8.15 10.33 -9.10
N PRO A 182 7.13 9.97 -8.29
CA PRO A 182 6.09 10.92 -7.88
C PRO A 182 6.74 12.13 -7.18
N LYS A 183 7.67 11.88 -6.26
CA LYS A 183 8.60 12.93 -5.78
C LYS A 183 9.91 12.29 -5.32
N GLY A 184 10.96 13.09 -5.16
CA GLY A 184 12.29 12.62 -4.74
C GLY A 184 13.22 12.43 -5.91
N PHE A 185 14.36 11.80 -5.64
CA PHE A 185 15.48 11.59 -6.57
C PHE A 185 15.53 10.12 -6.99
N MET A 186 15.60 9.88 -8.29
CA MET A 186 15.67 8.54 -8.90
C MET A 186 16.95 8.46 -9.72
N ASN A 187 17.64 7.32 -9.67
CA ASN A 187 18.69 7.04 -10.69
C ASN A 187 18.40 5.66 -11.30
N ALA A 188 19.38 4.78 -11.33
CA ALA A 188 19.45 3.60 -12.23
C ALA A 188 18.17 2.76 -12.13
N PRO A 189 17.68 2.19 -13.25
CA PRO A 189 16.69 1.13 -13.22
C PRO A 189 17.24 -0.17 -12.60
N ASN A 190 16.40 -0.88 -11.85
CA ASN A 190 16.75 -2.13 -11.13
C ASN A 190 15.64 -3.18 -11.30
N GLY A 191 16.00 -4.45 -11.24
CA GLY A 191 15.05 -5.56 -11.06
C GLY A 191 14.03 -5.66 -12.18
N CYS A 192 14.37 -5.11 -13.35
CA CYS A 192 13.44 -5.04 -14.51
C CYS A 192 13.11 -6.45 -14.97
N HIS A 193 11.83 -6.80 -14.97
CA HIS A 193 11.34 -8.12 -15.41
C HIS A 193 9.87 -8.00 -15.79
N ARG A 194 9.41 -8.96 -16.60
CA ARG A 194 7.99 -9.12 -17.02
C ARG A 194 7.44 -10.35 -16.28
N ASP A 195 6.32 -10.22 -15.57
CA ASP A 195 5.68 -11.36 -14.87
C ASP A 195 4.93 -12.18 -15.93
N ARG A 196 4.45 -13.36 -15.54
CA ARG A 196 3.88 -14.33 -16.51
C ARG A 196 2.55 -13.80 -17.07
N ASN A 197 1.83 -12.98 -16.29
CA ASN A 197 0.57 -12.31 -16.73
C ASN A 197 0.87 -11.10 -17.63
N GLY A 198 2.14 -10.81 -17.89
CA GLY A 198 2.56 -9.79 -18.89
C GLY A 198 2.70 -8.40 -18.29
N THR A 199 2.64 -8.25 -16.97
CA THR A 199 2.93 -6.97 -16.27
C THR A 199 4.44 -6.74 -16.22
N TYR A 200 4.89 -5.58 -16.72
CA TYR A 200 6.30 -5.12 -16.64
C TYR A 200 6.53 -4.47 -15.27
N HIS A 201 7.54 -4.96 -14.56
CA HIS A 201 8.01 -4.43 -13.25
C HIS A 201 9.26 -3.58 -13.46
N LEU A 202 9.18 -2.30 -13.14
CA LEU A 202 10.33 -1.38 -13.08
C LEU A 202 10.62 -1.08 -11.62
N TYR A 203 11.81 -1.41 -11.13
CA TYR A 203 12.33 -0.87 -9.86
C TYR A 203 13.42 0.14 -10.18
N TYR A 204 13.78 0.96 -9.21
CA TYR A 204 14.76 2.04 -9.44
C TYR A 204 15.38 2.48 -8.12
N GLN A 205 16.64 2.90 -8.21
CA GLN A 205 17.40 3.55 -7.13
C GLN A 205 16.63 4.80 -6.75
N TYR A 206 16.22 4.91 -5.50
CA TYR A 206 15.27 5.95 -5.03
C TYR A 206 15.79 6.53 -3.71
N ASN A 207 15.92 7.86 -3.67
CA ASN A 207 16.04 8.65 -2.42
C ASN A 207 14.69 9.30 -2.12
N PRO A 208 13.90 8.75 -1.18
CA PRO A 208 12.60 9.31 -0.84
C PRO A 208 12.64 10.56 0.04
N LEU A 209 13.82 10.93 0.55
CA LEU A 209 13.97 12.00 1.59
C LEU A 209 14.57 13.28 1.01
N GLU A 210 15.19 13.23 -0.17
CA GLU A 210 15.91 14.40 -0.74
C GLU A 210 15.87 14.36 -2.28
N TYR A 211 16.25 15.48 -2.88
CA TYR A 211 16.33 15.71 -4.34
C TYR A 211 17.76 15.54 -4.84
N VAL A 212 18.58 14.79 -4.10
CA VAL A 212 19.98 14.41 -4.48
C VAL A 212 20.13 12.92 -4.14
N ALA A 213 21.22 12.28 -4.56
CA ALA A 213 21.46 10.83 -4.34
C ALA A 213 21.66 10.56 -2.84
N GLY A 214 21.28 9.37 -2.38
CA GLY A 214 21.48 8.90 -0.99
C GLY A 214 20.31 8.06 -0.52
N ASN A 215 20.42 7.45 0.67
CA ASN A 215 19.32 6.75 1.37
C ASN A 215 18.67 5.76 0.40
N GLN A 216 19.47 5.02 -0.36
CA GLN A 216 18.93 4.29 -1.54
C GLN A 216 17.96 3.19 -1.10
N HIS A 217 16.73 3.26 -1.61
CA HIS A 217 15.71 2.17 -1.62
C HIS A 217 15.44 1.77 -3.08
N TRP A 218 14.74 0.65 -3.28
CA TRP A 218 14.11 0.29 -4.59
C TRP A 218 12.69 0.84 -4.63
N GLY A 219 12.48 1.90 -5.41
CA GLY A 219 11.14 2.32 -5.85
C GLY A 219 10.58 1.26 -6.79
N HIS A 220 9.27 1.28 -7.03
CA HIS A 220 8.57 0.27 -7.86
C HIS A 220 7.48 0.97 -8.68
N ALA A 221 7.39 0.63 -9.96
CA ALA A 221 6.23 1.00 -10.81
C ALA A 221 5.92 -0.15 -11.76
N THR A 222 4.67 -0.27 -12.16
CA THR A 222 4.18 -1.36 -13.03
C THR A 222 3.49 -0.79 -14.27
N SER A 223 3.50 -1.59 -15.33
CA SER A 223 2.92 -1.21 -16.64
C SER A 223 2.64 -2.47 -17.44
N ASP A 224 1.60 -2.46 -18.27
CA ASP A 224 1.34 -3.54 -19.24
C ASP A 224 2.02 -3.18 -20.58
N ASP A 225 2.35 -1.91 -20.81
CA ASP A 225 2.75 -1.41 -22.17
C ASP A 225 4.03 -0.56 -22.11
N LEU A 226 4.62 -0.37 -20.93
CA LEU A 226 5.89 0.39 -20.69
C LEU A 226 5.71 1.89 -20.93
N TYR A 227 4.46 2.36 -20.97
CA TYR A 227 4.14 3.80 -21.11
C TYR A 227 3.16 4.22 -20.01
N HIS A 228 2.12 3.44 -19.72
CA HIS A 228 1.11 3.76 -18.68
C HIS A 228 1.59 3.14 -17.36
N TRP A 229 2.26 3.95 -16.53
CA TRP A 229 2.92 3.49 -15.28
C TRP A 229 1.99 3.71 -14.09
N THR A 230 1.94 2.72 -13.21
CA THR A 230 1.27 2.82 -11.88
C THR A 230 2.34 2.76 -10.81
N ASN A 231 2.40 3.81 -9.99
CA ASN A 231 3.31 3.91 -8.82
C ASN A 231 2.84 2.91 -7.76
N GLN A 232 3.81 2.24 -7.15
CA GLN A 232 3.63 1.17 -6.14
C GLN A 232 4.38 1.58 -4.88
N PRO A 233 4.08 0.98 -3.71
CA PRO A 233 4.86 1.23 -2.50
C PRO A 233 6.33 0.84 -2.72
N ILE A 234 7.21 1.40 -1.90
CA ILE A 234 8.66 1.06 -1.92
C ILE A 234 8.79 -0.46 -1.74
N ALA A 235 9.67 -1.12 -2.51
CA ALA A 235 9.73 -2.60 -2.62
C ALA A 235 10.84 -3.16 -1.75
N ILE A 236 12.00 -2.49 -1.68
CA ILE A 236 13.18 -2.99 -0.91
C ILE A 236 13.71 -1.83 -0.07
N PHE A 237 13.87 -2.07 1.23
CA PHE A 237 14.32 -1.10 2.26
C PHE A 237 15.69 -1.53 2.77
N PRO A 238 16.54 -0.59 3.23
CA PRO A 238 17.79 -0.95 3.88
C PRO A 238 17.45 -1.56 5.24
N PRO A 239 18.23 -2.55 5.75
CA PRO A 239 17.99 -3.09 7.10
C PRO A 239 17.95 -2.01 8.19
N ASN A 240 18.77 -0.96 8.06
CA ASN A 240 18.92 0.10 9.09
C ASN A 240 19.24 1.44 8.42
N SER A 241 19.50 2.45 9.25
CA SER A 241 19.76 3.87 8.89
C SER A 241 21.16 4.07 8.29
N THR A 242 22.06 3.08 8.40
CA THR A 242 23.50 3.25 8.02
C THR A 242 23.83 2.41 6.78
N SER A 243 22.82 1.81 6.14
CA SER A 243 22.99 0.92 4.96
C SER A 243 22.11 1.43 3.82
N GLN A 244 22.46 1.08 2.57
CA GLN A 244 21.72 1.50 1.36
C GLN A 244 21.54 0.29 0.43
N VAL A 245 20.40 0.24 -0.24
CA VAL A 245 20.10 -0.79 -1.28
C VAL A 245 20.53 -0.23 -2.63
N PHE A 246 21.68 -0.69 -3.12
CA PHE A 246 22.29 -0.30 -4.41
C PHE A 246 21.67 -1.17 -5.50
N SER A 247 22.19 -1.10 -6.72
CA SER A 247 21.53 -1.67 -7.92
C SER A 247 21.50 -3.21 -7.84
N GLY A 248 20.67 -3.80 -8.67
CA GLY A 248 20.60 -5.26 -8.83
C GLY A 248 19.55 -5.64 -9.83
N SER A 249 19.27 -6.93 -9.93
CA SER A 249 18.34 -7.52 -10.92
C SER A 249 17.30 -8.35 -10.17
N ALA A 250 16.29 -8.81 -10.90
CA ALA A 250 15.23 -9.68 -10.39
C ALA A 250 14.94 -10.72 -11.46
N VAL A 251 14.72 -11.98 -11.05
CA VAL A 251 14.39 -13.08 -11.99
C VAL A 251 13.15 -13.82 -11.48
N LEU A 252 12.38 -14.40 -12.40
CA LEU A 252 11.35 -15.42 -12.09
C LEU A 252 12.07 -16.73 -11.81
N ASP A 253 11.64 -17.45 -10.77
CA ASP A 253 12.16 -18.80 -10.42
C ASP A 253 11.00 -19.79 -10.48
N PRO A 254 10.45 -20.07 -11.68
CA PRO A 254 9.24 -20.87 -11.82
C PRO A 254 9.43 -22.32 -11.35
N ASN A 255 10.63 -22.87 -11.46
CA ASN A 255 10.96 -24.29 -11.14
C ASN A 255 11.40 -24.42 -9.67
N ASN A 256 11.42 -23.30 -8.92
CA ASN A 256 11.78 -23.28 -7.47
C ASN A 256 13.16 -23.89 -7.28
N THR A 257 14.16 -23.43 -8.05
CA THR A 257 15.59 -23.80 -7.84
C THR A 257 16.10 -23.21 -6.52
N SER A 258 15.47 -22.12 -6.05
CA SER A 258 15.91 -21.36 -4.85
C SER A 258 15.44 -22.03 -3.56
N GLY A 259 14.27 -22.69 -3.60
CA GLY A 259 13.63 -23.28 -2.43
C GLY A 259 12.76 -22.29 -1.66
N PHE A 260 12.60 -21.06 -2.16
CA PHE A 260 11.76 -20.02 -1.51
C PHE A 260 10.28 -20.21 -1.89
N PHE A 261 10.00 -21.01 -2.92
CA PHE A 261 8.70 -21.02 -3.63
C PHE A 261 8.12 -22.43 -3.70
N PRO A 262 7.81 -23.10 -2.57
CA PRO A 262 7.22 -24.44 -2.59
C PRO A 262 5.80 -24.46 -3.17
N ASN A 263 5.05 -23.36 -3.04
CA ASN A 263 3.61 -23.29 -3.36
C ASN A 263 3.27 -22.24 -4.42
N THR A 264 4.26 -21.78 -5.20
CA THR A 264 4.03 -20.83 -6.33
C THR A 264 5.05 -21.10 -7.44
N THR A 265 4.63 -20.82 -8.68
CA THR A 265 5.48 -20.80 -9.89
C THR A 265 5.69 -19.35 -10.36
N ASP A 266 5.23 -18.36 -9.59
CA ASP A 266 5.30 -16.92 -9.91
C ASP A 266 6.27 -16.21 -8.96
N GLY A 267 7.18 -16.94 -8.31
CA GLY A 267 8.14 -16.40 -7.35
C GLY A 267 9.15 -15.49 -8.03
N VAL A 268 9.45 -14.34 -7.43
CA VAL A 268 10.49 -13.36 -7.88
C VAL A 268 11.65 -13.39 -6.88
N VAL A 269 12.89 -13.44 -7.37
CA VAL A 269 14.13 -13.28 -6.56
C VAL A 269 14.85 -12.02 -7.01
N ALA A 270 15.06 -11.09 -6.09
CA ALA A 270 15.92 -9.89 -6.24
C ALA A 270 17.30 -10.25 -5.74
N VAL A 271 18.33 -9.91 -6.53
CA VAL A 271 19.76 -10.00 -6.16
C VAL A 271 20.33 -8.60 -6.32
N TYR A 272 20.85 -8.03 -5.25
CA TYR A 272 21.19 -6.59 -5.17
C TYR A 272 22.39 -6.40 -4.27
N THR A 273 23.08 -5.27 -4.47
CA THR A 273 24.19 -4.81 -3.63
C THR A 273 23.62 -4.09 -2.40
N LEU A 274 24.03 -4.51 -1.21
CA LEU A 274 23.86 -3.73 0.03
C LEU A 274 25.17 -2.97 0.27
N ASN A 275 25.05 -1.64 0.38
CA ASN A 275 26.20 -0.75 0.68
C ASN A 275 26.22 -0.48 2.18
N THR A 276 27.34 -0.79 2.83
CA THR A 276 27.71 -0.28 4.19
C THR A 276 28.89 0.67 4.04
N PRO A 277 29.22 1.48 5.08
CA PRO A 277 30.38 2.38 5.03
C PRO A 277 31.68 1.70 4.57
N THR A 278 31.82 0.39 4.83
CA THR A 278 33.10 -0.36 4.69
C THR A 278 33.03 -1.49 3.65
N LEU A 279 31.83 -1.95 3.28
CA LEU A 279 31.69 -3.08 2.32
C LEU A 279 30.56 -2.82 1.31
N GLN A 280 30.66 -3.49 0.17
CA GLN A 280 29.57 -3.76 -0.78
C GLN A 280 29.47 -5.28 -0.94
N VAL A 281 28.32 -5.85 -0.57
CA VAL A 281 28.05 -7.32 -0.66
C VAL A 281 26.77 -7.53 -1.48
N GLN A 282 26.65 -8.70 -2.12
CA GLN A 282 25.45 -9.14 -2.86
C GLN A 282 24.49 -9.85 -1.89
N GLU A 283 23.24 -9.42 -1.84
CA GLU A 283 22.15 -9.97 -1.00
C GLU A 283 21.01 -10.48 -1.88
N VAL A 284 20.20 -11.38 -1.32
CA VAL A 284 19.01 -11.97 -1.98
C VAL A 284 17.77 -11.61 -1.17
N ALA A 285 16.68 -11.32 -1.85
CA ALA A 285 15.32 -11.17 -1.29
C ALA A 285 14.35 -11.83 -2.26
N TYR A 286 13.24 -12.35 -1.74
CA TYR A 286 12.25 -13.12 -2.54
C TYR A 286 10.86 -12.55 -2.26
N SER A 287 9.99 -12.73 -3.25
CA SER A 287 8.59 -12.22 -3.24
C SER A 287 7.68 -13.32 -3.79
N THR A 288 6.65 -13.68 -3.00
CA THR A 288 5.61 -14.67 -3.36
C THR A 288 4.34 -13.94 -3.84
N ASP A 289 4.27 -12.61 -3.71
CA ASP A 289 3.06 -11.80 -4.05
C ASP A 289 3.24 -11.11 -5.42
N GLY A 290 4.21 -11.55 -6.24
CA GLY A 290 4.40 -11.05 -7.61
C GLY A 290 5.33 -9.84 -7.69
N GLY A 291 6.16 -9.63 -6.67
CA GLY A 291 7.27 -8.64 -6.68
C GLY A 291 6.88 -7.31 -6.07
N TYR A 292 5.88 -7.28 -5.19
CA TYR A 292 5.43 -6.03 -4.53
C TYR A 292 6.05 -5.93 -3.13
N ASN A 293 6.11 -7.06 -2.43
CA ASN A 293 6.69 -7.18 -1.07
C ASN A 293 7.78 -8.26 -1.11
N PHE A 294 8.93 -7.96 -0.52
CA PHE A 294 10.16 -8.79 -0.53
C PHE A 294 10.55 -9.16 0.90
N THR A 295 11.08 -10.36 1.08
CA THR A 295 11.60 -10.86 2.37
C THR A 295 13.08 -11.15 2.18
N PRO A 296 13.98 -10.61 3.05
CA PRO A 296 15.40 -10.98 3.00
C PRO A 296 15.61 -12.49 3.15
N TYR A 297 16.55 -13.05 2.37
CA TYR A 297 17.13 -14.39 2.62
C TYR A 297 17.73 -14.41 4.03
N GLU A 298 17.58 -15.54 4.72
CA GLU A 298 17.95 -15.72 6.15
C GLU A 298 19.48 -15.61 6.28
N ASN A 299 20.24 -16.17 5.33
CA ASN A 299 21.73 -16.27 5.41
C ASN A 299 22.40 -15.24 4.50
N ASN A 300 21.85 -14.03 4.39
CA ASN A 300 22.50 -12.90 3.68
C ASN A 300 23.77 -12.52 4.45
N PRO A 301 24.85 -12.04 3.80
CA PRO A 301 24.94 -11.94 2.35
C PRO A 301 25.27 -13.26 1.64
N VAL A 302 25.03 -13.31 0.33
CA VAL A 302 25.25 -14.53 -0.52
C VAL A 302 26.60 -14.45 -1.23
N LEU A 303 27.22 -13.27 -1.30
CA LEU A 303 28.54 -13.10 -1.95
C LEU A 303 29.24 -11.85 -1.40
N SER A 304 30.43 -12.06 -0.83
CA SER A 304 31.36 -10.98 -0.43
C SER A 304 32.77 -11.37 -0.86
N VAL A 305 33.57 -10.37 -1.24
CA VAL A 305 34.99 -10.50 -1.67
C VAL A 305 35.84 -9.59 -0.77
N GLY A 306 35.24 -9.04 0.30
CA GLY A 306 35.88 -8.12 1.25
C GLY A 306 36.24 -6.78 0.62
N SER A 307 35.45 -6.30 -0.35
CA SER A 307 35.70 -5.04 -1.12
C SER A 307 34.56 -4.04 -0.87
N ASN A 308 34.83 -2.74 -0.97
CA ASN A 308 33.77 -1.70 -0.87
C ASN A 308 33.52 -1.08 -2.27
N GLN A 309 33.93 -1.80 -3.33
CA GLN A 309 33.73 -1.43 -4.75
C GLN A 309 33.41 -2.72 -5.52
N PHE A 310 32.22 -3.27 -5.27
CA PHE A 310 31.81 -4.62 -5.75
C PHE A 310 30.27 -4.65 -5.83
N ARG A 311 29.69 -4.41 -7.00
CA ARG A 311 28.24 -4.04 -7.03
C ARG A 311 27.61 -4.27 -8.41
N ASP A 312 26.27 -4.22 -8.39
CA ASP A 312 25.36 -4.20 -9.57
C ASP A 312 25.29 -5.59 -10.20
N PRO A 313 24.83 -6.61 -9.45
CA PRO A 313 24.73 -7.97 -9.99
C PRO A 313 23.56 -8.10 -10.97
N LYS A 314 23.83 -8.67 -12.13
CA LYS A 314 22.80 -8.98 -13.16
C LYS A 314 22.71 -10.51 -13.29
N VAL A 315 21.61 -11.10 -12.85
CA VAL A 315 21.44 -12.58 -12.79
C VAL A 315 20.54 -13.03 -13.95
N PHE A 316 20.88 -14.16 -14.56
CA PHE A 316 20.03 -14.80 -15.61
C PHE A 316 20.28 -16.30 -15.63
N TRP A 317 19.33 -17.03 -16.22
CA TRP A 317 19.39 -18.50 -16.38
C TRP A 317 20.10 -18.81 -17.70
N TYR A 318 21.11 -19.68 -17.65
CA TYR A 318 21.82 -20.21 -18.85
C TYR A 318 21.76 -21.74 -18.83
N GLU A 319 20.84 -22.31 -19.62
CA GLU A 319 20.67 -23.77 -19.84
C GLU A 319 20.32 -24.48 -18.52
N ASP A 320 21.30 -24.68 -17.63
CA ASP A 320 21.16 -25.57 -16.44
C ASP A 320 21.70 -24.91 -15.16
N HIS A 321 21.97 -23.60 -15.16
CA HIS A 321 22.47 -22.88 -13.96
C HIS A 321 22.23 -21.37 -14.07
N TRP A 322 22.24 -20.70 -12.92
CA TRP A 322 22.21 -19.21 -12.82
C TRP A 322 23.60 -18.66 -13.09
N VAL A 323 23.65 -17.52 -13.81
CA VAL A 323 24.89 -16.71 -14.04
C VAL A 323 24.69 -15.35 -13.38
N MET A 324 25.72 -14.87 -12.69
CA MET A 324 25.77 -13.48 -12.17
C MET A 324 26.95 -12.75 -12.81
N ALA A 325 26.66 -11.62 -13.47
CA ALA A 325 27.67 -10.61 -13.84
C ALA A 325 27.64 -9.50 -12.78
N VAL A 326 28.78 -9.20 -12.17
CA VAL A 326 28.90 -8.17 -11.10
C VAL A 326 30.21 -7.41 -11.34
N ALA A 327 30.22 -6.11 -11.02
CA ALA A 327 31.35 -5.20 -11.31
C ALA A 327 32.29 -5.14 -10.09
N ALA A 328 33.55 -5.52 -10.29
CA ALA A 328 34.70 -5.07 -9.46
C ALA A 328 35.10 -3.69 -10.00
N ALA A 329 34.39 -2.67 -9.53
CA ALA A 329 34.14 -1.39 -10.25
C ALA A 329 35.46 -0.69 -10.54
N ASN A 330 36.32 -0.54 -9.53
CA ASN A 330 37.57 0.27 -9.61
C ASN A 330 38.74 -0.57 -10.14
N ASP A 331 38.52 -1.85 -10.42
CA ASP A 331 39.52 -2.76 -11.06
C ASP A 331 39.18 -2.96 -12.53
N PHE A 332 38.10 -2.33 -13.04
CA PHE A 332 37.67 -2.41 -14.46
C PHE A 332 37.50 -3.88 -14.83
N THR A 333 36.80 -4.62 -13.97
CA THR A 333 36.57 -6.07 -14.16
C THR A 333 35.10 -6.39 -13.93
N ILE A 334 34.52 -7.16 -14.85
CA ILE A 334 33.21 -7.82 -14.64
C ILE A 334 33.51 -9.28 -14.25
N GLU A 335 33.14 -9.64 -13.02
CA GLU A 335 33.27 -11.04 -12.50
C GLU A 335 31.98 -11.80 -12.83
N ILE A 336 32.14 -12.97 -13.44
CA ILE A 336 31.04 -13.92 -13.76
C ILE A 336 31.11 -15.05 -12.73
N TYR A 337 30.01 -15.24 -12.00
CA TYR A 337 29.77 -16.31 -11.01
C TYR A 337 28.62 -17.21 -11.50
N THR A 338 28.61 -18.46 -11.02
CA THR A 338 27.54 -19.46 -11.32
C THR A 338 26.95 -19.98 -10.01
N SER A 339 25.71 -20.45 -10.07
CA SER A 339 24.92 -20.93 -8.91
C SER A 339 23.81 -21.84 -9.41
N PRO A 340 23.47 -22.93 -8.67
CA PRO A 340 22.26 -23.70 -8.97
C PRO A 340 20.99 -23.19 -8.28
N ASN A 341 21.10 -22.39 -7.22
CA ASN A 341 19.94 -22.04 -6.35
C ASN A 341 19.86 -20.54 -6.03
N LEU A 342 20.75 -19.71 -6.59
CA LEU A 342 20.77 -18.22 -6.42
C LEU A 342 21.31 -17.82 -5.05
N THR A 343 21.71 -18.76 -4.19
CA THR A 343 22.18 -18.46 -2.81
C THR A 343 23.64 -18.85 -2.61
N SER A 344 24.16 -19.76 -3.42
CA SER A 344 25.55 -20.29 -3.35
C SER A 344 26.28 -20.01 -4.66
N TRP A 345 27.29 -19.13 -4.63
CA TRP A 345 27.93 -18.59 -5.86
C TRP A 345 29.39 -19.04 -5.93
N THR A 346 29.79 -19.46 -7.13
CA THR A 346 31.13 -20.02 -7.43
C THR A 346 31.72 -19.16 -8.56
N PHE A 347 32.93 -18.63 -8.37
CA PHE A 347 33.68 -17.87 -9.40
C PHE A 347 33.80 -18.72 -10.67
N ALA A 348 33.62 -18.10 -11.83
CA ALA A 348 33.75 -18.73 -13.16
C ALA A 348 34.83 -18.03 -13.99
N SER A 349 34.78 -16.69 -14.12
CA SER A 349 35.71 -15.95 -15.03
C SER A 349 35.70 -14.44 -14.74
N ASN A 350 36.69 -13.77 -15.31
CA ASN A 350 36.93 -12.31 -15.27
C ASN A 350 36.96 -11.77 -16.69
N PHE A 351 36.28 -10.64 -16.91
CA PHE A 351 36.34 -9.84 -18.16
C PHE A 351 36.91 -8.47 -17.74
N THR A 352 38.15 -8.17 -18.12
CA THR A 352 38.94 -7.06 -17.51
C THR A 352 39.58 -6.15 -18.57
N HIS A 353 39.62 -4.85 -18.27
CA HIS A 353 40.36 -3.81 -19.05
C HIS A 353 39.95 -3.89 -20.51
N HIS A 354 38.65 -3.89 -20.79
CA HIS A 354 38.10 -3.81 -22.18
C HIS A 354 37.51 -2.42 -22.42
N GLY A 355 37.66 -1.91 -23.64
CA GLY A 355 37.02 -0.66 -24.11
C GLY A 355 37.47 0.53 -23.31
N LEU A 356 36.59 1.51 -23.13
CA LEU A 356 36.88 2.71 -22.30
C LEU A 356 36.83 2.29 -20.85
N LEU A 357 37.82 2.71 -20.07
CA LEU A 357 37.91 2.38 -18.63
C LEU A 357 37.03 3.36 -17.84
N GLY A 358 37.04 4.64 -18.21
CA GLY A 358 36.58 5.73 -17.34
C GLY A 358 37.18 5.57 -15.95
N LEU A 359 36.40 5.82 -14.90
CA LEU A 359 36.91 5.75 -13.50
C LEU A 359 36.36 4.50 -12.79
N ALA A 360 35.36 3.81 -13.39
CA ALA A 360 34.74 2.60 -12.82
C ALA A 360 33.82 1.91 -13.85
N TYR A 361 33.86 0.58 -13.85
CA TYR A 361 32.87 -0.31 -14.50
C TYR A 361 31.64 -0.40 -13.61
N GLU A 362 30.43 -0.35 -14.17
CA GLU A 362 29.17 -0.36 -13.40
C GLU A 362 28.06 -1.04 -14.20
N CYS A 363 27.00 -1.45 -13.50
CA CYS A 363 25.72 -1.94 -14.09
C CYS A 363 25.98 -2.85 -15.29
N PRO A 364 26.79 -3.92 -15.14
CA PRO A 364 27.00 -4.87 -16.23
C PRO A 364 25.67 -5.53 -16.63
N ASN A 365 25.45 -5.74 -17.93
CA ASN A 365 24.36 -6.58 -18.47
C ASN A 365 24.98 -7.52 -19.49
N LEU A 366 24.76 -8.82 -19.34
CA LEU A 366 25.20 -9.85 -20.32
C LEU A 366 23.92 -10.45 -20.92
N VAL A 367 23.65 -10.15 -22.18
CA VAL A 367 22.32 -10.40 -22.81
C VAL A 367 22.52 -10.97 -24.22
N GLN A 368 21.53 -11.73 -24.64
CA GLN A 368 21.46 -12.30 -26.00
C GLN A 368 20.55 -11.37 -26.80
N VAL A 369 21.05 -10.85 -27.90
CA VAL A 369 20.34 -9.79 -28.68
C VAL A 369 20.15 -10.34 -30.09
N PRO A 370 18.89 -10.37 -30.59
CA PRO A 370 18.63 -10.85 -31.95
C PRO A 370 19.14 -9.90 -33.03
N PHE A 371 19.39 -10.44 -34.22
CA PHE A 371 19.78 -9.68 -35.44
C PHE A 371 18.53 -8.97 -35.96
N GLN A 372 18.66 -7.70 -36.36
CA GLN A 372 17.55 -6.85 -36.87
C GLN A 372 16.98 -7.48 -38.14
N ASP A 373 17.83 -8.04 -39.00
CA ASP A 373 17.44 -8.48 -40.38
C ASP A 373 17.00 -9.95 -40.34
N ASP A 374 17.32 -10.69 -39.27
CA ASP A 374 17.06 -12.15 -39.16
C ASP A 374 16.80 -12.53 -37.71
N PRO A 375 15.52 -12.55 -37.27
CA PRO A 375 15.17 -12.89 -35.88
C PRO A 375 15.66 -14.25 -35.36
N SER A 376 16.01 -15.19 -36.25
CA SER A 376 16.49 -16.55 -35.87
C SER A 376 17.98 -16.54 -35.42
N LYS A 377 18.73 -15.50 -35.78
CA LYS A 377 20.15 -15.31 -35.37
C LYS A 377 20.22 -14.36 -34.17
N SER A 378 21.23 -14.58 -33.31
CA SER A 378 21.50 -13.74 -32.12
C SER A 378 23.00 -13.78 -31.81
N ALA A 379 23.46 -12.83 -31.00
CA ALA A 379 24.83 -12.83 -30.44
C ALA A 379 24.74 -12.31 -29.01
N TRP A 380 25.69 -12.71 -28.17
CA TRP A 380 25.78 -12.21 -26.79
C TRP A 380 26.41 -10.81 -26.85
N LEU A 381 26.04 -9.99 -25.87
CA LEU A 381 26.48 -8.60 -25.72
C LEU A 381 26.80 -8.41 -24.25
N MET A 382 28.02 -7.97 -23.94
CA MET A 382 28.37 -7.40 -22.63
C MET A 382 28.16 -5.88 -22.74
N TYR A 383 27.20 -5.35 -21.98
CA TYR A 383 26.96 -3.89 -21.89
C TYR A 383 27.50 -3.42 -20.55
N ILE A 384 28.33 -2.39 -20.56
CA ILE A 384 28.95 -1.85 -19.32
C ILE A 384 28.73 -0.35 -19.30
N SER A 385 28.31 0.15 -18.16
CA SER A 385 28.23 1.61 -17.87
C SER A 385 29.55 2.04 -17.22
N ILE A 386 30.06 3.21 -17.58
CA ILE A 386 31.27 3.80 -16.92
C ILE A 386 30.92 5.18 -16.38
N ASN A 387 31.41 5.49 -15.18
CA ASN A 387 31.21 6.80 -14.52
C ASN A 387 32.18 6.94 -13.35
N PRO A 388 32.81 8.11 -13.14
CA PRO A 388 32.95 9.13 -14.18
C PRO A 388 33.87 8.69 -15.31
N GLY A 389 34.36 9.64 -16.10
CA GLY A 389 35.43 9.45 -17.11
C GLY A 389 34.94 9.09 -18.51
N ALA A 390 33.65 9.18 -18.80
CA ALA A 390 33.13 9.14 -20.21
C ALA A 390 33.81 10.24 -21.03
N PRO A 391 34.05 10.01 -22.35
CA PRO A 391 34.65 11.04 -23.21
C PRO A 391 33.93 12.40 -23.19
N LEU A 392 32.59 12.42 -23.24
CA LEU A 392 31.80 13.67 -23.20
C LEU A 392 31.70 14.20 -21.77
N GLY A 393 32.24 13.47 -20.78
CA GLY A 393 32.20 13.88 -19.37
C GLY A 393 31.16 13.10 -18.61
N GLY A 394 31.51 12.64 -17.41
CA GLY A 394 30.61 11.92 -16.50
C GLY A 394 30.38 10.50 -16.98
N SER A 395 29.12 10.19 -17.30
CA SER A 395 28.62 8.81 -17.43
C SER A 395 28.26 8.50 -18.89
N VAL A 396 28.46 7.24 -19.30
CA VAL A 396 28.12 6.73 -20.66
C VAL A 396 28.12 5.19 -20.60
N GLY A 397 27.39 4.56 -21.52
CA GLY A 397 27.38 3.09 -21.69
C GLY A 397 28.17 2.70 -22.92
N GLN A 398 28.70 1.47 -22.91
CA GLN A 398 29.49 0.89 -24.02
C GLN A 398 29.18 -0.59 -24.05
N TYR A 399 29.50 -1.26 -25.15
CA TYR A 399 29.11 -2.67 -25.37
C TYR A 399 30.17 -3.39 -26.18
N PHE A 400 30.12 -4.72 -26.09
CA PHE A 400 31.05 -5.67 -26.73
C PHE A 400 30.23 -6.85 -27.26
N PRO A 401 30.11 -7.04 -28.59
CA PRO A 401 29.51 -8.26 -29.13
C PRO A 401 30.50 -9.40 -28.90
N GLY A 402 30.00 -10.59 -28.61
CA GLY A 402 30.88 -11.76 -28.41
C GLY A 402 30.10 -13.04 -28.19
N ASP A 403 30.78 -14.02 -27.60
CA ASP A 403 30.25 -15.36 -27.32
C ASP A 403 30.27 -15.60 -25.81
N PHE A 404 29.21 -16.20 -25.29
CA PHE A 404 29.10 -16.68 -23.89
C PHE A 404 28.74 -18.17 -23.93
N ASN A 405 29.43 -18.98 -23.14
CA ASN A 405 29.28 -20.46 -23.12
C ASN A 405 28.82 -20.93 -21.73
N GLY A 406 28.40 -20.00 -20.87
CA GLY A 406 27.84 -20.29 -19.53
C GLY A 406 28.82 -19.96 -18.42
N THR A 407 30.11 -19.78 -18.73
CA THR A 407 31.18 -19.46 -17.74
C THR A 407 32.00 -18.24 -18.18
N HIS A 408 32.31 -18.16 -19.47
CA HIS A 408 33.29 -17.20 -20.05
C HIS A 408 32.64 -16.38 -21.16
N PHE A 409 32.78 -15.06 -21.11
CA PHE A 409 32.46 -14.14 -22.22
C PHE A 409 33.74 -13.82 -22.98
N VAL A 410 33.72 -13.97 -24.30
CA VAL A 410 34.87 -13.67 -25.21
C VAL A 410 34.38 -12.71 -26.29
N ALA A 411 34.87 -11.46 -26.25
CA ALA A 411 34.61 -10.43 -27.27
C ALA A 411 35.09 -10.95 -28.63
N TYR A 412 34.38 -10.62 -29.71
CA TYR A 412 34.77 -10.98 -31.09
C TYR A 412 36.04 -10.21 -31.51
N ASP A 413 36.25 -9.00 -30.97
CA ASP A 413 37.43 -8.16 -31.28
C ASP A 413 37.79 -7.31 -30.05
N SER A 414 38.77 -6.42 -30.17
CA SER A 414 39.27 -5.56 -29.07
C SER A 414 38.73 -4.13 -29.22
N ALA A 415 37.73 -3.91 -30.07
CA ALA A 415 37.18 -2.56 -30.36
C ALA A 415 36.29 -2.08 -29.20
N ALA A 416 36.30 -0.77 -28.95
CA ALA A 416 35.40 -0.07 -28.00
C ALA A 416 34.24 0.51 -28.79
N ARG A 417 33.00 0.35 -28.31
CA ARG A 417 31.79 0.86 -29.00
C ARG A 417 30.86 1.51 -27.96
N ILE A 418 30.50 2.77 -28.23
CA ILE A 418 29.64 3.64 -27.37
C ILE A 418 28.20 3.57 -27.88
N ALA A 419 27.22 3.49 -26.98
CA ALA A 419 25.80 3.19 -27.29
C ALA A 419 25.05 4.41 -27.84
N ASP A 420 25.26 5.58 -27.22
CA ASP A 420 24.47 6.83 -27.43
C ASP A 420 25.49 7.94 -27.74
N PHE A 421 25.21 8.82 -28.70
CA PHE A 421 26.19 9.87 -29.13
C PHE A 421 25.99 11.17 -28.35
N ALA A 422 25.07 11.23 -27.38
CA ALA A 422 24.90 12.38 -26.45
C ALA A 422 25.26 11.93 -25.01
N LYS A 423 24.80 12.67 -23.98
CA LYS A 423 25.34 12.60 -22.60
C LYS A 423 24.33 11.99 -21.63
N ASP A 424 23.06 11.87 -21.99
CA ASP A 424 21.94 11.67 -21.02
C ASP A 424 21.33 10.28 -21.17
N ASN A 425 22.16 9.24 -21.18
CA ASN A 425 21.71 7.83 -21.28
C ASN A 425 22.71 6.95 -20.52
N TYR A 426 22.29 6.33 -19.43
CA TYR A 426 23.19 5.64 -18.50
C TYR A 426 22.47 4.49 -17.83
N ALA A 427 23.23 3.44 -17.50
CA ALA A 427 22.79 2.36 -16.59
C ALA A 427 21.61 1.62 -17.21
N SER A 428 21.65 1.39 -18.53
CA SER A 428 20.67 0.53 -19.23
C SER A 428 20.55 -0.81 -18.49
N GLN A 429 19.32 -1.25 -18.26
CA GLN A 429 19.04 -2.62 -17.78
C GLN A 429 18.04 -3.27 -18.74
N TRP A 430 18.31 -4.51 -19.09
CA TRP A 430 17.43 -5.37 -19.90
C TRP A 430 16.40 -6.04 -19.00
N PHE A 431 15.14 -6.09 -19.45
CA PHE A 431 14.03 -6.78 -18.77
C PHE A 431 14.25 -8.29 -18.86
N ALA A 432 14.29 -8.97 -17.72
CA ALA A 432 14.29 -10.45 -17.61
C ALA A 432 12.91 -10.98 -18.03
N ASP A 433 12.89 -12.21 -18.57
CA ASP A 433 11.68 -13.04 -18.78
C ASP A 433 10.71 -12.37 -19.76
N THR A 434 11.22 -11.74 -20.81
CA THR A 434 10.38 -11.16 -21.90
C THR A 434 9.93 -12.29 -22.84
N GLU A 435 8.84 -12.06 -23.59
CA GLU A 435 8.30 -12.99 -24.62
C GLU A 435 9.34 -13.19 -25.72
N ASN A 436 9.39 -14.38 -26.31
CA ASN A 436 10.25 -14.72 -27.47
C ASN A 436 11.71 -14.36 -27.14
N GLY A 437 12.47 -13.97 -28.15
CA GLY A 437 13.83 -13.39 -28.03
C GLY A 437 13.80 -11.88 -27.93
N GLU A 438 12.68 -11.26 -27.55
CA GLU A 438 12.48 -9.79 -27.50
C GLU A 438 13.47 -9.16 -26.50
N SER A 439 14.41 -8.35 -27.01
CA SER A 439 15.41 -7.63 -26.19
C SER A 439 14.83 -6.25 -25.84
N ILE A 440 14.40 -6.06 -24.59
CA ILE A 440 13.73 -4.82 -24.12
C ILE A 440 14.62 -4.23 -23.02
N SER A 441 14.97 -2.96 -23.15
CA SER A 441 15.85 -2.27 -22.19
C SER A 441 15.25 -0.92 -21.83
N ILE A 442 15.69 -0.37 -20.70
CA ILE A 442 15.36 1.02 -20.30
C ILE A 442 16.59 1.55 -19.59
N ALA A 443 16.80 2.85 -19.68
CA ALA A 443 17.98 3.54 -19.14
C ALA A 443 17.52 4.74 -18.33
N TRP A 444 18.42 5.25 -17.52
CA TRP A 444 18.26 6.53 -16.80
C TRP A 444 18.71 7.66 -17.73
N ALA A 445 17.85 8.64 -17.94
CA ALA A 445 18.03 9.71 -18.93
C ALA A 445 18.66 10.91 -18.24
N SER A 446 19.86 10.76 -17.71
CA SER A 446 20.59 11.88 -17.08
C SER A 446 22.09 11.59 -17.16
N ASN A 447 22.87 12.46 -16.55
CA ASN A 447 24.34 12.40 -16.52
C ASN A 447 24.76 12.80 -15.10
N TRP A 448 25.62 11.99 -14.48
CA TRP A 448 26.09 12.21 -13.07
C TRP A 448 26.71 13.59 -12.88
N GLN A 449 27.21 14.25 -13.92
CA GLN A 449 27.88 15.57 -13.76
C GLN A 449 26.87 16.66 -13.38
N TYR A 450 25.59 16.54 -13.73
CA TYR A 450 24.63 17.62 -13.45
C TYR A 450 23.27 17.08 -12.96
N THR A 451 23.13 15.78 -12.80
CA THR A 451 21.80 15.18 -12.48
C THR A 451 21.27 15.75 -11.16
N GLN A 452 22.14 16.09 -10.21
CA GLN A 452 21.75 16.52 -8.86
C GLN A 452 21.52 18.03 -8.82
N GLN A 453 21.73 18.72 -9.93
CA GLN A 453 21.65 20.21 -10.03
C GLN A 453 20.56 20.64 -11.03
N VAL A 454 19.89 19.71 -11.73
CA VAL A 454 18.90 20.08 -12.79
C VAL A 454 17.71 20.79 -12.15
N PRO A 455 17.13 21.82 -12.81
CA PRO A 455 16.13 22.69 -12.17
C PRO A 455 14.70 22.13 -12.23
N THR A 456 14.49 20.91 -11.73
CA THR A 456 13.18 20.21 -11.74
C THR A 456 12.69 19.95 -10.31
N SER A 457 13.48 20.22 -9.29
CA SER A 457 13.07 20.00 -7.87
C SER A 457 11.88 20.89 -7.46
N ALA A 458 11.76 22.09 -8.02
CA ALA A 458 10.57 22.96 -7.84
C ALA A 458 9.30 22.28 -8.41
N GLN A 459 9.48 21.24 -9.23
CA GLN A 459 8.36 20.48 -9.86
C GLN A 459 8.28 19.08 -9.26
N ALA A 460 8.92 18.86 -8.13
CA ALA A 460 8.72 17.70 -7.24
C ALA A 460 9.46 16.46 -7.74
N PHE A 461 10.42 16.58 -8.65
CA PHE A 461 11.18 15.39 -9.11
C PHE A 461 12.58 15.78 -9.57
N ARG A 462 13.47 14.79 -9.56
CA ARG A 462 14.78 14.89 -10.23
C ARG A 462 14.97 13.55 -10.95
N SER A 463 15.12 13.57 -12.27
CA SER A 463 15.51 12.41 -13.10
C SER A 463 14.30 11.68 -13.71
N ALA A 464 14.46 11.18 -14.92
CA ALA A 464 13.47 10.34 -15.59
C ALA A 464 14.17 9.18 -16.32
N MET A 465 13.44 8.11 -16.58
CA MET A 465 13.92 7.02 -17.46
C MET A 465 13.83 7.46 -18.93
N SER A 466 14.65 6.84 -19.77
CA SER A 466 14.57 6.89 -21.25
C SER A 466 13.23 6.32 -21.68
N LEU A 467 12.88 6.50 -22.95
CA LEU A 467 11.84 5.64 -23.58
C LEU A 467 12.30 4.19 -23.40
N PRO A 468 11.38 3.25 -23.16
CA PRO A 468 11.73 1.85 -23.22
C PRO A 468 12.18 1.57 -24.67
N ARG A 469 13.09 0.62 -24.84
CA ARG A 469 13.72 0.40 -26.16
C ARG A 469 13.64 -1.07 -26.55
N ARG A 470 13.42 -1.33 -27.82
CA ARG A 470 13.62 -2.68 -28.40
C ARG A 470 15.04 -2.71 -28.96
N ASN A 471 15.81 -3.76 -28.69
CA ASN A 471 17.22 -3.83 -29.08
C ASN A 471 17.44 -4.91 -30.15
N TYR A 472 18.38 -4.64 -31.07
CA TYR A 472 18.84 -5.59 -32.10
C TYR A 472 20.33 -5.40 -32.30
N LEU A 473 20.96 -6.35 -32.98
CA LEU A 473 22.32 -6.22 -33.54
C LEU A 473 22.21 -6.14 -35.06
N THR A 474 22.99 -5.27 -35.67
CA THR A 474 23.09 -5.18 -37.15
C THR A 474 24.55 -4.94 -37.52
N ASN A 475 24.86 -5.10 -38.80
CA ASN A 475 26.11 -4.64 -39.44
C ASN A 475 25.79 -3.36 -40.20
N ILE A 476 26.50 -2.28 -39.91
CA ILE A 476 26.41 -1.01 -40.67
C ILE A 476 27.66 -0.90 -41.54
N THR A 477 27.55 -0.20 -42.67
CA THR A 477 28.62 -0.03 -43.68
C THR A 477 29.91 0.43 -42.99
N ARG A 478 30.99 -0.29 -43.26
CA ARG A 478 32.39 -0.02 -42.81
C ARG A 478 32.56 -0.40 -41.34
N LEU A 479 31.75 0.16 -40.44
CA LEU A 479 31.95 0.03 -38.97
C LEU A 479 31.68 -1.40 -38.52
N GLY A 480 30.77 -2.12 -39.19
CA GLY A 480 30.36 -3.48 -38.78
C GLY A 480 29.40 -3.46 -37.59
N TRP A 481 29.74 -4.19 -36.52
CA TRP A 481 28.81 -4.50 -35.39
C TRP A 481 28.21 -3.21 -34.81
N ASP A 482 26.90 -3.19 -34.60
CA ASP A 482 26.17 -2.00 -34.09
C ASP A 482 24.99 -2.45 -33.23
N LEU A 483 24.86 -1.87 -32.02
CA LEU A 483 23.69 -2.06 -31.15
C LEU A 483 22.57 -1.13 -31.65
N VAL A 484 21.49 -1.71 -32.15
CA VAL A 484 20.28 -0.99 -32.60
C VAL A 484 19.38 -0.73 -31.40
N SER A 485 18.89 0.49 -31.27
CA SER A 485 17.95 0.94 -30.22
C SER A 485 16.77 1.66 -30.89
N LEU A 486 15.54 1.16 -30.71
CA LEU A 486 14.31 1.78 -31.24
C LEU A 486 13.31 1.94 -30.08
N PRO A 487 12.41 2.95 -30.12
CA PRO A 487 11.40 3.09 -29.08
C PRO A 487 10.52 1.83 -29.04
N TYR A 488 10.22 1.32 -27.85
CA TYR A 488 9.23 0.21 -27.70
C TYR A 488 7.88 0.73 -28.17
N ASP A 489 7.15 -0.07 -28.96
CA ASP A 489 5.80 0.22 -29.53
C ASP A 489 5.15 1.46 -28.88
N LEU A 490 5.10 2.56 -29.60
CA LEU A 490 4.59 3.87 -29.12
C LEU A 490 3.07 4.00 -29.32
N SER A 491 2.42 3.03 -29.98
CA SER A 491 0.99 3.15 -30.43
C SER A 491 0.05 3.54 -29.28
N PRO A 492 0.22 3.02 -28.04
CA PRO A 492 -0.66 3.42 -26.94
C PRO A 492 -0.63 4.90 -26.51
N VAL A 493 0.37 5.67 -26.92
CA VAL A 493 0.49 7.11 -26.54
C VAL A 493 0.34 8.02 -27.76
N VAL A 494 0.28 7.46 -28.97
CA VAL A 494 0.25 8.25 -30.24
C VAL A 494 -1.15 8.86 -30.39
N GLY A 495 -1.25 10.19 -30.33
CA GLY A 495 -2.50 10.93 -30.52
C GLY A 495 -2.71 11.31 -31.99
N PRO A 496 -3.55 12.34 -32.27
CA PRO A 496 -3.89 12.71 -33.64
C PRO A 496 -2.73 13.39 -34.39
N SER A 497 -2.73 13.21 -35.72
CA SER A 497 -1.78 13.84 -36.67
C SER A 497 -1.82 15.36 -36.57
N LEU A 498 -0.64 16.00 -36.56
CA LEU A 498 -0.48 17.48 -36.57
C LEU A 498 -0.06 17.93 -37.96
N LEU A 499 0.64 17.06 -38.69
CA LEU A 499 1.14 17.32 -40.06
C LEU A 499 1.53 16.00 -40.72
N SER A 500 1.09 15.82 -41.96
CA SER A 500 1.65 14.85 -42.94
C SER A 500 2.04 15.67 -44.17
N SER A 501 3.28 15.50 -44.64
CA SER A 501 3.82 16.22 -45.81
C SER A 501 4.69 15.27 -46.64
N SER A 502 4.62 15.41 -47.96
CA SER A 502 5.44 14.66 -48.95
C SER A 502 6.33 15.63 -49.72
N GLU A 503 6.40 16.88 -49.27
CA GLU A 503 7.14 17.97 -49.95
C GLU A 503 8.64 17.86 -49.64
N ALA A 504 9.47 17.71 -50.67
CA ALA A 504 10.94 17.90 -50.60
C ALA A 504 11.26 19.38 -50.74
N ASN A 505 12.45 19.80 -50.31
CA ASN A 505 12.96 21.19 -50.48
C ASN A 505 11.98 22.22 -49.93
N SER A 506 11.27 21.91 -48.85
CA SER A 506 10.31 22.86 -48.24
C SER A 506 10.56 22.97 -46.74
N THR A 507 9.87 23.90 -46.08
CA THR A 507 9.90 24.09 -44.61
C THR A 507 8.48 23.90 -44.09
N ALA A 508 8.30 22.95 -43.18
CA ALA A 508 7.02 22.67 -42.47
C ALA A 508 7.08 23.28 -41.08
N ASP A 509 6.09 24.11 -40.74
CA ASP A 509 5.90 24.70 -39.38
C ASP A 509 4.75 23.95 -38.69
N VAL A 510 5.03 23.34 -37.55
CA VAL A 510 4.05 22.55 -36.76
C VAL A 510 3.93 23.22 -35.39
N ASP A 511 2.78 23.86 -35.15
CA ASP A 511 2.40 24.41 -33.82
C ASP A 511 1.79 23.27 -32.99
N PHE A 512 2.16 23.14 -31.72
CA PHE A 512 1.56 22.13 -30.82
C PHE A 512 1.31 22.72 -29.44
N THR A 513 1.05 24.03 -29.39
CA THR A 513 0.58 24.75 -28.17
C THR A 513 -0.78 24.17 -27.72
N ASN A 514 -1.54 23.54 -28.63
CA ASN A 514 -2.85 22.91 -28.33
C ASN A 514 -2.69 21.46 -27.85
N VAL A 515 -1.49 20.87 -27.99
CA VAL A 515 -1.15 19.52 -27.43
C VAL A 515 -0.78 19.71 -25.96
N THR A 516 -1.68 19.33 -25.04
CA THR A 516 -1.57 19.56 -23.57
C THR A 516 -0.39 18.75 -23.00
N SER A 517 -0.09 17.57 -23.55
CA SER A 517 1.08 16.75 -23.13
C SER A 517 2.36 17.56 -23.33
N ASN A 518 2.40 18.46 -24.33
CA ASN A 518 3.61 19.19 -24.79
C ASN A 518 4.66 18.13 -25.18
N ALA A 519 4.18 17.03 -25.79
CA ALA A 519 5.00 15.89 -26.25
C ALA A 519 4.57 15.52 -27.69
N VAL A 520 5.55 15.36 -28.58
CA VAL A 520 5.30 15.01 -29.99
C VAL A 520 6.25 13.88 -30.41
N TRP A 521 5.76 13.07 -31.33
CA TRP A 521 6.53 12.06 -32.11
C TRP A 521 6.64 12.61 -33.52
N PHE A 522 7.76 12.38 -34.19
CA PHE A 522 7.91 12.72 -35.62
C PHE A 522 8.73 11.63 -36.27
N SER A 523 8.43 11.40 -37.54
CA SER A 523 9.13 10.47 -38.45
C SER A 523 9.46 11.25 -39.72
N LEU A 524 10.71 11.17 -40.17
CA LEU A 524 11.17 11.78 -41.43
C LEU A 524 11.90 10.70 -42.21
N ASN A 525 11.32 10.30 -43.35
CA ASN A 525 11.93 9.35 -44.32
C ASN A 525 12.45 10.17 -45.50
N VAL A 526 13.66 9.89 -45.93
CA VAL A 526 14.29 10.55 -47.11
C VAL A 526 14.86 9.42 -47.97
N THR A 527 14.32 9.25 -49.17
CA THR A 527 14.80 8.24 -50.14
C THR A 527 15.46 8.98 -51.30
N LEU A 528 16.80 8.86 -51.40
CA LEU A 528 17.58 9.42 -52.51
C LEU A 528 17.32 8.60 -53.76
N PRO A 529 17.32 9.23 -54.97
CA PRO A 529 17.20 8.47 -56.21
C PRO A 529 18.42 7.57 -56.34
N ASP A 530 18.26 6.43 -57.03
CA ASP A 530 19.35 5.45 -57.28
C ASP A 530 20.54 6.12 -57.96
N ALA A 531 20.30 7.20 -58.72
CA ALA A 531 21.34 8.02 -59.37
C ALA A 531 22.31 8.55 -58.31
N ALA A 532 21.78 9.25 -57.30
CA ALA A 532 22.53 9.86 -56.17
C ALA A 532 23.25 8.77 -55.35
N ILE A 533 22.65 7.58 -55.23
CA ILE A 533 23.25 6.42 -54.50
C ILE A 533 24.47 5.92 -55.25
N GLN A 534 24.42 5.81 -56.58
CA GLN A 534 25.51 5.20 -57.40
C GLN A 534 26.62 6.24 -57.66
N ASN A 535 26.33 7.53 -57.50
CA ASN A 535 27.30 8.64 -57.72
C ASN A 535 27.00 9.78 -56.74
N ALA A 536 27.68 9.78 -55.59
CA ALA A 536 27.42 10.70 -54.45
C ALA A 536 27.71 12.14 -54.85
N SER A 537 28.62 12.36 -55.82
CA SER A 537 29.03 13.71 -56.28
C SER A 537 27.87 14.45 -56.97
N LEU A 538 26.78 13.74 -57.29
CA LEU A 538 25.51 14.31 -57.80
C LEU A 538 24.82 15.15 -56.72
N ILE A 539 25.15 14.91 -55.44
CA ILE A 539 24.51 15.62 -54.30
C ILE A 539 25.21 16.98 -54.12
N SER A 540 24.42 18.06 -54.06
CA SER A 540 24.96 19.43 -53.88
C SER A 540 25.42 19.60 -52.43
N ALA A 541 26.41 20.47 -52.22
CA ALA A 541 27.06 20.76 -50.92
C ALA A 541 26.03 21.26 -49.89
N ASP A 542 24.90 21.81 -50.33
CA ASP A 542 23.88 22.44 -49.44
C ASP A 542 22.71 21.47 -49.14
N ALA A 543 22.80 20.21 -49.56
CA ALA A 543 21.78 19.16 -49.28
C ALA A 543 21.76 18.84 -47.78
N SER A 544 20.69 19.23 -47.10
CA SER A 544 20.66 19.28 -45.62
C SER A 544 19.23 19.11 -45.08
N ILE A 545 19.15 18.65 -43.83
CA ILE A 545 17.92 18.60 -43.00
C ILE A 545 18.19 19.45 -41.75
N ASN A 546 17.27 20.35 -41.43
CA ASN A 546 17.34 21.25 -40.25
C ASN A 546 16.02 21.10 -39.51
N ILE A 547 16.08 20.64 -38.25
CA ILE A 547 14.91 20.55 -37.35
C ILE A 547 15.19 21.45 -36.15
N THR A 548 14.28 22.37 -35.86
CA THR A 548 14.39 23.31 -34.72
C THR A 548 13.12 23.18 -33.89
N PHE A 549 13.27 23.15 -32.57
CA PHE A 549 12.17 23.23 -31.57
C PHE A 549 12.19 24.65 -31.02
N LEU A 550 11.06 25.37 -31.13
CA LEU A 550 11.00 26.85 -30.89
C LEU A 550 10.14 27.13 -29.66
N PRO A 551 10.52 28.16 -28.87
CA PRO A 551 9.77 28.51 -27.67
C PRO A 551 8.33 28.96 -28.00
N SER A 552 7.41 28.65 -27.10
CA SER A 552 5.99 29.10 -27.16
C SER A 552 5.92 30.62 -27.02
N THR A 553 5.04 31.25 -27.78
CA THR A 553 4.68 32.69 -27.67
C THR A 553 3.65 32.85 -26.53
N LYS A 554 2.77 31.87 -26.38
CA LYS A 554 1.61 31.86 -25.44
C LYS A 554 2.10 31.70 -24.00
N CYS A 555 3.04 30.78 -23.74
CA CYS A 555 3.48 30.44 -22.34
C CYS A 555 4.88 31.00 -22.05
N SER A 556 5.17 32.23 -22.49
CA SER A 556 6.53 32.80 -22.37
C SER A 556 6.87 33.11 -20.91
N SER A 557 8.15 33.00 -20.55
CA SER A 557 8.64 33.43 -19.21
C SER A 557 9.01 34.92 -19.27
N SER A 563 13.87 35.99 -25.33
CA SER A 563 14.90 35.31 -26.15
C SER A 563 14.25 34.32 -27.11
N ASP A 564 14.68 34.35 -28.38
CA ASP A 564 14.00 33.69 -29.52
C ASP A 564 14.74 32.40 -29.91
N SER A 565 15.84 32.09 -29.24
CA SER A 565 16.70 30.89 -29.51
C SER A 565 15.86 29.61 -29.49
N PRO A 566 16.09 28.69 -30.45
CA PRO A 566 15.54 27.33 -30.36
C PRO A 566 16.00 26.61 -29.07
N ALA A 567 15.14 25.74 -28.54
CA ALA A 567 15.41 24.89 -27.36
C ALA A 567 16.31 23.72 -27.78
N ALA A 568 16.19 23.27 -29.02
CA ALA A 568 16.93 22.10 -29.56
C ALA A 568 16.96 22.20 -31.08
N THR A 569 18.07 21.73 -31.67
CA THR A 569 18.28 21.72 -33.14
C THR A 569 18.85 20.37 -33.53
N LEU A 570 18.53 19.95 -34.75
CA LEU A 570 19.19 18.82 -35.42
C LEU A 570 19.52 19.28 -36.85
N THR A 571 20.77 19.15 -37.24
CA THR A 571 21.31 19.52 -38.57
C THR A 571 22.03 18.32 -39.15
N TYR A 572 21.69 17.93 -40.38
CA TYR A 572 22.38 16.83 -41.10
C TYR A 572 22.77 17.34 -42.48
N PHE A 573 23.99 17.04 -42.90
CA PHE A 573 24.53 17.37 -44.25
C PHE A 573 24.77 16.06 -45.02
N TYR A 574 24.20 15.94 -46.22
CA TYR A 574 24.39 14.77 -47.11
C TYR A 574 25.79 14.80 -47.74
N ALA A 575 26.34 15.98 -48.02
CA ALA A 575 27.62 16.14 -48.75
C ALA A 575 28.37 17.35 -48.17
N GLY A 576 29.19 18.02 -48.99
CA GLY A 576 29.93 19.23 -48.57
C GLY A 576 31.11 18.88 -47.70
N LEU A 577 31.57 19.82 -46.88
CA LEU A 577 32.86 19.71 -46.14
C LEU A 577 32.69 18.80 -44.92
N THR A 578 31.49 18.72 -44.37
CA THR A 578 31.15 17.82 -43.22
C THR A 578 30.11 16.79 -43.67
N ASN A 579 30.42 16.03 -44.72
CA ASN A 579 29.50 15.05 -45.34
C ASN A 579 29.17 13.94 -44.32
N GLY A 580 27.87 13.71 -44.08
CA GLY A 580 27.35 12.67 -43.18
C GLY A 580 27.27 13.11 -41.73
N ALA A 581 27.70 14.32 -41.40
CA ALA A 581 27.73 14.84 -40.01
C ALA A 581 26.32 15.21 -39.58
N LEU A 582 25.87 14.63 -38.47
CA LEU A 582 24.61 14.96 -37.78
C LEU A 582 24.98 15.72 -36.51
N ALA A 583 24.46 16.94 -36.35
CA ALA A 583 24.64 17.79 -35.16
C ALA A 583 23.33 17.86 -34.39
N LEU A 584 23.39 17.56 -33.10
CA LEU A 584 22.27 17.72 -32.14
C LEU A 584 22.70 18.75 -31.09
N THR A 585 21.92 19.84 -30.92
CA THR A 585 22.29 20.96 -30.03
C THR A 585 21.12 21.35 -29.12
N ARG A 586 21.47 21.76 -27.89
CA ARG A 586 20.57 22.46 -26.93
C ARG A 586 21.20 23.82 -26.67
N PRO A 587 20.90 24.85 -27.49
CA PRO A 587 21.65 26.11 -27.44
C PRO A 587 21.69 26.74 -26.05
N ALA A 588 22.85 27.25 -25.66
CA ALA A 588 23.09 27.88 -24.35
C ALA A 588 22.12 29.07 -24.18
N ALA A 589 21.91 29.86 -25.24
CA ALA A 589 21.03 31.06 -25.26
C ALA A 589 19.59 30.74 -24.84
N SER A 590 19.12 29.50 -24.99
CA SER A 590 17.72 29.07 -24.71
C SER A 590 17.48 28.87 -23.22
N SER A 591 18.54 28.65 -22.45
CA SER A 591 18.47 28.19 -21.04
C SER A 591 19.50 28.93 -20.19
N SER A 592 19.01 29.72 -19.25
CA SER A 592 19.83 30.42 -18.23
C SER A 592 20.57 29.37 -17.38
N TRP A 593 19.86 28.38 -16.83
CA TRP A 593 20.47 27.30 -16.02
C TRP A 593 21.53 26.54 -16.85
N GLY A 594 21.17 26.14 -18.08
CA GLY A 594 22.05 25.37 -18.98
C GLY A 594 23.37 26.11 -19.27
N ALA A 595 23.29 27.41 -19.55
CA ALA A 595 24.44 28.24 -19.96
C ALA A 595 25.45 28.30 -18.79
N GLU A 596 24.95 28.41 -17.57
CA GLU A 596 25.78 28.61 -16.35
C GLU A 596 26.41 27.26 -15.92
N ASN A 597 25.72 26.12 -16.08
CA ASN A 597 26.25 24.82 -15.59
C ASN A 597 27.49 24.46 -16.39
N PRO A 598 28.69 24.37 -15.77
CA PRO A 598 29.91 24.12 -16.51
C PRO A 598 30.07 22.72 -17.18
N PHE A 599 29.14 21.78 -16.94
CA PHE A 599 29.20 20.40 -17.52
C PHE A 599 28.08 20.17 -18.55
N PHE A 600 27.10 21.06 -18.65
CA PHE A 600 25.89 20.90 -19.50
C PHE A 600 26.24 21.29 -20.95
N THR A 601 26.90 20.36 -21.65
CA THR A 601 27.42 20.52 -23.02
C THR A 601 26.26 20.87 -23.97
N ASP A 602 26.49 21.80 -24.88
CA ASP A 602 25.45 22.36 -25.80
C ASP A 602 25.33 21.51 -27.08
N LYS A 603 26.41 20.83 -27.52
CA LYS A 603 26.49 20.30 -28.91
C LYS A 603 27.11 18.89 -28.94
N PHE A 604 26.49 18.02 -29.72
CA PHE A 604 26.80 16.58 -29.89
C PHE A 604 26.76 16.26 -31.37
N SER A 605 27.54 15.28 -31.82
CA SER A 605 27.50 14.87 -33.24
C SER A 605 27.80 13.38 -33.39
N TYR A 606 27.29 12.82 -34.48
CA TYR A 606 27.64 11.50 -35.02
C TYR A 606 27.81 11.69 -36.53
N THR A 607 28.75 10.98 -37.14
CA THR A 607 28.94 11.02 -38.60
C THR A 607 28.53 9.67 -39.19
N LEU A 608 27.58 9.71 -40.12
CA LEU A 608 27.12 8.52 -40.89
C LEU A 608 28.08 8.26 -42.04
N VAL A 609 28.22 7.00 -42.44
CA VAL A 609 28.82 6.62 -43.74
C VAL A 609 27.69 6.62 -44.78
N ASP A 610 26.65 5.81 -44.55
CA ASP A 610 25.43 5.76 -45.39
C ASP A 610 24.69 7.09 -45.27
N PRO A 611 23.97 7.55 -46.32
CA PRO A 611 23.08 8.71 -46.18
C PRO A 611 22.01 8.45 -45.12
N LEU A 612 21.50 9.52 -44.50
CA LEU A 612 20.33 9.46 -43.60
C LEU A 612 19.09 9.13 -44.43
N THR A 613 18.44 8.00 -44.14
CA THR A 613 17.19 7.55 -44.83
C THR A 613 16.00 7.67 -43.88
N SER A 614 16.21 7.55 -42.57
CA SER A 614 15.13 7.62 -41.56
C SER A 614 15.60 8.31 -40.28
N LEU A 615 14.69 9.06 -39.70
CA LEU A 615 14.87 9.82 -38.46
C LEU A 615 13.55 9.77 -37.68
N VAL A 616 13.57 9.18 -36.49
CA VAL A 616 12.43 9.17 -35.54
C VAL A 616 12.86 9.99 -34.32
N GLY A 617 11.93 10.78 -33.80
CA GLY A 617 12.16 11.66 -32.66
C GLY A 617 10.98 11.66 -31.73
N VAL A 618 11.26 11.81 -30.44
CA VAL A 618 10.23 12.09 -29.39
C VAL A 618 10.74 13.27 -28.57
N PHE A 619 9.93 14.32 -28.51
CA PHE A 619 10.11 15.48 -27.61
C PHE A 619 9.08 15.33 -26.50
N ASP A 620 9.50 15.46 -25.23
CA ASP A 620 8.59 15.31 -24.07
C ASP A 620 8.95 16.33 -22.99
N ARG A 621 8.56 17.58 -23.21
CA ARG A 621 8.67 18.73 -22.27
C ARG A 621 10.14 19.12 -22.00
N SER A 622 10.95 18.21 -21.47
CA SER A 622 12.35 18.49 -21.06
C SER A 622 13.33 17.45 -21.65
N MET A 623 12.90 16.69 -22.66
CA MET A 623 13.68 15.54 -23.18
C MET A 623 13.47 15.42 -24.69
N LEU A 624 14.56 15.16 -25.41
CA LEU A 624 14.53 14.80 -26.85
C LEU A 624 15.31 13.51 -27.01
N GLU A 625 14.70 12.51 -27.64
CA GLU A 625 15.35 11.26 -28.09
C GLU A 625 15.27 11.20 -29.62
N VAL A 626 16.37 10.91 -30.29
CA VAL A 626 16.39 10.75 -31.78
C VAL A 626 16.97 9.39 -32.11
N PHE A 627 16.42 8.78 -33.15
CA PHE A 627 16.80 7.45 -33.69
C PHE A 627 17.02 7.61 -35.19
N VAL A 628 18.19 7.19 -35.67
CA VAL A 628 18.64 7.42 -37.07
C VAL A 628 18.82 6.06 -37.76
N ASN A 629 18.29 5.92 -38.98
CA ASN A 629 18.49 4.76 -39.89
C ASN A 629 18.02 3.48 -39.20
N GLU A 630 16.73 3.43 -38.84
CA GLU A 630 16.08 2.28 -38.16
C GLU A 630 16.83 1.98 -36.86
N GLY A 631 17.16 3.01 -36.10
CA GLY A 631 17.74 2.92 -34.76
C GLY A 631 19.20 2.47 -34.76
N ALA A 632 19.89 2.50 -35.91
CA ALA A 632 21.33 2.22 -36.00
C ALA A 632 22.08 3.17 -35.06
N HIS A 633 21.66 4.44 -34.98
CA HIS A 633 22.29 5.45 -34.10
C HIS A 633 21.20 6.13 -33.28
N SER A 634 21.52 6.49 -32.05
CA SER A 634 20.54 6.93 -31.03
C SER A 634 21.21 7.96 -30.11
N ALA A 635 20.45 8.97 -29.71
CA ALA A 635 20.90 9.97 -28.72
C ALA A 635 19.72 10.37 -27.85
N THR A 636 20.00 10.54 -26.57
CA THR A 636 19.06 11.04 -25.53
C THR A 636 19.64 12.36 -25.00
N MET A 637 18.84 13.43 -25.03
CA MET A 637 19.31 14.78 -24.64
C MET A 637 18.25 15.48 -23.77
N LEU A 638 18.63 15.93 -22.58
CA LEU A 638 17.78 16.78 -21.70
C LEU A 638 17.82 18.21 -22.22
N VAL A 639 16.70 18.93 -22.08
CA VAL A 639 16.64 20.40 -22.38
C VAL A 639 15.84 21.08 -21.28
N PHE A 640 16.32 22.23 -20.81
CA PHE A 640 15.66 23.05 -19.76
C PHE A 640 15.51 24.46 -20.28
N PRO A 641 14.72 24.67 -21.35
CA PRO A 641 14.53 26.00 -21.92
C PRO A 641 13.80 26.91 -20.95
N ASP A 642 14.16 28.19 -20.92
CA ASP A 642 13.48 29.22 -20.07
C ASP A 642 11.99 29.21 -20.40
N SER A 643 11.64 29.10 -21.68
CA SER A 643 10.23 29.05 -22.18
C SER A 643 9.93 27.65 -22.71
N PRO A 644 8.75 27.07 -22.43
CA PRO A 644 8.38 25.79 -23.02
C PRO A 644 8.39 25.84 -24.55
N VAL A 645 8.66 24.70 -25.18
CA VAL A 645 8.63 24.53 -26.66
C VAL A 645 7.16 24.57 -27.13
N GLY A 646 6.87 25.37 -28.15
CA GLY A 646 5.51 25.58 -28.69
C GLY A 646 5.36 25.04 -30.11
N SER A 647 6.47 24.88 -30.85
CA SER A 647 6.44 24.47 -32.27
C SER A 647 7.77 23.83 -32.68
N MET A 648 7.77 23.14 -33.82
CA MET A 648 9.00 22.67 -34.49
C MET A 648 8.95 23.04 -35.96
N LYS A 649 10.11 23.36 -36.54
CA LYS A 649 10.30 23.58 -37.99
C LYS A 649 11.13 22.43 -38.54
N VAL A 650 10.67 21.81 -39.63
CA VAL A 650 11.43 20.78 -40.40
C VAL A 650 11.68 21.36 -41.78
N ALA A 651 12.93 21.65 -42.10
CA ALA A 651 13.39 22.15 -43.43
C ALA A 651 14.30 21.11 -44.06
N THR A 652 13.99 20.73 -45.31
CA THR A 652 14.94 20.04 -46.22
C THR A 652 15.32 21.05 -47.30
N GLY A 653 16.51 20.91 -47.88
CA GLY A 653 17.06 21.83 -48.87
C GLY A 653 18.13 21.15 -49.69
N GLY A 654 18.27 21.59 -50.95
CA GLY A 654 19.38 21.20 -51.85
C GLY A 654 19.37 19.73 -52.20
N LEU A 655 18.25 19.04 -52.04
CA LEU A 655 18.16 17.56 -52.25
C LEU A 655 18.17 17.25 -53.75
N PRO A 656 18.80 16.14 -54.19
CA PRO A 656 18.83 15.81 -55.62
C PRO A 656 17.42 15.67 -56.19
N GLU A 657 17.26 15.97 -57.48
CA GLU A 657 16.00 15.77 -58.25
C GLU A 657 15.54 14.32 -58.06
N GLY A 658 14.27 14.12 -57.71
CA GLY A 658 13.66 12.78 -57.56
C GLY A 658 13.75 12.25 -56.14
N THR A 659 14.33 13.04 -55.21
CA THR A 659 14.39 12.66 -53.77
C THR A 659 12.98 12.66 -53.21
N GLN A 660 12.57 11.60 -52.54
CA GLN A 660 11.24 11.51 -51.86
C GLN A 660 11.43 11.84 -50.36
N VAL A 661 10.57 12.70 -49.84
CA VAL A 661 10.52 13.08 -48.41
C VAL A 661 9.14 12.74 -47.88
N ASN A 662 9.08 12.06 -46.73
CA ASN A 662 7.82 11.83 -45.99
C ASN A 662 8.03 12.30 -44.55
N LEU A 663 7.22 13.26 -44.11
CA LEU A 663 7.22 13.80 -42.73
C LEU A 663 5.87 13.50 -42.08
N GLN A 664 5.87 12.86 -40.92
CA GLN A 664 4.67 12.65 -40.08
C GLN A 664 4.96 13.23 -38.69
N VAL A 665 4.06 14.03 -38.15
CA VAL A 665 4.15 14.57 -36.77
C VAL A 665 2.82 14.30 -36.07
N ASN A 666 2.89 13.70 -34.88
CA ASN A 666 1.73 13.35 -34.03
C ASN A 666 1.96 13.90 -32.62
N GLY A 667 0.94 14.52 -32.04
CA GLY A 667 0.87 14.80 -30.60
C GLY A 667 0.84 13.49 -29.83
N LEU A 668 1.41 13.48 -28.62
CA LEU A 668 1.37 12.29 -27.73
C LEU A 668 0.34 12.55 -26.62
N GLU A 669 -0.30 11.49 -26.14
CA GLU A 669 -1.25 11.56 -25.01
C GLU A 669 -0.49 11.35 -23.70
N SER A 670 -0.70 12.25 -22.72
CA SER A 670 -0.13 12.12 -21.37
C SER A 670 -0.57 10.78 -20.76
N THR A 671 0.34 10.08 -20.09
CA THR A 671 0.09 8.77 -19.42
C THR A 671 -0.26 9.01 -17.94
N TRP A 672 -0.16 10.24 -17.44
CA TRP A 672 -0.40 10.58 -16.01
C TRP A 672 -1.82 11.16 -15.83
N GLN A 673 -2.70 10.38 -15.19
CA GLN A 673 -4.14 10.70 -15.01
C GLN A 673 -4.36 11.31 -13.62
N SER B 142 47.39 50.36 -31.59
CA SER B 142 47.05 49.92 -30.20
C SER B 142 46.35 48.54 -30.22
N CYS B 143 45.50 48.26 -31.20
CA CYS B 143 44.77 46.95 -31.32
C CYS B 143 45.22 46.18 -32.57
N ALA B 144 45.46 44.88 -32.42
CA ALA B 144 45.74 43.93 -33.53
C ALA B 144 44.61 44.03 -34.56
N PRO B 145 44.92 44.03 -35.88
CA PRO B 145 43.88 44.11 -36.90
C PRO B 145 43.02 42.84 -37.02
N THR B 146 41.71 43.03 -37.12
CA THR B 146 40.70 41.93 -37.26
C THR B 146 40.61 41.51 -38.74
N SER B 147 41.03 42.39 -39.65
CA SER B 147 41.11 42.15 -41.12
C SER B 147 42.42 42.74 -41.66
N LEU B 148 43.04 42.06 -42.63
CA LEU B 148 44.32 42.46 -43.25
C LEU B 148 44.07 43.00 -44.66
N PRO B 149 45.02 43.78 -45.24
CA PRO B 149 44.96 44.18 -46.64
C PRO B 149 44.93 42.99 -47.62
N ALA B 150 44.27 43.17 -48.78
CA ALA B 150 44.05 42.12 -49.81
C ALA B 150 45.40 41.53 -50.27
N SER B 151 46.48 42.30 -50.30
CA SER B 151 47.84 41.84 -50.68
C SER B 151 48.32 40.76 -49.69
N ALA B 152 47.89 40.82 -48.43
CA ALA B 152 48.25 39.86 -47.36
C ALA B 152 47.42 38.57 -47.46
N THR B 153 46.15 38.65 -47.89
CA THR B 153 45.19 37.50 -47.90
C THR B 153 45.05 36.89 -49.30
N GLU B 154 45.17 37.66 -50.39
CA GLU B 154 45.01 37.14 -51.78
C GLU B 154 46.01 36.01 -52.02
N LEU B 155 45.52 34.87 -52.52
CA LEU B 155 46.36 33.68 -52.80
C LEU B 155 46.69 33.69 -54.28
N PRO B 156 47.89 33.19 -54.66
CA PRO B 156 48.26 33.11 -56.08
C PRO B 156 47.43 32.03 -56.78
N THR B 157 47.27 32.14 -58.11
CA THR B 157 46.54 31.16 -58.96
C THR B 157 47.50 30.04 -59.39
N THR B 158 48.81 30.28 -59.28
CA THR B 158 49.87 29.27 -59.57
C THR B 158 50.75 29.09 -58.33
N VAL B 159 51.22 27.86 -58.09
CA VAL B 159 52.04 27.52 -56.90
C VAL B 159 53.44 28.07 -57.13
N PRO B 160 53.99 28.88 -56.21
CA PRO B 160 55.39 29.33 -56.31
C PRO B 160 56.39 28.21 -55.95
N THR B 161 57.43 28.04 -56.77
CA THR B 161 58.53 27.06 -56.57
C THR B 161 59.79 27.84 -56.14
N GLY B 162 60.56 27.30 -55.20
CA GLY B 162 61.88 27.81 -54.76
C GLY B 162 61.84 29.25 -54.24
N THR B 163 60.67 29.74 -53.82
CA THR B 163 60.52 31.08 -53.19
C THR B 163 59.72 30.90 -51.88
N VAL B 164 60.09 31.67 -50.85
CA VAL B 164 59.35 31.67 -49.55
C VAL B 164 58.09 32.49 -49.76
N ILE B 165 56.94 31.98 -49.31
CA ILE B 165 55.66 32.72 -49.29
C ILE B 165 55.69 33.68 -48.08
N THR B 166 55.47 34.97 -48.32
CA THR B 166 55.48 36.00 -47.26
C THR B 166 54.15 35.90 -46.54
N GLY B 167 54.18 35.99 -45.20
CA GLY B 167 52.98 36.03 -44.35
C GLY B 167 52.97 37.29 -43.50
N ASP B 168 51.78 37.82 -43.27
CA ASP B 168 51.48 38.86 -42.26
C ASP B 168 50.95 38.12 -41.02
N TYR B 169 51.69 38.18 -39.91
CA TYR B 169 51.43 37.41 -38.67
C TYR B 169 50.83 38.32 -37.57
N THR B 170 50.08 39.36 -37.93
CA THR B 170 49.62 40.42 -36.98
C THR B 170 48.14 40.25 -36.62
N GLY B 171 47.39 39.40 -37.33
CA GLY B 171 45.95 39.18 -37.09
C GLY B 171 45.62 38.93 -35.62
N SER B 172 44.43 39.35 -35.19
CA SER B 172 43.97 39.27 -33.78
C SER B 172 43.81 37.80 -33.31
N TYR B 173 43.69 36.85 -34.25
CA TYR B 173 43.52 35.39 -33.96
C TYR B 173 44.81 34.63 -34.30
N ARG B 174 45.83 35.32 -34.81
CA ARG B 174 47.10 34.70 -35.23
C ARG B 174 47.94 34.37 -34.00
N PRO B 175 48.21 33.08 -33.70
CA PRO B 175 49.05 32.72 -32.56
C PRO B 175 50.50 33.19 -32.74
N GLN B 176 51.14 33.58 -31.64
CA GLN B 176 52.49 34.22 -31.66
C GLN B 176 53.56 33.22 -31.22
N VAL B 177 53.20 32.08 -30.60
CA VAL B 177 54.21 31.07 -30.17
C VAL B 177 53.87 29.70 -30.77
N HIS B 178 52.81 29.60 -31.58
CA HIS B 178 52.42 28.37 -32.31
C HIS B 178 52.75 28.54 -33.79
N TYR B 179 53.19 27.48 -34.46
CA TYR B 179 53.41 27.55 -35.94
C TYR B 179 52.05 27.64 -36.64
N SER B 180 51.96 28.56 -37.60
CA SER B 180 50.86 28.64 -38.60
C SER B 180 51.44 29.10 -39.93
N PRO B 181 50.82 28.76 -41.09
CA PRO B 181 51.43 29.02 -42.38
C PRO B 181 51.28 30.49 -42.75
N PRO B 182 52.21 31.03 -43.57
CA PRO B 182 52.23 32.46 -43.89
C PRO B 182 50.88 32.87 -44.50
N LYS B 183 50.39 32.09 -45.46
CA LYS B 183 48.98 32.17 -45.93
C LYS B 183 48.53 30.82 -46.46
N GLY B 184 47.22 30.65 -46.63
CA GLY B 184 46.63 29.40 -47.10
C GLY B 184 46.16 28.50 -45.95
N PHE B 185 45.87 27.25 -46.29
CA PHE B 185 45.28 26.23 -45.39
C PHE B 185 46.34 25.18 -45.08
N MET B 186 46.52 24.87 -43.80
CA MET B 186 47.46 23.83 -43.30
C MET B 186 46.67 22.77 -42.54
N ASN B 187 47.01 21.50 -42.67
CA ASN B 187 46.54 20.47 -41.72
C ASN B 187 47.77 19.69 -41.21
N ALA B 188 47.72 18.36 -41.24
CA ALA B 188 48.58 17.45 -40.46
C ALA B 188 50.07 17.82 -40.59
N PRO B 189 50.87 17.73 -39.50
CA PRO B 189 52.33 17.76 -39.61
C PRO B 189 52.87 16.51 -40.33
N ASN B 190 53.95 16.69 -41.11
CA ASN B 190 54.60 15.65 -41.94
C ASN B 190 56.12 15.73 -41.80
N GLY B 191 56.81 14.60 -41.98
CA GLY B 191 58.26 14.54 -42.19
C GLY B 191 59.07 15.15 -41.05
N CYS B 192 58.49 15.21 -39.85
CA CYS B 192 59.11 15.82 -38.66
C CYS B 192 60.40 15.09 -38.29
N HIS B 193 61.52 15.80 -38.29
CA HIS B 193 62.85 15.22 -37.94
C HIS B 193 63.81 16.34 -37.53
N ARG B 194 64.85 15.97 -36.79
CA ARG B 194 65.97 16.87 -36.36
C ARG B 194 67.22 16.51 -37.18
N ASP B 195 67.88 17.48 -37.80
CA ASP B 195 69.22 17.34 -38.45
C ASP B 195 70.30 17.00 -37.41
N ARG B 196 71.47 16.50 -37.80
CA ARG B 196 72.60 16.33 -36.85
C ARG B 196 73.11 17.71 -36.37
N ASN B 197 72.94 18.76 -37.18
CA ASN B 197 73.25 20.17 -36.85
C ASN B 197 72.22 20.76 -35.84
N GLY B 198 71.18 19.99 -35.48
CA GLY B 198 70.22 20.31 -34.42
C GLY B 198 69.04 21.16 -34.89
N THR B 199 68.92 21.40 -36.20
CA THR B 199 67.76 22.10 -36.78
C THR B 199 66.57 21.14 -36.86
N TYR B 200 65.44 21.56 -36.28
CA TYR B 200 64.14 20.83 -36.35
C TYR B 200 63.46 21.20 -37.67
N HIS B 201 63.10 20.17 -38.44
CA HIS B 201 62.34 20.30 -39.71
C HIS B 201 60.88 19.94 -39.47
N LEU B 202 59.99 20.90 -39.72
CA LEU B 202 58.53 20.69 -39.72
C LEU B 202 58.05 20.79 -41.16
N TYR B 203 57.45 19.73 -41.70
CA TYR B 203 56.65 19.82 -42.95
C TYR B 203 55.19 19.68 -42.57
N TYR B 204 54.29 20.04 -43.49
CA TYR B 204 52.86 20.02 -43.21
C TYR B 204 52.07 19.95 -44.52
N GLN B 205 50.91 19.31 -44.44
CA GLN B 205 49.87 19.30 -45.49
C GLN B 205 49.47 20.75 -45.73
N TYR B 206 49.64 21.22 -46.97
CA TYR B 206 49.50 22.64 -47.33
C TYR B 206 48.66 22.77 -48.62
N ASN B 207 47.61 23.58 -48.57
CA ASN B 207 46.90 24.11 -49.76
C ASN B 207 47.33 25.55 -49.99
N PRO B 208 48.23 25.82 -50.96
CA PRO B 208 48.70 27.18 -51.24
C PRO B 208 47.70 28.04 -52.05
N LEU B 209 46.61 27.45 -52.56
CA LEU B 209 45.68 28.14 -53.50
C LEU B 209 44.37 28.53 -52.83
N GLU B 210 44.04 27.96 -51.67
CA GLU B 210 42.72 28.20 -51.01
C GLU B 210 42.83 28.10 -49.49
N TYR B 211 41.78 28.55 -48.83
CA TYR B 211 41.61 28.55 -47.34
C TYR B 211 40.78 27.35 -46.89
N VAL B 212 40.74 26.29 -47.69
CA VAL B 212 40.09 24.98 -47.36
C VAL B 212 41.05 23.89 -47.80
N ALA B 213 40.79 22.62 -47.44
CA ALA B 213 41.68 21.48 -47.79
C ALA B 213 41.68 21.26 -49.31
N GLY B 214 42.78 20.76 -49.84
CA GLY B 214 42.92 20.40 -51.26
C GLY B 214 44.31 20.72 -51.79
N ASN B 215 44.61 20.30 -53.03
CA ASN B 215 45.86 20.68 -53.76
C ASN B 215 47.07 20.42 -52.86
N GLN B 216 47.09 19.30 -52.14
CA GLN B 216 48.03 19.10 -51.01
C GLN B 216 49.47 19.09 -51.53
N HIS B 217 50.29 19.99 -50.98
CA HIS B 217 51.78 19.97 -51.02
C HIS B 217 52.32 19.80 -49.59
N TRP B 218 53.62 19.54 -49.45
CA TRP B 218 54.36 19.64 -48.16
C TRP B 218 54.94 21.05 -48.02
N GLY B 219 54.35 21.89 -47.19
CA GLY B 219 54.98 23.12 -46.67
C GLY B 219 56.15 22.75 -45.80
N HIS B 220 57.04 23.71 -45.51
CA HIS B 220 58.29 23.48 -44.74
C HIS B 220 58.58 24.68 -43.84
N ALA B 221 58.97 24.42 -42.59
CA ALA B 221 59.50 25.46 -41.69
C ALA B 221 60.58 24.85 -40.80
N THR B 222 61.53 25.66 -40.36
CA THR B 222 62.70 25.19 -39.57
C THR B 222 62.80 25.99 -38.27
N SER B 223 63.43 25.39 -37.28
CA SER B 223 63.57 25.95 -35.92
C SER B 223 64.70 25.24 -35.20
N ASP B 224 65.44 25.95 -34.36
CA ASP B 224 66.44 25.34 -33.44
C ASP B 224 65.75 25.00 -32.12
N ASP B 225 64.61 25.63 -31.80
CA ASP B 225 64.02 25.56 -30.43
C ASP B 225 62.52 25.18 -30.43
N LEU B 226 61.94 24.98 -31.62
CA LEU B 226 60.52 24.58 -31.84
C LEU B 226 59.55 25.71 -31.47
N TYR B 227 60.05 26.94 -31.35
CA TYR B 227 59.20 28.14 -31.11
C TYR B 227 59.51 29.22 -32.14
N HIS B 228 60.79 29.46 -32.45
CA HIS B 228 61.20 30.49 -33.45
C HIS B 228 61.28 29.81 -34.82
N TRP B 229 60.23 29.95 -35.62
CA TRP B 229 60.07 29.24 -36.92
C TRP B 229 60.53 30.14 -38.06
N THR B 230 61.30 29.59 -39.00
CA THR B 230 61.61 30.23 -40.31
C THR B 230 60.87 29.49 -41.43
N ASN B 231 60.00 30.20 -42.13
CA ASN B 231 59.27 29.71 -43.32
C ASN B 231 60.28 29.44 -44.45
N GLN B 232 60.08 28.31 -45.13
CA GLN B 232 60.96 27.79 -46.21
C GLN B 232 60.11 27.61 -47.46
N PRO B 233 60.73 27.48 -48.66
CA PRO B 233 59.96 27.18 -49.87
C PRO B 233 59.23 25.84 -49.73
N ILE B 234 58.15 25.65 -50.49
CA ILE B 234 57.41 24.35 -50.55
C ILE B 234 58.42 23.24 -50.87
N ALA B 235 58.34 22.10 -50.17
CA ALA B 235 59.36 21.03 -50.22
C ALA B 235 58.96 19.91 -51.19
N ILE B 236 57.68 19.53 -51.25
CA ILE B 236 57.21 18.38 -52.10
C ILE B 236 55.95 18.80 -52.85
N PHE B 237 55.96 18.59 -54.17
CA PHE B 237 54.90 19.04 -55.12
C PHE B 237 54.23 17.81 -55.71
N PRO B 238 52.93 17.90 -56.10
CA PRO B 238 52.29 16.83 -56.84
C PRO B 238 52.86 16.81 -58.26
N PRO B 239 52.97 15.63 -58.92
CA PRO B 239 53.39 15.57 -60.32
C PRO B 239 52.59 16.49 -61.26
N ASN B 240 51.28 16.66 -61.01
CA ASN B 240 50.37 17.46 -61.87
C ASN B 240 49.24 18.07 -61.04
N SER B 241 48.27 18.71 -61.71
CA SER B 241 47.13 19.44 -61.10
C SER B 241 46.07 18.51 -60.51
N THR B 242 46.08 17.22 -60.85
CA THR B 242 44.99 16.26 -60.52
C THR B 242 45.48 15.20 -59.51
N SER B 243 46.67 15.40 -58.94
CA SER B 243 47.26 14.51 -57.90
C SER B 243 47.60 15.35 -56.65
N GLN B 244 47.71 14.72 -55.48
CA GLN B 244 47.98 15.43 -54.20
C GLN B 244 49.02 14.65 -53.38
N VAL B 245 49.89 15.38 -52.69
CA VAL B 245 50.89 14.82 -51.74
C VAL B 245 50.25 14.78 -50.35
N PHE B 246 49.84 13.59 -49.93
CA PHE B 246 49.21 13.30 -48.63
C PHE B 246 50.32 13.09 -47.59
N SER B 247 49.96 12.67 -46.40
CA SER B 247 50.88 12.68 -45.23
C SER B 247 52.01 11.68 -45.44
N GLY B 248 53.05 11.81 -44.63
CA GLY B 248 54.17 10.87 -44.59
C GLY B 248 55.21 11.31 -43.59
N SER B 249 56.33 10.60 -43.58
CA SER B 249 57.44 10.82 -42.63
C SER B 249 58.74 11.07 -43.42
N ALA B 250 59.79 11.45 -42.71
CA ALA B 250 61.12 11.69 -43.27
C ALA B 250 62.13 11.13 -42.27
N VAL B 251 63.17 10.48 -42.78
CA VAL B 251 64.25 9.90 -41.92
C VAL B 251 65.61 10.36 -42.45
N LEU B 252 66.59 10.47 -41.55
CA LEU B 252 68.02 10.58 -41.91
C LEU B 252 68.50 9.19 -42.34
N ASP B 253 69.27 9.14 -43.43
CA ASP B 253 69.89 7.88 -43.95
C ASP B 253 71.40 8.10 -43.96
N PRO B 254 72.05 8.21 -42.78
CA PRO B 254 73.47 8.57 -42.72
C PRO B 254 74.38 7.50 -43.35
N ASN B 255 74.01 6.21 -43.28
CA ASN B 255 74.81 5.07 -43.78
C ASN B 255 74.47 4.76 -45.25
N ASN B 256 73.59 5.55 -45.87
CA ASN B 256 73.25 5.44 -47.32
C ASN B 256 72.74 4.02 -47.61
N THR B 257 71.78 3.53 -46.82
CA THR B 257 71.09 2.25 -47.06
C THR B 257 70.22 2.36 -48.32
N SER B 258 69.80 3.58 -48.68
CA SER B 258 68.90 3.86 -49.83
C SER B 258 69.68 3.86 -51.15
N GLY B 259 70.95 4.27 -51.15
CA GLY B 259 71.80 4.41 -52.35
C GLY B 259 71.62 5.75 -53.03
N PHE B 260 70.85 6.68 -52.43
CA PHE B 260 70.60 8.03 -52.99
C PHE B 260 71.75 8.98 -52.60
N PHE B 261 72.60 8.58 -51.64
CA PHE B 261 73.52 9.50 -50.92
C PHE B 261 74.96 8.97 -50.96
N PRO B 262 75.57 8.84 -52.16
CA PRO B 262 76.98 8.44 -52.23
C PRO B 262 77.94 9.52 -51.68
N ASN B 263 77.54 10.80 -51.70
CA ASN B 263 78.44 11.96 -51.44
C ASN B 263 78.01 12.78 -50.20
N THR B 264 77.07 12.29 -49.38
CA THR B 264 76.62 12.98 -48.14
C THR B 264 76.26 11.95 -47.07
N THR B 265 76.42 12.34 -45.81
CA THR B 265 75.91 11.58 -44.62
C THR B 265 74.73 12.33 -43.99
N ASP B 266 74.25 13.40 -44.62
CA ASP B 266 73.10 14.24 -44.16
C ASP B 266 71.91 14.06 -45.11
N GLY B 267 71.80 12.92 -45.79
CA GLY B 267 70.70 12.65 -46.74
C GLY B 267 69.39 12.47 -45.99
N VAL B 268 68.30 13.07 -46.51
CA VAL B 268 66.92 12.91 -45.98
C VAL B 268 66.10 12.11 -46.99
N VAL B 269 65.36 11.11 -46.52
CA VAL B 269 64.35 10.37 -47.35
C VAL B 269 62.95 10.66 -46.81
N ALA B 270 62.09 11.21 -47.67
CA ALA B 270 60.64 11.35 -47.45
C ALA B 270 59.92 10.13 -48.02
N VAL B 271 59.03 9.54 -47.22
CA VAL B 271 58.10 8.47 -47.65
C VAL B 271 56.68 8.99 -47.39
N TYR B 272 55.87 9.09 -48.42
CA TYR B 272 54.58 9.80 -48.39
C TYR B 272 53.57 9.12 -49.30
N THR B 273 52.30 9.38 -49.03
CA THR B 273 51.17 8.93 -49.87
C THR B 273 50.97 9.93 -51.00
N LEU B 274 50.94 9.45 -52.24
CA LEU B 274 50.41 10.20 -53.40
C LEU B 274 48.94 9.80 -53.60
N ASN B 275 48.06 10.78 -53.60
CA ASN B 275 46.62 10.59 -53.85
C ASN B 275 46.33 10.89 -55.32
N THR B 276 45.78 9.93 -56.03
CA THR B 276 45.10 10.11 -57.35
C THR B 276 43.61 9.90 -57.18
N PRO B 277 42.76 10.31 -58.15
CA PRO B 277 41.32 10.09 -58.06
C PRO B 277 40.92 8.64 -57.72
N THR B 278 41.77 7.66 -58.08
CA THR B 278 41.44 6.21 -58.03
C THR B 278 42.35 5.42 -57.10
N LEU B 279 43.54 5.91 -56.75
CA LEU B 279 44.50 5.16 -55.88
C LEU B 279 45.15 6.07 -54.82
N GLN B 280 45.64 5.43 -53.77
CA GLN B 280 46.57 5.97 -52.76
C GLN B 280 47.75 5.01 -52.73
N VAL B 281 48.94 5.48 -53.09
CA VAL B 281 50.18 4.66 -53.14
C VAL B 281 51.27 5.37 -52.32
N GLN B 282 52.22 4.61 -51.78
CA GLN B 282 53.42 5.12 -51.06
C GLN B 282 54.53 5.41 -52.09
N GLU B 283 55.07 6.64 -52.05
CA GLU B 283 56.17 7.12 -52.92
C GLU B 283 57.36 7.56 -52.05
N VAL B 284 58.53 7.63 -52.68
CA VAL B 284 59.81 8.00 -52.01
C VAL B 284 60.36 9.22 -52.74
N ALA B 285 60.96 10.15 -51.98
CA ALA B 285 61.73 11.28 -52.49
C ALA B 285 62.93 11.49 -51.56
N TYR B 286 64.03 12.00 -52.10
CA TYR B 286 65.30 12.17 -51.34
C TYR B 286 65.79 13.60 -51.52
N SER B 287 66.57 14.05 -50.55
CA SER B 287 67.14 15.42 -50.49
C SER B 287 68.59 15.32 -50.02
N THR B 288 69.50 15.91 -50.81
CA THR B 288 70.96 15.96 -50.49
C THR B 288 71.30 17.33 -49.87
N ASP B 289 70.38 18.30 -49.91
CA ASP B 289 70.61 19.70 -49.48
C ASP B 289 70.04 19.94 -48.07
N GLY B 290 69.74 18.89 -47.32
CA GLY B 290 69.33 18.97 -45.90
C GLY B 290 67.81 19.05 -45.73
N GLY B 291 67.05 18.66 -46.76
CA GLY B 291 65.58 18.50 -46.69
C GLY B 291 64.83 19.73 -47.16
N TYR B 292 65.45 20.56 -48.00
CA TYR B 292 64.81 21.79 -48.53
C TYR B 292 64.24 21.52 -49.93
N ASN B 293 64.96 20.75 -50.75
CA ASN B 293 64.57 20.37 -52.12
C ASN B 293 64.65 18.84 -52.23
N PHE B 294 63.62 18.25 -52.85
CA PHE B 294 63.40 16.78 -52.91
C PHE B 294 63.34 16.34 -54.37
N THR B 295 63.93 15.19 -54.65
CA THR B 295 63.92 14.58 -56.00
C THR B 295 63.12 13.29 -55.93
N PRO B 296 62.08 13.14 -56.79
CA PRO B 296 61.30 11.91 -56.85
C PRO B 296 62.19 10.69 -57.13
N TYR B 297 61.93 9.56 -56.48
CA TYR B 297 62.57 8.25 -56.82
C TYR B 297 62.19 7.88 -58.26
N GLU B 298 63.14 7.25 -58.96
CA GLU B 298 63.03 6.84 -60.39
C GLU B 298 61.87 5.84 -60.57
N ASN B 299 61.75 4.86 -59.68
CA ASN B 299 60.82 3.71 -59.80
C ASN B 299 59.61 3.88 -58.86
N ASN B 300 59.13 5.11 -58.66
CA ASN B 300 57.88 5.36 -57.89
C ASN B 300 56.71 4.78 -58.68
N PRO B 301 55.62 4.31 -58.03
CA PRO B 301 55.54 4.15 -56.57
C PRO B 301 56.23 2.89 -56.03
N VAL B 302 56.47 2.84 -54.72
CA VAL B 302 57.27 1.78 -54.04
C VAL B 302 56.35 0.77 -53.38
N LEU B 303 55.06 1.10 -53.19
CA LEU B 303 54.09 0.22 -52.45
C LEU B 303 52.66 0.61 -52.84
N SER B 304 51.93 -0.35 -53.38
CA SER B 304 50.48 -0.24 -53.70
C SER B 304 49.79 -1.55 -53.31
N VAL B 305 48.54 -1.46 -52.90
CA VAL B 305 47.67 -2.61 -52.50
C VAL B 305 46.39 -2.53 -53.35
N GLY B 306 46.37 -1.66 -54.35
CA GLY B 306 45.24 -1.48 -55.27
C GLY B 306 44.04 -0.82 -54.60
N SER B 307 44.27 0.02 -53.58
CA SER B 307 43.22 0.66 -52.72
C SER B 307 43.30 2.19 -52.87
N ASN B 308 42.20 2.93 -52.67
CA ASN B 308 42.28 4.41 -52.56
C ASN B 308 41.96 4.84 -51.11
N GLN B 309 42.28 3.97 -50.16
CA GLN B 309 42.21 4.22 -48.70
C GLN B 309 43.41 3.51 -48.06
N PHE B 310 44.62 4.02 -48.32
CA PHE B 310 45.91 3.36 -47.96
C PHE B 310 46.98 4.44 -47.84
N ARG B 311 47.27 4.94 -46.63
CA ARG B 311 47.96 6.25 -46.52
C ARG B 311 48.62 6.45 -45.16
N ASP B 312 49.48 7.48 -45.11
CA ASP B 312 50.14 8.06 -43.91
C ASP B 312 51.23 7.13 -43.40
N PRO B 313 52.28 6.84 -44.22
CA PRO B 313 53.36 5.97 -43.79
C PRO B 313 54.28 6.68 -42.77
N LYS B 314 54.58 5.99 -41.69
CA LYS B 314 55.54 6.43 -40.64
C LYS B 314 56.71 5.44 -40.69
N VAL B 315 57.88 5.90 -41.12
CA VAL B 315 59.09 5.04 -41.28
C VAL B 315 60.04 5.32 -40.13
N PHE B 316 60.65 4.28 -39.59
CA PHE B 316 61.72 4.39 -38.56
C PHE B 316 62.66 3.19 -38.64
N TRP B 317 63.85 3.34 -38.07
CA TRP B 317 64.89 2.28 -38.01
C TRP B 317 64.65 1.45 -36.75
N TYR B 318 64.60 0.12 -36.89
CA TYR B 318 64.55 -0.84 -35.75
C TYR B 318 65.70 -1.84 -35.91
N GLU B 319 66.76 -1.66 -35.10
CA GLU B 319 67.94 -2.57 -35.01
C GLU B 319 68.66 -2.67 -36.36
N ASP B 320 68.11 -3.42 -37.33
CA ASP B 320 68.83 -3.82 -38.58
C ASP B 320 67.96 -3.66 -39.83
N HIS B 321 66.82 -2.96 -39.72
CA HIS B 321 65.92 -2.73 -40.90
C HIS B 321 64.99 -1.54 -40.65
N TRP B 322 64.47 -0.99 -41.75
CA TRP B 322 63.40 0.04 -41.74
C TRP B 322 62.04 -0.62 -41.48
N VAL B 323 61.20 0.04 -40.68
CA VAL B 323 59.78 -0.34 -40.42
C VAL B 323 58.89 0.76 -40.99
N MET B 324 57.82 0.38 -41.69
CA MET B 324 56.75 1.31 -42.13
C MET B 324 55.45 0.90 -41.46
N ALA B 325 54.84 1.83 -40.71
CA ALA B 325 53.43 1.74 -40.26
C ALA B 325 52.60 2.58 -41.23
N VAL B 326 51.58 1.97 -41.85
CA VAL B 326 50.70 2.67 -42.82
C VAL B 326 49.26 2.22 -42.54
N ALA B 327 48.30 3.12 -42.77
CA ALA B 327 46.88 2.88 -42.46
C ALA B 327 46.17 2.30 -43.69
N ALA B 328 45.59 1.11 -43.55
CA ALA B 328 44.42 0.66 -44.36
C ALA B 328 43.19 1.28 -43.69
N ALA B 329 42.91 2.53 -44.05
CA ALA B 329 42.19 3.53 -43.23
C ALA B 329 40.78 3.01 -42.93
N ASN B 330 40.05 2.56 -43.96
CA ASN B 330 38.62 2.18 -43.88
C ASN B 330 38.45 0.71 -43.45
N ASP B 331 39.55 -0.02 -43.25
CA ASP B 331 39.55 -1.41 -42.71
C ASP B 331 39.99 -1.40 -41.24
N PHE B 332 40.27 -0.22 -40.66
CA PHE B 332 40.68 -0.05 -39.24
C PHE B 332 41.88 -0.96 -38.98
N THR B 333 42.86 -0.91 -39.88
CA THR B 333 44.08 -1.75 -39.81
C THR B 333 45.31 -0.86 -40.01
N ILE B 334 46.30 -1.04 -39.14
CA ILE B 334 47.67 -0.53 -39.36
C ILE B 334 48.52 -1.70 -39.89
N GLU B 335 48.98 -1.59 -41.13
CA GLU B 335 49.89 -2.58 -41.77
C GLU B 335 51.33 -2.16 -41.47
N ILE B 336 52.11 -3.11 -40.96
CA ILE B 336 53.57 -2.96 -40.68
C ILE B 336 54.31 -3.69 -41.81
N TYR B 337 55.16 -2.95 -42.52
CA TYR B 337 56.08 -3.43 -43.59
C TYR B 337 57.53 -3.23 -43.14
N THR B 338 58.45 -4.03 -43.70
CA THR B 338 59.92 -3.95 -43.45
C THR B 338 60.66 -3.77 -44.78
N SER B 339 61.86 -3.17 -44.71
CA SER B 339 62.71 -2.83 -45.89
C SER B 339 64.14 -2.63 -45.41
N PRO B 340 65.15 -3.06 -46.22
CA PRO B 340 66.54 -2.71 -45.96
C PRO B 340 66.99 -1.37 -46.58
N ASN B 341 66.28 -0.85 -47.58
CA ASN B 341 66.78 0.29 -48.40
C ASN B 341 65.70 1.37 -48.61
N LEU B 342 64.52 1.22 -47.99
CA LEU B 342 63.41 2.21 -48.03
C LEU B 342 62.71 2.22 -49.40
N THR B 343 63.08 1.35 -50.33
CA THR B 343 62.47 1.32 -51.71
C THR B 343 61.76 0.00 -51.97
N SER B 344 62.13 -1.07 -51.26
CA SER B 344 61.57 -2.44 -51.42
C SER B 344 60.93 -2.92 -50.12
N TRP B 345 59.60 -3.04 -50.11
CA TRP B 345 58.82 -3.26 -48.86
C TRP B 345 58.17 -4.64 -48.86
N THR B 346 58.28 -5.32 -47.73
CA THR B 346 57.76 -6.69 -47.48
C THR B 346 56.76 -6.61 -46.32
N PHE B 347 55.54 -7.12 -46.49
CA PHE B 347 54.50 -7.22 -45.42
C PHE B 347 55.10 -7.97 -44.23
N ALA B 348 54.82 -7.51 -43.02
CA ALA B 348 55.24 -8.13 -41.74
C ALA B 348 54.04 -8.52 -40.87
N SER B 349 53.09 -7.61 -40.64
CA SER B 349 51.95 -7.85 -39.70
C SER B 349 50.83 -6.82 -39.86
N ASN B 350 49.68 -7.15 -39.26
CA ASN B 350 48.45 -6.32 -39.19
C ASN B 350 48.11 -6.06 -37.71
N PHE B 351 47.74 -4.82 -37.39
CA PHE B 351 47.14 -4.42 -36.09
C PHE B 351 45.73 -3.90 -36.42
N THR B 352 44.67 -4.63 -36.05
CA THR B 352 43.30 -4.39 -36.58
C THR B 352 42.24 -4.30 -35.47
N HIS B 353 41.27 -3.41 -35.67
CA HIS B 353 40.02 -3.30 -34.86
C HIS B 353 40.39 -3.17 -33.38
N HIS B 354 41.28 -2.25 -33.06
CA HIS B 354 41.65 -1.93 -31.65
C HIS B 354 41.05 -0.55 -31.29
N GLY B 355 40.62 -0.42 -30.04
CA GLY B 355 40.15 0.85 -29.45
C GLY B 355 38.95 1.39 -30.20
N LEU B 356 38.84 2.71 -30.27
CA LEU B 356 37.73 3.39 -30.99
C LEU B 356 38.02 3.26 -32.48
N LEU B 357 37.00 2.90 -33.25
CA LEU B 357 37.13 2.72 -34.72
C LEU B 357 36.99 4.08 -35.39
N GLY B 358 36.06 4.92 -34.92
CA GLY B 358 35.57 6.07 -35.69
C GLY B 358 35.21 5.62 -37.10
N LEU B 359 35.52 6.44 -38.11
CA LEU B 359 35.20 6.11 -39.52
C LEU B 359 36.47 5.72 -40.29
N ALA B 360 37.65 5.93 -39.71
CA ALA B 360 38.96 5.61 -40.35
C ALA B 360 40.12 5.73 -39.36
N TYR B 361 41.05 4.79 -39.45
CA TYR B 361 42.41 4.86 -38.86
C TYR B 361 43.27 5.78 -39.74
N GLU B 362 44.08 6.65 -39.14
CA GLU B 362 44.92 7.64 -39.87
C GLU B 362 46.19 7.92 -39.10
N CYS B 363 47.19 8.49 -39.80
CA CYS B 363 48.45 9.01 -39.21
C CYS B 363 48.98 8.11 -38.11
N PRO B 364 49.22 6.81 -38.38
CA PRO B 364 49.79 5.92 -37.37
C PRO B 364 51.19 6.40 -36.96
N ASN B 365 51.50 6.32 -35.68
CA ASN B 365 52.86 6.54 -35.13
C ASN B 365 53.17 5.37 -34.20
N LEU B 366 54.28 4.70 -34.44
CA LEU B 366 54.77 3.61 -33.56
C LEU B 366 56.09 4.09 -32.98
N VAL B 367 56.12 4.38 -31.68
CA VAL B 367 57.25 5.12 -31.03
C VAL B 367 57.56 4.49 -29.69
N GLN B 368 58.82 4.66 -29.27
CA GLN B 368 59.32 4.23 -27.95
C GLN B 368 59.28 5.46 -27.06
N VAL B 369 58.58 5.38 -25.94
CA VAL B 369 58.34 6.55 -25.05
C VAL B 369 58.91 6.22 -23.68
N PRO B 370 59.79 7.08 -23.12
CA PRO B 370 60.34 6.85 -21.78
C PRO B 370 59.32 7.04 -20.65
N PHE B 371 59.58 6.39 -19.51
CA PHE B 371 58.80 6.53 -18.26
C PHE B 371 59.15 7.89 -17.64
N GLN B 372 58.15 8.62 -17.14
CA GLN B 372 58.31 9.99 -16.57
C GLN B 372 59.21 9.91 -15.33
N ASP B 373 59.06 8.86 -14.53
CA ASP B 373 59.71 8.74 -13.19
C ASP B 373 61.06 8.04 -13.31
N ASP B 374 61.35 7.39 -14.44
CA ASP B 374 62.60 6.61 -14.66
C ASP B 374 63.01 6.68 -16.13
N PRO B 375 63.88 7.64 -16.53
CA PRO B 375 64.32 7.77 -17.92
C PRO B 375 64.95 6.53 -18.58
N SER B 376 65.42 5.56 -17.79
CA SER B 376 66.11 4.33 -18.29
C SER B 376 65.10 3.28 -18.76
N LYS B 377 63.82 3.39 -18.34
CA LYS B 377 62.72 2.50 -18.76
C LYS B 377 61.90 3.15 -19.89
N SER B 378 61.36 2.34 -20.78
CA SER B 378 60.53 2.78 -21.93
C SER B 378 59.52 1.68 -22.29
N ALA B 379 58.48 2.04 -23.05
CA ALA B 379 57.55 1.07 -23.66
C ALA B 379 57.18 1.58 -25.05
N TRP B 380 56.82 0.68 -25.94
CA TRP B 380 56.34 1.05 -27.29
C TRP B 380 54.90 1.54 -27.16
N LEU B 381 54.52 2.43 -28.07
CA LEU B 381 53.21 3.07 -28.11
C LEU B 381 52.77 3.12 -29.57
N MET B 382 51.61 2.55 -29.88
CA MET B 382 50.91 2.76 -31.16
C MET B 382 49.94 3.94 -30.93
N TYR B 383 50.16 5.05 -31.62
CA TYR B 383 49.28 6.24 -31.59
C TYR B 383 48.52 6.25 -32.92
N ILE B 384 47.21 6.36 -32.85
CA ILE B 384 46.34 6.33 -34.07
C ILE B 384 45.38 7.51 -33.97
N SER B 385 45.28 8.24 -35.07
CA SER B 385 44.29 9.31 -35.25
C SER B 385 43.04 8.70 -35.90
N ILE B 386 41.84 9.09 -35.47
CA ILE B 386 40.57 8.65 -36.12
C ILE B 386 39.77 9.89 -36.53
N ASN B 387 39.17 9.83 -37.72
CA ASN B 387 38.33 10.90 -38.28
C ASN B 387 37.54 10.38 -39.47
N PRO B 388 36.25 10.75 -39.63
CA PRO B 388 35.43 11.28 -38.54
C PRO B 388 35.15 10.22 -37.46
N GLY B 389 34.13 10.45 -36.62
CA GLY B 389 33.59 9.45 -35.69
C GLY B 389 34.20 9.45 -34.28
N ALA B 390 35.04 10.42 -33.94
CA ALA B 390 35.50 10.63 -32.54
C ALA B 390 34.27 10.82 -31.64
N PRO B 391 34.33 10.37 -30.36
CA PRO B 391 33.25 10.60 -29.41
C PRO B 391 32.79 12.06 -29.29
N LEU B 392 33.72 13.02 -29.22
CA LEU B 392 33.34 14.46 -29.11
C LEU B 392 32.94 15.03 -30.47
N GLY B 393 33.02 14.22 -31.53
CA GLY B 393 32.67 14.64 -32.90
C GLY B 393 33.92 14.91 -33.71
N GLY B 394 33.95 14.42 -34.95
CA GLY B 394 35.07 14.66 -35.89
C GLY B 394 36.28 13.83 -35.52
N SER B 395 37.37 14.52 -35.19
CA SER B 395 38.74 13.96 -35.15
C SER B 395 39.26 13.89 -33.71
N VAL B 396 40.03 12.86 -33.41
CA VAL B 396 40.69 12.66 -32.09
C VAL B 396 41.82 11.62 -32.25
N GLY B 397 42.80 11.67 -31.35
CA GLY B 397 43.89 10.67 -31.28
C GLY B 397 43.68 9.72 -30.12
N GLN B 398 44.18 8.50 -30.25
CA GLN B 398 44.14 7.46 -29.20
C GLN B 398 45.45 6.70 -29.27
N TYR B 399 45.77 5.93 -28.24
CA TYR B 399 47.07 5.24 -28.12
C TYR B 399 46.90 3.91 -27.39
N PHE B 400 47.90 3.06 -27.58
CA PHE B 400 47.97 1.68 -27.03
C PHE B 400 49.40 1.45 -26.56
N PRO B 401 49.66 1.28 -25.26
CA PRO B 401 50.98 0.87 -24.80
C PRO B 401 51.12 -0.62 -25.14
N GLY B 402 52.32 -1.05 -25.52
CA GLY B 402 52.56 -2.47 -25.82
C GLY B 402 54.02 -2.77 -26.11
N ASP B 403 54.26 -3.90 -26.80
CA ASP B 403 55.60 -4.39 -27.18
C ASP B 403 55.69 -4.44 -28.70
N PHE B 404 56.83 -4.02 -29.25
CA PHE B 404 57.20 -4.15 -30.67
C PHE B 404 58.54 -4.89 -30.75
N ASN B 405 58.63 -5.89 -31.62
CA ASN B 405 59.81 -6.79 -31.75
C ASN B 405 60.41 -6.65 -33.17
N GLY B 406 59.99 -5.64 -33.93
CA GLY B 406 60.53 -5.32 -35.27
C GLY B 406 59.59 -5.71 -36.39
N THR B 407 58.62 -6.57 -36.10
CA THR B 407 57.63 -7.08 -37.10
C THR B 407 56.20 -6.90 -36.60
N HIS B 408 55.94 -7.18 -35.32
CA HIS B 408 54.59 -7.29 -34.70
C HIS B 408 54.47 -6.35 -33.50
N PHE B 409 53.41 -5.55 -33.44
CA PHE B 409 53.01 -4.80 -32.23
C PHE B 409 51.92 -5.58 -31.47
N VAL B 410 52.11 -5.77 -30.17
CA VAL B 410 51.13 -6.45 -29.28
C VAL B 410 50.79 -5.52 -28.10
N ALA B 411 49.55 -5.04 -28.06
CA ALA B 411 49.01 -4.20 -26.96
C ALA B 411 49.09 -5.00 -25.65
N TYR B 412 49.37 -4.34 -24.54
CA TYR B 412 49.41 -4.96 -23.19
C TYR B 412 47.99 -5.36 -22.75
N ASP B 413 46.95 -4.64 -23.21
CA ASP B 413 45.54 -4.97 -22.88
C ASP B 413 44.65 -4.56 -24.06
N SER B 414 43.32 -4.70 -23.90
CA SER B 414 42.32 -4.41 -24.97
C SER B 414 41.63 -3.06 -24.69
N ALA B 415 42.16 -2.26 -23.77
CA ALA B 415 41.57 -0.96 -23.38
C ALA B 415 41.82 0.09 -24.46
N ALA B 416 40.86 1.00 -24.63
CA ALA B 416 40.93 2.19 -25.51
C ALA B 416 41.36 3.37 -24.64
N ARG B 417 42.30 4.21 -25.11
CA ARG B 417 42.76 5.39 -24.34
C ARG B 417 42.90 6.60 -25.27
N ILE B 418 42.22 7.70 -24.92
CA ILE B 418 42.17 8.97 -25.68
C ILE B 418 43.22 9.93 -25.12
N ALA B 419 43.93 10.68 -25.98
CA ALA B 419 45.10 11.52 -25.64
C ALA B 419 44.70 12.83 -24.94
N ASP B 420 43.71 13.53 -25.47
CA ASP B 420 43.34 14.93 -25.15
C ASP B 420 41.86 14.94 -24.77
N PHE B 421 41.43 15.69 -23.74
CA PHE B 421 40.02 15.65 -23.27
C PHE B 421 39.19 16.75 -23.94
N ALA B 422 39.74 17.53 -24.89
CA ALA B 422 38.97 18.48 -25.75
C ALA B 422 38.99 18.01 -27.21
N LYS B 423 38.75 18.89 -28.17
CA LYS B 423 38.38 18.54 -29.58
C LYS B 423 39.48 18.91 -30.57
N ASP B 424 40.46 19.73 -30.17
CA ASP B 424 41.32 20.49 -31.13
C ASP B 424 42.77 19.99 -31.06
N ASN B 425 42.96 18.67 -31.15
CA ASN B 425 44.30 18.03 -31.15
C ASN B 425 44.21 16.75 -32.00
N TYR B 426 44.92 16.71 -33.12
CA TYR B 426 44.78 15.63 -34.12
C TYR B 426 46.10 15.44 -34.87
N ALA B 427 46.35 14.21 -35.30
CA ALA B 427 47.40 13.87 -36.29
C ALA B 427 48.76 14.23 -35.69
N SER B 428 48.96 13.92 -34.41
CA SER B 428 50.28 13.98 -33.76
C SER B 428 51.29 13.24 -34.63
N GLN B 429 52.46 13.83 -34.85
CA GLN B 429 53.64 13.12 -35.39
C GLN B 429 54.81 13.35 -34.43
N TRP B 430 55.56 12.28 -34.17
CA TRP B 430 56.82 12.31 -33.38
C TRP B 430 58.01 12.65 -34.30
N PHE B 431 58.91 13.51 -33.82
CA PHE B 431 60.15 13.91 -34.53
C PHE B 431 61.10 12.70 -34.58
N ALA B 432 61.52 12.31 -35.78
CA ALA B 432 62.61 11.33 -36.03
C ALA B 432 63.95 11.94 -35.61
N ASP B 433 64.90 11.10 -35.18
CA ASP B 433 66.35 11.41 -35.03
C ASP B 433 66.56 12.50 -33.97
N THR B 434 65.81 12.45 -32.86
CA THR B 434 65.99 13.40 -31.72
C THR B 434 67.18 12.96 -30.85
N GLU B 435 67.74 13.89 -30.07
CA GLU B 435 68.82 13.64 -29.07
C GLU B 435 68.33 12.63 -28.03
N ASN B 436 69.25 11.80 -27.52
CA ASN B 436 69.03 10.61 -26.64
C ASN B 436 67.91 10.85 -25.63
N GLY B 437 66.92 9.94 -25.61
CA GLY B 437 65.84 9.89 -24.61
C GLY B 437 64.61 10.71 -24.98
N GLU B 438 64.72 11.67 -25.92
CA GLU B 438 63.72 12.75 -26.10
C GLU B 438 62.59 12.26 -27.02
N SER B 439 61.39 12.03 -26.46
CA SER B 439 60.13 11.85 -27.22
C SER B 439 59.49 13.23 -27.46
N ILE B 440 59.59 13.74 -28.68
CA ILE B 440 59.10 15.09 -29.06
C ILE B 440 58.02 14.90 -30.10
N SER B 441 56.84 15.50 -29.88
CA SER B 441 55.70 15.40 -30.83
C SER B 441 55.11 16.77 -31.07
N ILE B 442 54.38 16.90 -32.17
CA ILE B 442 53.57 18.10 -32.48
C ILE B 442 52.31 17.62 -33.19
N ALA B 443 51.21 18.36 -33.01
CA ALA B 443 49.89 17.99 -33.51
C ALA B 443 49.28 19.20 -34.20
N TRP B 444 48.28 18.93 -35.02
CA TRP B 444 47.44 19.96 -35.65
C TRP B 444 46.32 20.35 -34.67
N ALA B 445 46.19 21.63 -34.37
CA ALA B 445 45.34 22.15 -33.27
C ALA B 445 44.01 22.57 -33.87
N SER B 446 43.29 21.63 -34.44
CA SER B 446 41.96 21.90 -35.01
C SER B 446 41.14 20.61 -34.98
N ASN B 447 39.95 20.68 -35.55
CA ASN B 447 39.00 19.56 -35.65
C ASN B 447 38.37 19.63 -37.04
N TRP B 448 38.35 18.50 -37.74
CA TRP B 448 37.82 18.41 -39.14
C TRP B 448 36.38 18.91 -39.27
N GLN B 449 35.61 18.92 -38.18
CA GLN B 449 34.18 19.34 -38.27
C GLN B 449 34.06 20.84 -38.54
N TYR B 450 35.03 21.67 -38.18
CA TYR B 450 34.88 23.14 -38.33
C TYR B 450 36.18 23.80 -38.82
N THR B 451 37.23 23.03 -39.08
CA THR B 451 38.56 23.60 -39.39
C THR B 451 38.45 24.47 -40.65
N GLN B 452 37.57 24.13 -41.60
CA GLN B 452 37.47 24.80 -42.91
C GLN B 452 36.51 25.99 -42.84
N GLN B 453 35.92 26.24 -41.67
CA GLN B 453 34.88 27.29 -41.47
C GLN B 453 35.36 28.33 -40.44
N VAL B 454 36.49 28.14 -39.76
CA VAL B 454 36.94 29.03 -38.64
C VAL B 454 37.23 30.42 -39.22
N PRO B 455 36.90 31.51 -38.47
CA PRO B 455 36.92 32.87 -39.01
C PRO B 455 38.30 33.54 -38.96
N THR B 456 39.32 32.89 -39.54
CA THR B 456 40.72 33.36 -39.57
C THR B 456 41.19 33.64 -41.01
N SER B 457 40.40 33.32 -42.04
CA SER B 457 40.79 33.53 -43.45
C SER B 457 40.96 35.03 -43.80
N ALA B 458 40.18 35.91 -43.17
CA ALA B 458 40.36 37.38 -43.26
C ALA B 458 41.73 37.80 -42.70
N GLN B 459 42.41 36.91 -41.96
CA GLN B 459 43.73 37.19 -41.34
C GLN B 459 44.81 36.35 -42.02
N ALA B 460 44.49 35.80 -43.19
CA ALA B 460 45.47 35.23 -44.15
C ALA B 460 45.88 33.81 -43.76
N PHE B 461 45.16 33.14 -42.86
CA PHE B 461 45.52 31.73 -42.51
C PHE B 461 44.29 30.94 -42.04
N ARG B 462 44.41 29.63 -42.11
CA ARG B 462 43.48 28.71 -41.42
C ARG B 462 44.36 27.60 -40.85
N SER B 463 44.29 27.40 -39.52
CA SER B 463 44.89 26.23 -38.80
C SER B 463 46.26 26.58 -38.22
N ALA B 464 46.58 25.99 -37.07
CA ALA B 464 47.90 26.12 -36.43
C ALA B 464 48.28 24.78 -35.81
N MET B 465 49.58 24.58 -35.59
CA MET B 465 50.06 23.43 -34.80
C MET B 465 49.86 23.69 -33.31
N SER B 466 49.79 22.61 -32.53
CA SER B 466 49.85 22.61 -31.05
C SER B 466 51.22 23.16 -30.63
N LEU B 467 51.38 23.46 -29.34
CA LEU B 467 52.72 23.59 -28.75
C LEU B 467 53.47 22.29 -29.04
N PRO B 468 54.79 22.34 -29.32
CA PRO B 468 55.57 21.11 -29.36
C PRO B 468 55.52 20.51 -27.96
N ARG B 469 55.58 19.18 -27.88
CA ARG B 469 55.32 18.44 -26.62
C ARG B 469 56.52 17.52 -26.32
N ARG B 470 56.89 17.42 -25.05
CA ARG B 470 57.75 16.31 -24.55
C ARG B 470 56.81 15.21 -24.06
N ASN B 471 57.04 13.96 -24.46
CA ASN B 471 56.13 12.84 -24.12
C ASN B 471 56.81 11.88 -23.12
N TYR B 472 56.01 11.33 -22.21
CA TYR B 472 56.41 10.28 -21.26
C TYR B 472 55.23 9.31 -21.07
N LEU B 473 55.51 8.16 -20.48
CA LEU B 473 54.48 7.21 -19.99
C LEU B 473 54.53 7.23 -18.47
N THR B 474 53.37 7.17 -17.83
CA THR B 474 53.30 7.02 -16.35
C THR B 474 52.13 6.11 -16.02
N ASN B 475 52.08 5.67 -14.76
CA ASN B 475 50.90 5.03 -14.14
C ASN B 475 50.23 6.09 -13.27
N ILE B 476 48.95 6.35 -13.51
CA ILE B 476 48.12 7.24 -12.66
C ILE B 476 47.20 6.35 -11.83
N THR B 477 46.82 6.83 -10.65
CA THR B 477 46.03 6.07 -9.64
C THR B 477 44.79 5.49 -10.32
N ARG B 478 44.58 4.18 -10.13
CA ARG B 478 43.42 3.37 -10.61
C ARG B 478 43.52 3.12 -12.13
N LEU B 479 43.59 4.16 -12.94
CA LEU B 479 43.49 4.06 -14.43
C LEU B 479 44.70 3.32 -15.00
N GLY B 480 45.87 3.44 -14.37
CA GLY B 480 47.11 2.83 -14.88
C GLY B 480 47.73 3.62 -16.02
N TRP B 481 47.99 2.97 -17.16
CA TRP B 481 48.82 3.51 -18.27
C TRP B 481 48.28 4.87 -18.72
N ASP B 482 49.17 5.85 -18.91
CA ASP B 482 48.79 7.23 -19.30
C ASP B 482 49.89 7.85 -20.15
N LEU B 483 49.53 8.44 -21.29
CA LEU B 483 50.47 9.22 -22.13
C LEU B 483 50.58 10.62 -21.53
N VAL B 484 51.76 10.97 -21.02
CA VAL B 484 52.08 12.30 -20.46
C VAL B 484 52.48 13.23 -21.62
N SER B 485 51.92 14.44 -21.64
CA SER B 485 52.24 15.49 -22.63
C SER B 485 52.52 16.79 -21.87
N LEU B 486 53.72 17.35 -22.04
CA LEU B 486 54.13 18.65 -21.44
C LEU B 486 54.65 19.56 -22.54
N PRO B 487 54.54 20.91 -22.40
CA PRO B 487 55.10 21.81 -23.40
C PRO B 487 56.61 21.62 -23.49
N TYR B 488 57.16 21.54 -24.71
CA TYR B 488 58.63 21.53 -24.90
C TYR B 488 59.19 22.86 -24.36
N ASP B 489 60.30 22.80 -23.63
CA ASP B 489 61.01 23.94 -22.97
C ASP B 489 60.55 25.29 -23.52
N LEU B 490 59.77 26.03 -22.72
CA LEU B 490 59.14 27.32 -23.13
C LEU B 490 60.08 28.52 -22.89
N SER B 491 61.24 28.32 -22.25
CA SER B 491 62.13 29.40 -21.76
C SER B 491 62.46 30.43 -22.84
N PRO B 492 62.69 30.05 -24.12
CA PRO B 492 62.97 31.04 -25.18
C PRO B 492 61.84 32.06 -25.50
N VAL B 493 60.60 31.81 -25.07
CA VAL B 493 59.45 32.72 -25.36
C VAL B 493 58.92 33.35 -24.07
N VAL B 494 59.41 32.91 -22.91
CA VAL B 494 58.91 33.38 -21.59
C VAL B 494 59.43 34.80 -21.34
N GLY B 495 58.53 35.79 -21.29
CA GLY B 495 58.83 37.19 -20.98
C GLY B 495 58.73 37.48 -19.49
N PRO B 496 58.59 38.77 -19.11
CA PRO B 496 58.60 39.15 -17.71
C PRO B 496 57.33 38.73 -16.94
N SER B 497 57.48 38.53 -15.63
CA SER B 497 56.41 38.19 -14.66
C SER B 497 55.32 39.28 -14.68
N LEU B 498 54.06 38.85 -14.69
CA LEU B 498 52.86 39.73 -14.61
C LEU B 498 52.24 39.62 -13.22
N LEU B 499 52.41 38.47 -12.57
CA LEU B 499 51.88 38.20 -11.21
C LEU B 499 52.62 37.01 -10.62
N SER B 500 53.00 37.12 -9.37
CA SER B 500 53.44 36.04 -8.46
C SER B 500 52.59 36.20 -7.20
N SER B 501 51.90 35.13 -6.76
CA SER B 501 50.97 35.17 -5.61
C SER B 501 51.04 33.85 -4.86
N SER B 502 50.98 33.92 -3.53
CA SER B 502 50.99 32.77 -2.58
C SER B 502 49.66 32.72 -1.82
N GLU B 503 48.68 33.52 -2.25
CA GLU B 503 47.41 33.70 -1.51
C GLU B 503 46.45 32.54 -1.82
N ALA B 504 46.03 31.81 -0.79
CA ALA B 504 44.90 30.86 -0.82
C ALA B 504 43.60 31.64 -0.59
N ASN B 505 42.47 31.07 -1.02
CA ASN B 505 41.11 31.62 -0.78
C ASN B 505 40.99 33.06 -1.25
N SER B 506 41.66 33.45 -2.32
CA SER B 506 41.60 34.83 -2.86
C SER B 506 41.34 34.78 -4.37
N THR B 507 41.15 35.95 -4.98
CA THR B 507 41.05 36.14 -6.44
C THR B 507 42.21 37.05 -6.89
N ALA B 508 43.02 36.56 -7.83
CA ALA B 508 44.11 37.31 -8.49
C ALA B 508 43.63 37.81 -9.86
N ASP B 509 43.77 39.10 -10.12
CA ASP B 509 43.43 39.77 -11.41
C ASP B 509 44.73 40.09 -12.13
N VAL B 510 44.89 39.56 -13.33
CA VAL B 510 46.09 39.80 -14.18
C VAL B 510 45.62 40.46 -15.46
N ASP B 511 45.93 41.75 -15.64
CA ASP B 511 45.72 42.50 -16.90
C ASP B 511 46.93 42.25 -17.81
N PHE B 512 46.71 41.96 -19.09
CA PHE B 512 47.82 41.79 -20.06
C PHE B 512 47.46 42.46 -21.39
N THR B 513 46.65 43.53 -21.33
CA THR B 513 46.34 44.39 -22.50
C THR B 513 47.63 45.05 -23.02
N ASN B 514 48.67 45.16 -22.17
CA ASN B 514 49.98 45.78 -22.51
C ASN B 514 50.94 44.73 -23.07
N VAL B 515 50.63 43.43 -22.94
CA VAL B 515 51.44 42.33 -23.56
C VAL B 515 51.02 42.21 -25.03
N THR B 516 51.86 42.68 -25.95
CA THR B 516 51.52 42.84 -27.39
C THR B 516 51.33 41.47 -28.04
N SER B 517 52.05 40.43 -27.61
CA SER B 517 51.86 39.04 -28.09
C SER B 517 50.39 38.61 -27.86
N ASN B 518 49.75 39.11 -26.79
CA ASN B 518 48.41 38.69 -26.31
C ASN B 518 48.50 37.20 -26.01
N ALA B 519 49.65 36.77 -25.47
CA ALA B 519 49.96 35.37 -25.12
C ALA B 519 50.58 35.33 -23.73
N VAL B 520 50.07 34.44 -22.87
CA VAL B 520 50.53 34.30 -21.47
C VAL B 520 50.73 32.81 -21.15
N TRP B 521 51.70 32.55 -20.28
CA TRP B 521 51.95 31.27 -19.59
C TRP B 521 51.52 31.45 -18.13
N PHE B 522 50.96 30.42 -17.52
CA PHE B 522 50.63 30.44 -16.09
C PHE B 522 50.88 29.06 -15.52
N SER B 523 51.26 29.03 -14.25
CA SER B 523 51.48 27.83 -13.42
C SER B 523 50.74 28.03 -12.11
N LEU B 524 49.99 27.02 -11.68
CA LEU B 524 49.27 27.01 -10.39
C LEU B 524 49.61 25.70 -9.70
N ASN B 525 50.28 25.76 -8.55
CA ASN B 525 50.54 24.61 -7.66
C ASN B 525 49.60 24.73 -6.46
N VAL B 526 49.00 23.62 -6.05
CA VAL B 526 48.12 23.54 -4.85
C VAL B 526 48.60 22.34 -4.06
N THR B 527 49.06 22.57 -2.82
CA THR B 527 49.51 21.51 -1.89
C THR B 527 48.50 21.46 -0.72
N LEU B 528 47.68 20.42 -0.68
CA LEU B 528 46.74 20.15 0.43
C LEU B 528 47.52 19.70 1.65
N PRO B 529 47.07 20.02 2.88
CA PRO B 529 47.67 19.46 4.09
C PRO B 529 47.49 17.94 4.08
N ASP B 530 48.44 17.19 4.65
CA ASP B 530 48.49 15.70 4.60
C ASP B 530 47.23 15.11 5.24
N ALA B 531 46.61 15.84 6.18
CA ALA B 531 45.31 15.48 6.81
C ALA B 531 44.24 15.32 5.73
N ALA B 532 44.05 16.35 4.90
CA ALA B 532 43.06 16.40 3.80
C ALA B 532 43.38 15.33 2.76
N ILE B 533 44.65 15.02 2.52
CA ILE B 533 45.09 13.96 1.55
C ILE B 533 44.66 12.58 2.08
N GLN B 534 44.83 12.31 3.39
CA GLN B 534 44.59 10.95 3.96
C GLN B 534 43.10 10.76 4.27
N ASN B 535 42.32 11.85 4.32
CA ASN B 535 40.85 11.81 4.58
C ASN B 535 40.18 12.95 3.79
N ALA B 536 39.72 12.62 2.57
CA ALA B 536 39.16 13.59 1.59
C ALA B 536 37.90 14.27 2.14
N SER B 537 37.16 13.60 3.04
CA SER B 537 35.89 14.11 3.61
C SER B 537 36.15 15.34 4.51
N LEU B 538 37.41 15.62 4.84
CA LEU B 538 37.86 16.86 5.54
C LEU B 538 37.68 18.08 4.64
N ILE B 539 37.62 17.87 3.32
CA ILE B 539 37.50 18.98 2.30
C ILE B 539 36.04 19.41 2.21
N SER B 540 35.77 20.71 2.29
CA SER B 540 34.41 21.28 2.13
C SER B 540 33.94 21.16 0.67
N ALA B 541 32.64 21.02 0.48
CA ALA B 541 31.94 20.83 -0.82
C ALA B 541 32.24 21.99 -1.79
N ASP B 542 32.61 23.17 -1.28
CA ASP B 542 32.82 24.40 -2.11
C ASP B 542 34.30 24.62 -2.44
N ALA B 543 35.20 23.69 -2.10
CA ALA B 543 36.66 23.76 -2.39
C ALA B 543 36.89 23.66 -3.91
N SER B 544 37.32 24.75 -4.53
CA SER B 544 37.31 24.91 -5.99
C SER B 544 38.42 25.85 -6.47
N ILE B 545 38.80 25.69 -7.75
CA ILE B 545 39.64 26.64 -8.52
C ILE B 545 38.82 27.08 -9.72
N ASN B 546 38.78 28.39 -9.98
CA ASN B 546 38.05 29.02 -11.12
C ASN B 546 39.05 29.94 -11.83
N ILE B 547 39.29 29.69 -13.12
CA ILE B 547 40.13 30.53 -14.00
C ILE B 547 39.23 31.03 -15.13
N THR B 548 39.16 32.35 -15.33
CA THR B 548 38.33 32.98 -16.39
C THR B 548 39.26 33.90 -17.18
N PHE B 549 39.15 33.87 -18.50
CA PHE B 549 39.80 34.79 -19.46
C PHE B 549 38.74 35.77 -19.93
N LEU B 550 38.99 37.08 -19.71
CA LEU B 550 37.96 38.15 -19.85
C LEU B 550 38.29 39.05 -21.03
N PRO B 551 37.26 39.57 -21.73
CA PRO B 551 37.47 40.45 -22.88
C PRO B 551 38.16 41.76 -22.49
N SER B 552 39.00 42.28 -23.39
CA SER B 552 39.64 43.62 -23.26
C SER B 552 38.57 44.72 -23.27
N THR B 553 38.76 45.74 -22.45
CA THR B 553 37.96 47.00 -22.46
C THR B 553 38.48 47.92 -23.59
N LYS B 554 39.79 47.91 -23.80
CA LYS B 554 40.53 48.82 -24.74
C LYS B 554 40.24 48.42 -26.19
N CYS B 555 40.35 47.14 -26.52
CA CYS B 555 40.14 46.57 -27.89
C CYS B 555 38.82 45.81 -27.90
N SER B 556 37.72 46.41 -28.34
CA SER B 556 36.36 45.83 -28.10
C SER B 556 35.35 46.23 -29.19
N SER B 557 34.91 45.25 -29.98
CA SER B 557 33.79 45.34 -30.96
C SER B 557 34.28 46.02 -32.25
N SER B 563 28.29 40.73 -24.20
CA SER B 563 29.55 41.51 -24.37
C SER B 563 30.58 41.18 -23.28
N ASP B 564 30.13 40.86 -22.06
CA ASP B 564 31.00 40.73 -20.85
C ASP B 564 31.35 39.26 -20.56
N SER B 565 30.80 38.31 -21.32
CA SER B 565 31.09 36.86 -21.16
C SER B 565 32.60 36.58 -21.22
N PRO B 566 33.13 35.71 -20.34
CA PRO B 566 34.49 35.19 -20.50
C PRO B 566 34.67 34.47 -21.85
N ALA B 567 35.87 34.53 -22.42
CA ALA B 567 36.27 33.83 -23.66
C ALA B 567 36.54 32.35 -23.35
N ALA B 568 36.98 32.05 -22.13
CA ALA B 568 37.38 30.70 -21.70
C ALA B 568 37.32 30.61 -20.19
N THR B 569 36.92 29.46 -19.67
CA THR B 569 36.83 29.18 -18.22
C THR B 569 37.46 27.82 -17.93
N LEU B 570 38.01 27.68 -16.73
CA LEU B 570 38.43 26.38 -16.16
C LEU B 570 37.94 26.36 -14.72
N THR B 571 37.18 25.33 -14.37
CA THR B 571 36.58 25.10 -13.04
C THR B 571 36.97 23.69 -12.57
N TYR B 572 37.52 23.59 -11.38
CA TYR B 572 37.88 22.30 -10.75
C TYR B 572 37.26 22.27 -9.35
N PHE B 573 36.65 21.16 -8.99
CA PHE B 573 36.07 20.91 -7.65
C PHE B 573 36.86 19.79 -6.97
N TYR B 574 37.37 20.04 -5.75
CA TYR B 574 38.11 19.04 -4.94
C TYR B 574 37.14 17.99 -4.37
N ALA B 575 35.91 18.40 -4.03
CA ALA B 575 34.93 17.51 -3.36
C ALA B 575 33.52 17.82 -3.88
N GLY B 576 32.50 17.61 -3.06
CA GLY B 576 31.10 17.91 -3.42
C GLY B 576 30.53 16.86 -4.33
N LEU B 577 29.48 17.21 -5.06
CA LEU B 577 28.69 16.27 -5.88
C LEU B 577 29.44 15.91 -7.18
N THR B 578 30.31 16.80 -7.67
CA THR B 578 31.18 16.53 -8.86
C THR B 578 32.66 16.53 -8.45
N ASN B 579 33.02 15.69 -7.48
CA ASN B 579 34.39 15.64 -6.90
C ASN B 579 35.37 15.21 -7.99
N GLY B 580 36.43 15.99 -8.17
CA GLY B 580 37.55 15.72 -9.10
C GLY B 580 37.27 16.18 -10.52
N ALA B 581 36.08 16.71 -10.78
CA ALA B 581 35.66 17.13 -12.13
C ALA B 581 36.36 18.45 -12.50
N LEU B 582 37.03 18.45 -13.63
CA LEU B 582 37.62 19.63 -14.27
C LEU B 582 36.74 19.97 -15.48
N ALA B 583 36.20 21.20 -15.53
CA ALA B 583 35.41 21.73 -16.67
C ALA B 583 36.24 22.79 -17.39
N LEU B 584 36.38 22.65 -18.70
CA LEU B 584 37.01 23.61 -19.61
C LEU B 584 35.92 24.08 -20.59
N THR B 585 35.66 25.40 -20.66
CA THR B 585 34.56 25.95 -21.49
C THR B 585 35.06 27.12 -22.35
N ARG B 586 34.47 27.24 -23.54
CA ARG B 586 34.56 28.42 -24.43
C ARG B 586 33.12 28.89 -24.61
N PRO B 587 32.60 29.78 -23.72
CA PRO B 587 31.17 30.09 -23.70
C PRO B 587 30.63 30.59 -25.05
N ALA B 588 29.46 30.09 -25.43
CA ALA B 588 28.78 30.44 -26.70
C ALA B 588 28.57 31.96 -26.77
N ALA B 589 28.18 32.58 -25.65
CA ALA B 589 27.87 34.03 -25.53
C ALA B 589 29.08 34.90 -25.91
N SER B 590 30.32 34.38 -25.83
CA SER B 590 31.57 35.16 -26.09
C SER B 590 31.83 35.30 -27.60
N SER B 591 31.26 34.41 -28.41
CA SER B 591 31.62 34.24 -29.85
C SER B 591 30.34 34.05 -30.68
N SER B 592 30.07 35.00 -31.56
CA SER B 592 28.95 34.95 -32.54
C SER B 592 29.17 33.75 -33.48
N TRP B 593 30.36 33.63 -34.05
CA TRP B 593 30.71 32.52 -34.96
C TRP B 593 30.56 31.18 -34.22
N GLY B 594 31.12 31.08 -33.02
CA GLY B 594 31.13 29.85 -32.20
C GLY B 594 29.73 29.37 -31.88
N ALA B 595 28.85 30.28 -31.47
CA ALA B 595 27.45 29.98 -31.05
C ALA B 595 26.69 29.37 -32.22
N GLU B 596 26.91 29.89 -33.44
CA GLU B 596 26.15 29.50 -34.66
C GLU B 596 26.68 28.17 -35.21
N ASN B 597 27.99 27.89 -35.12
CA ASN B 597 28.57 26.65 -35.72
C ASN B 597 28.02 25.44 -34.97
N PRO B 598 27.25 24.54 -35.63
CA PRO B 598 26.64 23.42 -34.92
C PRO B 598 27.58 22.32 -34.37
N PHE B 599 28.88 22.38 -34.67
CA PHE B 599 29.90 21.38 -34.22
C PHE B 599 30.88 21.94 -33.18
N PHE B 600 30.88 23.26 -32.97
CA PHE B 600 31.85 23.98 -32.08
C PHE B 600 31.37 23.87 -30.64
N THR B 601 31.61 22.70 -30.05
CA THR B 601 31.19 22.33 -28.66
C THR B 601 31.77 23.34 -27.66
N ASP B 602 30.94 23.76 -26.70
CA ASP B 602 31.26 24.85 -25.74
C ASP B 602 31.99 24.28 -24.51
N LYS B 603 31.76 23.02 -24.12
CA LYS B 603 32.13 22.49 -22.78
C LYS B 603 32.76 21.11 -22.88
N PHE B 604 33.85 20.92 -22.14
CA PHE B 604 34.71 19.71 -22.08
C PHE B 604 35.00 19.43 -20.61
N SER B 605 35.23 18.18 -20.27
CA SER B 605 35.58 17.80 -18.88
C SER B 605 36.47 16.58 -18.84
N TYR B 606 37.24 16.48 -17.78
CA TYR B 606 38.01 15.30 -17.34
C TYR B 606 37.77 15.18 -15.83
N THR B 607 37.69 13.95 -15.31
CA THR B 607 37.56 13.74 -13.85
C THR B 607 38.84 13.09 -13.36
N LEU B 608 39.50 13.73 -12.39
CA LEU B 608 40.70 13.21 -11.68
C LEU B 608 40.24 12.25 -10.57
N VAL B 609 41.07 11.28 -10.25
CA VAL B 609 40.96 10.50 -8.99
C VAL B 609 41.75 11.26 -7.90
N ASP B 610 43.04 11.49 -8.14
CA ASP B 610 43.94 12.28 -7.26
C ASP B 610 43.48 13.74 -7.28
N PRO B 611 43.63 14.50 -6.18
CA PRO B 611 43.39 15.94 -6.21
C PRO B 611 44.31 16.63 -7.25
N LEU B 612 43.86 17.77 -7.77
CA LEU B 612 44.68 18.64 -8.65
C LEU B 612 45.79 19.26 -7.80
N THR B 613 47.05 18.99 -8.15
CA THR B 613 48.23 19.54 -7.45
C THR B 613 48.95 20.55 -8.34
N SER B 614 48.88 20.39 -9.66
CA SER B 614 49.57 21.30 -10.62
C SER B 614 48.73 21.52 -11.88
N LEU B 615 48.81 22.73 -12.42
CA LEU B 615 48.08 23.21 -13.60
C LEU B 615 49.01 24.18 -14.34
N VAL B 616 49.37 23.87 -15.58
CA VAL B 616 50.15 24.75 -16.50
C VAL B 616 49.26 25.08 -17.69
N GLY B 617 49.30 26.32 -18.15
CA GLY B 617 48.45 26.82 -19.23
C GLY B 617 49.21 27.76 -20.14
N VAL B 618 48.86 27.76 -21.41
CA VAL B 618 49.31 28.75 -22.42
C VAL B 618 48.06 29.24 -23.15
N PHE B 619 47.83 30.55 -23.11
CA PHE B 619 46.82 31.25 -23.93
C PHE B 619 47.59 31.99 -25.03
N ASP B 620 47.17 31.86 -26.30
CA ASP B 620 47.86 32.50 -27.44
C ASP B 620 46.84 32.99 -28.47
N ARG B 621 46.19 34.11 -28.16
CA ARG B 621 45.24 34.86 -29.02
C ARG B 621 43.96 34.05 -29.28
N SER B 622 44.07 32.88 -29.92
CA SER B 622 42.89 32.07 -30.36
C SER B 622 43.01 30.62 -29.88
N MET B 623 43.88 30.34 -28.91
CA MET B 623 44.23 28.97 -28.46
C MET B 623 44.45 28.95 -26.96
N LEU B 624 43.94 27.93 -26.29
CA LEU B 624 44.27 27.62 -24.88
C LEU B 624 44.70 26.15 -24.81
N GLU B 625 45.88 25.90 -24.25
CA GLU B 625 46.38 24.54 -23.94
C GLU B 625 46.56 24.45 -22.43
N VAL B 626 46.03 23.41 -21.79
CA VAL B 626 46.19 23.22 -20.32
C VAL B 626 46.78 21.84 -20.08
N PHE B 627 47.62 21.75 -19.06
CA PHE B 627 48.34 20.53 -18.62
C PHE B 627 48.11 20.38 -17.11
N VAL B 628 47.63 19.22 -16.70
CA VAL B 628 47.18 18.94 -15.30
C VAL B 628 48.06 17.83 -14.71
N ASN B 629 48.55 18.04 -13.48
CA ASN B 629 49.30 17.03 -12.68
C ASN B 629 50.51 16.56 -13.47
N GLU B 630 51.42 17.49 -13.77
CA GLU B 630 52.69 17.24 -14.52
C GLU B 630 52.38 16.57 -15.87
N GLY B 631 51.36 17.07 -16.56
CA GLY B 631 51.04 16.67 -17.95
C GLY B 631 50.37 15.31 -18.02
N ALA B 632 49.89 14.78 -16.90
CA ALA B 632 49.13 13.50 -16.89
C ALA B 632 47.88 13.67 -17.77
N HIS B 633 47.25 14.85 -17.73
CA HIS B 633 46.05 15.15 -18.54
C HIS B 633 46.27 16.48 -19.24
N SER B 634 45.76 16.57 -20.46
CA SER B 634 46.10 17.63 -21.43
C SER B 634 44.87 17.90 -22.30
N ALA B 635 44.63 19.17 -22.63
CA ALA B 635 43.55 19.59 -23.53
C ALA B 635 44.02 20.78 -24.34
N THR B 636 43.66 20.77 -25.63
CA THR B 636 43.89 21.86 -26.61
C THR B 636 42.51 22.36 -27.05
N MET B 637 42.25 23.65 -26.89
CA MET B 637 40.94 24.27 -27.21
C MET B 637 41.15 25.56 -28.01
N LEU B 638 40.53 25.67 -29.19
CA LEU B 638 40.46 26.92 -29.99
C LEU B 638 39.41 27.84 -29.36
N VAL B 639 39.66 29.15 -29.40
CA VAL B 639 38.64 30.18 -29.00
C VAL B 639 38.64 31.30 -30.06
N PHE B 640 37.46 31.76 -30.44
CA PHE B 640 37.25 32.86 -31.41
C PHE B 640 36.33 33.88 -30.77
N PRO B 641 36.75 34.53 -29.67
CA PRO B 641 35.91 35.52 -29.00
C PRO B 641 35.73 36.75 -29.91
N ASP B 642 34.55 37.37 -29.87
CA ASP B 642 34.23 38.61 -30.63
C ASP B 642 35.27 39.68 -30.28
N SER B 643 35.60 39.80 -28.99
CA SER B 643 36.59 40.76 -28.43
C SER B 643 37.84 40.01 -27.99
N PRO B 644 39.05 40.53 -28.24
CA PRO B 644 40.26 39.90 -27.73
C PRO B 644 40.25 39.81 -26.20
N VAL B 645 40.92 38.79 -25.67
CA VAL B 645 41.13 38.57 -24.20
C VAL B 645 42.12 39.64 -23.71
N GLY B 646 41.76 40.33 -22.62
CA GLY B 646 42.57 41.40 -22.00
C GLY B 646 43.11 41.01 -20.63
N SER B 647 42.47 40.08 -19.93
CA SER B 647 42.85 39.72 -18.53
C SER B 647 42.42 38.28 -18.19
N MET B 648 42.97 37.75 -17.10
CA MET B 648 42.49 36.47 -16.51
C MET B 648 42.31 36.66 -15.01
N LYS B 649 41.29 36.02 -14.44
CA LYS B 649 41.05 35.93 -12.99
C LYS B 649 41.33 34.49 -12.55
N VAL B 650 42.10 34.33 -11.48
CA VAL B 650 42.37 33.03 -10.81
C VAL B 650 41.81 33.13 -9.40
N ALA B 651 40.74 32.40 -9.10
CA ALA B 651 40.08 32.35 -7.79
C ALA B 651 40.21 30.92 -7.22
N THR B 652 40.68 30.81 -5.99
CA THR B 652 40.58 29.60 -5.14
C THR B 652 39.58 29.91 -4.02
N GLY B 653 38.89 28.90 -3.52
CA GLY B 653 37.83 29.06 -2.50
C GLY B 653 37.61 27.77 -1.73
N GLY B 654 37.24 27.89 -0.45
CA GLY B 654 36.82 26.78 0.41
C GLY B 654 37.92 25.76 0.65
N LEU B 655 39.18 26.14 0.49
CA LEU B 655 40.35 25.22 0.60
C LEU B 655 40.60 24.90 2.07
N PRO B 656 41.04 23.67 2.43
CA PRO B 656 41.29 23.34 3.83
C PRO B 656 42.36 24.26 4.44
N GLU B 657 42.28 24.51 5.75
CA GLU B 657 43.33 25.24 6.54
C GLU B 657 44.70 24.61 6.26
N GLY B 658 45.69 25.43 5.93
CA GLY B 658 47.08 25.00 5.70
C GLY B 658 47.35 24.65 4.25
N THR B 659 46.36 24.80 3.36
CA THR B 659 46.54 24.58 1.90
C THR B 659 47.47 25.68 1.37
N GLN B 660 48.53 25.30 0.66
CA GLN B 660 49.48 26.25 0.03
C GLN B 660 49.11 26.39 -1.44
N VAL B 661 49.05 27.62 -1.92
CA VAL B 661 48.75 27.97 -3.34
C VAL B 661 49.92 28.80 -3.86
N ASN B 662 50.44 28.46 -5.04
CA ASN B 662 51.49 29.26 -5.71
C ASN B 662 51.07 29.51 -7.16
N LEU B 663 50.95 30.76 -7.55
CA LEU B 663 50.53 31.18 -8.91
C LEU B 663 51.62 32.04 -9.54
N GLN B 664 52.06 31.68 -10.74
CA GLN B 664 53.00 32.50 -11.54
C GLN B 664 52.36 32.75 -12.90
N VAL B 665 52.36 34.00 -13.37
CA VAL B 665 51.86 34.37 -14.71
C VAL B 665 52.93 35.21 -15.40
N ASN B 666 53.28 34.84 -16.64
CA ASN B 666 54.32 35.50 -17.46
C ASN B 666 53.73 35.80 -18.83
N GLY B 667 53.96 37.01 -19.35
CA GLY B 667 53.75 37.36 -20.77
C GLY B 667 54.68 36.53 -21.63
N LEU B 668 54.24 36.19 -22.85
CA LEU B 668 55.10 35.47 -23.83
C LEU B 668 55.55 36.47 -24.90
N GLU B 669 56.74 36.26 -25.44
CA GLU B 669 57.31 37.10 -26.53
C GLU B 669 56.92 36.49 -27.88
N SER B 670 56.34 37.30 -28.77
CA SER B 670 56.01 36.88 -30.16
C SER B 670 57.27 36.36 -30.86
N THR B 671 57.14 35.26 -31.60
CA THR B 671 58.25 34.60 -32.32
C THR B 671 58.28 35.10 -33.78
N TRP B 672 57.26 35.87 -34.19
CA TRP B 672 57.14 36.43 -35.56
C TRP B 672 57.51 37.92 -35.51
N SER C 141 -23.80 16.88 -5.68
CA SER C 141 -24.10 15.70 -4.81
C SER C 141 -24.77 16.19 -3.51
N SER C 142 -26.11 16.13 -3.46
CA SER C 142 -26.92 16.65 -2.31
C SER C 142 -27.01 15.58 -1.22
N CYS C 143 -27.92 14.61 -1.40
CA CYS C 143 -28.10 13.47 -0.45
C CYS C 143 -26.97 12.45 -0.60
N ALA C 144 -26.55 11.85 0.54
CA ALA C 144 -25.64 10.68 0.61
C ALA C 144 -26.13 9.59 -0.34
N PRO C 145 -25.22 8.96 -1.12
CA PRO C 145 -25.61 7.90 -2.06
C PRO C 145 -26.05 6.61 -1.36
N THR C 146 -27.15 6.02 -1.84
CA THR C 146 -27.70 4.73 -1.35
C THR C 146 -26.94 3.56 -1.99
N SER C 147 -26.27 3.82 -3.12
CA SER C 147 -25.47 2.84 -3.91
C SER C 147 -24.19 3.52 -4.39
N LEU C 148 -23.07 2.79 -4.39
CA LEU C 148 -21.73 3.33 -4.79
C LEU C 148 -21.31 2.74 -6.13
N PRO C 149 -20.34 3.37 -6.84
CA PRO C 149 -19.74 2.77 -8.04
C PRO C 149 -19.08 1.41 -7.78
N ALA C 150 -19.08 0.53 -8.80
CA ALA C 150 -18.56 -0.85 -8.72
C ALA C 150 -17.10 -0.88 -8.27
N SER C 151 -16.30 0.14 -8.62
CA SER C 151 -14.88 0.25 -8.19
C SER C 151 -14.77 0.38 -6.66
N ALA C 152 -15.79 0.95 -6.01
CA ALA C 152 -15.86 1.13 -4.54
C ALA C 152 -16.30 -0.17 -3.84
N THR C 153 -17.19 -0.98 -4.46
CA THR C 153 -17.81 -2.18 -3.82
C THR C 153 -17.15 -3.48 -4.29
N GLU C 154 -16.64 -3.58 -5.52
CA GLU C 154 -15.98 -4.82 -6.03
C GLU C 154 -14.81 -5.19 -5.12
N LEU C 155 -14.75 -6.45 -4.69
CA LEU C 155 -13.69 -6.96 -3.79
C LEU C 155 -12.65 -7.68 -4.64
N PRO C 156 -11.36 -7.66 -4.24
CA PRO C 156 -10.33 -8.38 -4.97
C PRO C 156 -10.50 -9.90 -4.76
N THR C 157 -9.98 -10.71 -5.69
CA THR C 157 -10.00 -12.20 -5.62
C THR C 157 -8.78 -12.69 -4.82
N THR C 158 -7.76 -11.83 -4.66
CA THR C 158 -6.57 -12.14 -3.82
C THR C 158 -6.42 -11.06 -2.74
N VAL C 159 -5.92 -11.46 -1.57
CA VAL C 159 -5.72 -10.55 -0.40
C VAL C 159 -4.50 -9.69 -0.69
N PRO C 160 -4.62 -8.34 -0.61
CA PRO C 160 -3.45 -7.48 -0.73
C PRO C 160 -2.58 -7.50 0.54
N THR C 161 -1.27 -7.60 0.36
CA THR C 161 -0.25 -7.55 1.45
C THR C 161 0.46 -6.19 1.40
N GLY C 162 0.73 -5.60 2.58
CA GLY C 162 1.54 -4.38 2.75
C GLY C 162 0.97 -3.17 2.02
N THR C 163 -0.33 -3.16 1.72
CA THR C 163 -1.02 -1.99 1.12
C THR C 163 -2.30 -1.73 1.93
N VAL C 164 -2.66 -0.45 2.08
CA VAL C 164 -3.95 -0.03 2.67
C VAL C 164 -5.02 -0.24 1.61
N ILE C 165 -6.14 -0.84 2.00
CA ILE C 165 -7.36 -0.96 1.13
C ILE C 165 -8.10 0.37 1.20
N THR C 166 -8.37 0.98 0.04
CA THR C 166 -9.10 2.26 -0.07
C THR C 166 -10.58 1.98 0.18
N GLY C 167 -11.23 2.84 0.97
CA GLY C 167 -12.69 2.79 1.22
C GLY C 167 -13.37 4.08 0.82
N ASP C 168 -14.59 3.96 0.31
CA ASP C 168 -15.55 5.08 0.11
C ASP C 168 -16.48 5.08 1.33
N TYR C 169 -16.43 6.14 2.14
CA TYR C 169 -17.14 6.26 3.44
C TYR C 169 -18.35 7.21 3.32
N THR C 170 -18.99 7.30 2.16
CA THR C 170 -20.07 8.30 1.88
C THR C 170 -21.46 7.66 1.90
N GLY C 171 -21.57 6.33 1.92
CA GLY C 171 -22.87 5.61 1.96
C GLY C 171 -23.84 6.18 3.00
N SER C 172 -25.13 6.11 2.72
CA SER C 172 -26.22 6.68 3.56
C SER C 172 -26.33 5.93 4.91
N TYR C 173 -25.81 4.70 5.00
CA TYR C 173 -25.84 3.87 6.23
C TYR C 173 -24.44 3.83 6.87
N ARG C 174 -23.45 4.46 6.24
CA ARG C 174 -22.04 4.42 6.72
C ARG C 174 -21.88 5.36 7.90
N PRO C 175 -21.57 4.84 9.11
CA PRO C 175 -21.37 5.69 10.29
C PRO C 175 -20.13 6.59 10.14
N GLN C 176 -20.20 7.81 10.68
CA GLN C 176 -19.15 8.84 10.47
C GLN C 176 -18.29 9.02 11.73
N VAL C 177 -18.72 8.51 12.89
CA VAL C 177 -17.91 8.60 14.13
C VAL C 177 -17.65 7.20 14.71
N HIS C 178 -18.12 6.14 14.04
CA HIS C 178 -17.87 4.72 14.40
C HIS C 178 -16.88 4.12 13.42
N TYR C 179 -16.00 3.22 13.87
CA TYR C 179 -15.09 2.52 12.93
C TYR C 179 -15.90 1.50 12.12
N SER C 180 -15.64 1.48 10.81
CA SER C 180 -16.08 0.39 9.89
C SER C 180 -14.99 0.20 8.83
N PRO C 181 -14.86 -1.00 8.22
CA PRO C 181 -13.74 -1.30 7.33
C PRO C 181 -13.94 -0.66 5.97
N PRO C 182 -12.84 -0.33 5.25
CA PRO C 182 -12.93 0.41 3.99
C PRO C 182 -13.83 -0.34 3.00
N LYS C 183 -13.63 -1.66 2.87
CA LYS C 183 -14.62 -2.55 2.21
C LYS C 183 -14.49 -3.96 2.80
N GLY C 184 -15.51 -4.79 2.56
CA GLY C 184 -15.55 -6.16 3.09
C GLY C 184 -16.35 -6.27 4.38
N PHE C 185 -16.25 -7.44 5.02
CA PHE C 185 -16.99 -7.85 6.22
C PHE C 185 -16.04 -7.83 7.43
N MET C 186 -16.48 -7.20 8.51
CA MET C 186 -15.74 -7.09 9.78
C MET C 186 -16.61 -7.69 10.89
N ASN C 187 -16.00 -8.44 11.83
CA ASN C 187 -16.71 -8.75 13.09
C ASN C 187 -15.79 -8.35 14.26
N ALA C 188 -15.58 -9.24 15.22
CA ALA C 188 -15.06 -8.95 16.57
C ALA C 188 -13.82 -8.05 16.54
N PRO C 189 -13.69 -7.08 17.46
CA PRO C 189 -12.41 -6.41 17.71
C PRO C 189 -11.36 -7.36 18.33
N ASN C 190 -10.08 -7.17 17.94
CA ASN C 190 -8.93 -8.03 18.33
C ASN C 190 -7.72 -7.16 18.66
N GLY C 191 -6.84 -7.65 19.53
CA GLY C 191 -5.48 -7.10 19.74
C GLY C 191 -5.48 -5.65 20.18
N CYS C 192 -6.58 -5.20 20.78
CA CYS C 192 -6.78 -3.79 21.19
C CYS C 192 -5.74 -3.41 22.25
N HIS C 193 -4.93 -2.40 21.97
CA HIS C 193 -3.88 -1.91 22.90
C HIS C 193 -3.49 -0.49 22.54
N ARG C 194 -2.89 0.22 23.50
CA ARG C 194 -2.32 1.58 23.35
C ARG C 194 -0.79 1.48 23.36
N ASP C 195 -0.10 2.01 22.35
CA ASP C 195 1.39 2.00 22.32
C ASP C 195 1.89 3.11 23.25
N ARG C 196 3.21 3.15 23.48
CA ARG C 196 3.84 4.08 24.46
C ARG C 196 3.68 5.53 23.98
N ASN C 197 3.65 5.76 22.66
CA ASN C 197 3.46 7.11 22.05
C ASN C 197 1.97 7.51 22.11
N GLY C 198 1.10 6.66 22.67
CA GLY C 198 -0.32 6.99 22.94
C GLY C 198 -1.22 6.70 21.75
N THR C 199 -0.71 6.00 20.72
CA THR C 199 -1.52 5.55 19.56
C THR C 199 -2.33 4.31 19.97
N TYR C 200 -3.65 4.38 19.80
CA TYR C 200 -4.59 3.26 20.01
C TYR C 200 -4.59 2.38 18.75
N HIS C 201 -4.34 1.09 18.94
CA HIS C 201 -4.35 0.06 17.87
C HIS C 201 -5.65 -0.74 17.99
N LEU C 202 -6.47 -0.69 16.94
CA LEU C 202 -7.64 -1.55 16.78
C LEU C 202 -7.33 -2.59 15.70
N TYR C 203 -7.39 -3.87 16.03
CA TYR C 203 -7.45 -4.95 15.01
C TYR C 203 -8.85 -5.53 15.04
N TYR C 204 -9.21 -6.26 14.00
CA TYR C 204 -10.56 -6.82 13.87
C TYR C 204 -10.53 -8.02 12.92
N GLN C 205 -11.44 -8.94 13.19
CA GLN C 205 -11.80 -10.07 12.31
C GLN C 205 -12.26 -9.47 11.00
N TYR C 206 -11.58 -9.81 9.91
CA TYR C 206 -11.78 -9.19 8.58
C TYR C 206 -11.86 -10.28 7.50
N ASN C 207 -12.93 -10.28 6.71
CA ASN C 207 -13.03 -10.98 5.41
C ASN C 207 -12.84 -9.99 4.29
N PRO C 208 -11.62 -9.93 3.68
CA PRO C 208 -11.36 -8.96 2.61
C PRO C 208 -11.95 -9.37 1.25
N LEU C 209 -12.50 -10.58 1.12
CA LEU C 209 -12.90 -11.18 -0.20
C LEU C 209 -14.42 -11.20 -0.36
N GLU C 210 -15.20 -11.05 0.71
CA GLU C 210 -16.68 -11.15 0.65
C GLU C 210 -17.33 -10.24 1.70
N TYR C 211 -18.65 -10.08 1.56
CA TYR C 211 -19.52 -9.30 2.47
C TYR C 211 -20.25 -10.22 3.47
N VAL C 212 -19.67 -11.39 3.73
CA VAL C 212 -20.15 -12.36 4.77
C VAL C 212 -18.90 -12.86 5.51
N ALA C 213 -19.07 -13.58 6.61
CA ALA C 213 -17.95 -14.05 7.45
C ALA C 213 -17.13 -15.09 6.68
N GLY C 214 -15.84 -15.17 6.96
CA GLY C 214 -14.92 -16.18 6.39
C GLY C 214 -13.55 -15.59 6.13
N ASN C 215 -12.60 -16.44 5.72
CA ASN C 215 -11.26 -16.03 5.24
C ASN C 215 -10.63 -15.05 6.24
N GLN C 216 -10.77 -15.32 7.54
CA GLN C 216 -10.51 -14.30 8.58
C GLN C 216 -9.04 -13.93 8.58
N HIS C 217 -8.77 -12.63 8.41
CA HIS C 217 -7.49 -11.95 8.73
C HIS C 217 -7.73 -10.96 9.88
N TRP C 218 -6.66 -10.43 10.46
CA TRP C 218 -6.69 -9.23 11.34
C TRP C 218 -6.52 -7.97 10.49
N GLY C 219 -7.60 -7.24 10.29
CA GLY C 219 -7.54 -5.85 9.83
C GLY C 219 -6.94 -4.99 10.92
N HIS C 220 -6.50 -3.78 10.58
CA HIS C 220 -5.77 -2.87 11.49
C HIS C 220 -6.19 -1.43 11.21
N ALA C 221 -6.46 -0.67 12.26
CA ALA C 221 -6.66 0.79 12.17
C ALA C 221 -6.10 1.44 13.42
N THR C 222 -5.66 2.71 13.31
CA THR C 222 -4.98 3.43 14.41
C THR C 222 -5.69 4.77 14.66
N SER C 223 -5.54 5.27 15.87
CA SER C 223 -6.20 6.51 16.35
C SER C 223 -5.46 7.03 17.57
N ASP C 224 -5.40 8.35 17.73
CA ASP C 224 -4.90 9.01 18.95
C ASP C 224 -6.07 9.22 19.92
N ASP C 225 -7.32 9.23 19.44
CA ASP C 225 -8.49 9.69 20.23
C ASP C 225 -9.68 8.71 20.15
N LEU C 226 -9.54 7.58 19.44
CA LEU C 226 -10.56 6.51 19.29
C LEU C 226 -11.76 6.97 18.46
N TYR C 227 -11.62 8.08 17.71
CA TYR C 227 -12.67 8.58 16.80
C TYR C 227 -12.08 8.84 15.41
N HIS C 228 -10.89 9.43 15.31
CA HIS C 228 -10.22 9.72 14.01
C HIS C 228 -9.35 8.51 13.65
N TRP C 229 -9.88 7.62 12.80
CA TRP C 229 -9.24 6.32 12.48
C TRP C 229 -8.44 6.44 11.18
N THR C 230 -7.23 5.89 11.17
CA THR C 230 -6.42 5.70 9.94
C THR C 230 -6.33 4.21 9.62
N ASN C 231 -6.82 3.81 8.46
CA ASN C 231 -6.73 2.42 7.92
C ASN C 231 -5.26 2.09 7.64
N GLN C 232 -4.87 0.87 8.01
CA GLN C 232 -3.50 0.33 7.92
C GLN C 232 -3.53 -0.94 7.09
N PRO C 233 -2.37 -1.43 6.61
CA PRO C 233 -2.34 -2.74 5.93
C PRO C 233 -2.83 -3.85 6.87
N ILE C 234 -3.31 -4.95 6.29
CA ILE C 234 -3.70 -6.17 7.05
C ILE C 234 -2.50 -6.59 7.90
N ALA C 235 -2.72 -6.94 9.17
CA ALA C 235 -1.65 -7.18 10.17
C ALA C 235 -1.31 -8.66 10.30
N ILE C 236 -2.30 -9.56 10.28
CA ILE C 236 -2.08 -11.02 10.48
C ILE C 236 -2.85 -11.81 9.42
N PHE C 237 -2.14 -12.73 8.74
CA PHE C 237 -2.62 -13.51 7.58
C PHE C 237 -2.65 -14.98 7.97
N PRO C 238 -3.57 -15.78 7.38
CA PRO C 238 -3.56 -17.22 7.58
C PRO C 238 -2.38 -17.80 6.80
N PRO C 239 -1.74 -18.89 7.26
CA PRO C 239 -0.70 -19.59 6.49
C PRO C 239 -1.12 -19.95 5.06
N ASN C 240 -2.39 -20.32 4.83
CA ASN C 240 -2.89 -20.74 3.50
C ASN C 240 -4.38 -20.36 3.36
N SER C 241 -5.01 -20.79 2.26
CA SER C 241 -6.42 -20.44 1.89
C SER C 241 -7.45 -21.21 2.73
N THR C 242 -7.04 -22.26 3.43
CA THR C 242 -7.96 -23.22 4.12
C THR C 242 -7.79 -23.13 5.64
N SER C 243 -7.10 -22.10 6.12
CA SER C 243 -6.93 -21.73 7.54
C SER C 243 -7.42 -20.29 7.75
N GLN C 244 -7.79 -19.92 8.97
CA GLN C 244 -8.34 -18.58 9.30
C GLN C 244 -7.74 -18.09 10.62
N VAL C 245 -7.47 -16.78 10.69
CA VAL C 245 -6.98 -16.10 11.92
C VAL C 245 -8.23 -15.63 12.69
N PHE C 246 -8.56 -16.35 13.74
CA PHE C 246 -9.71 -16.09 14.65
C PHE C 246 -9.23 -15.07 15.70
N SER C 247 -10.06 -14.81 16.71
CA SER C 247 -9.86 -13.68 17.63
C SER C 247 -8.61 -13.88 18.49
N GLY C 248 -8.16 -12.82 19.11
CA GLY C 248 -7.06 -12.86 20.07
C GLY C 248 -6.76 -11.48 20.60
N SER C 249 -5.68 -11.36 21.37
CA SER C 249 -5.27 -10.12 22.06
C SER C 249 -3.83 -9.79 21.68
N ALA C 250 -3.37 -8.61 22.09
CA ALA C 250 -1.99 -8.13 21.83
C ALA C 250 -1.53 -7.42 23.09
N VAL C 251 -0.26 -7.62 23.47
CA VAL C 251 0.33 -6.98 24.69
C VAL C 251 1.67 -6.34 24.31
N LEU C 252 2.00 -5.26 25.00
CA LEU C 252 3.38 -4.69 25.01
C LEU C 252 4.24 -5.60 25.89
N ASP C 253 5.46 -5.92 25.43
CA ASP C 253 6.48 -6.70 26.18
C ASP C 253 7.72 -5.84 26.34
N PRO C 254 7.65 -4.73 27.12
CA PRO C 254 8.76 -3.79 27.21
C PRO C 254 10.02 -4.40 27.85
N ASN C 255 9.87 -5.36 28.75
CA ASN C 255 10.98 -6.01 29.50
C ASN C 255 11.52 -7.23 28.75
N ASN C 256 10.98 -7.53 27.56
CA ASN C 256 11.45 -8.64 26.68
C ASN C 256 11.41 -9.97 27.47
N THR C 257 10.28 -10.28 28.10
CA THR C 257 10.03 -11.60 28.74
C THR C 257 9.94 -12.69 27.67
N SER C 258 9.57 -12.31 26.43
CA SER C 258 9.32 -13.24 25.30
C SER C 258 10.62 -13.67 24.63
N GLY C 259 11.64 -12.81 24.64
CA GLY C 259 12.92 -13.04 23.96
C GLY C 259 12.89 -12.64 22.50
N PHE C 260 11.79 -12.06 22.01
CA PHE C 260 11.63 -11.62 20.61
C PHE C 260 12.25 -10.24 20.41
N PHE C 261 12.55 -9.52 21.51
CA PHE C 261 12.83 -8.06 21.49
C PHE C 261 14.16 -7.75 22.18
N PRO C 262 15.31 -8.25 21.67
CA PRO C 262 16.61 -7.94 22.26
C PRO C 262 17.02 -6.46 22.10
N ASN C 263 16.55 -5.79 21.04
CA ASN C 263 17.01 -4.42 20.64
C ASN C 263 15.88 -3.38 20.65
N THR C 264 14.73 -3.67 21.27
CA THR C 264 13.60 -2.71 21.37
C THR C 264 12.87 -2.90 22.71
N THR C 265 12.28 -1.83 23.20
CA THR C 265 11.36 -1.83 24.37
C THR C 265 9.92 -1.56 23.90
N ASP C 266 9.68 -1.51 22.58
CA ASP C 266 8.36 -1.18 21.97
C ASP C 266 7.79 -2.43 21.28
N GLY C 267 8.26 -3.63 21.65
CA GLY C 267 7.77 -4.89 21.06
C GLY C 267 6.31 -5.18 21.40
N VAL C 268 5.54 -5.63 20.40
CA VAL C 268 4.14 -6.09 20.55
C VAL C 268 4.10 -7.61 20.31
N VAL C 269 3.38 -8.35 21.15
CA VAL C 269 3.07 -9.79 20.94
C VAL C 269 1.55 -9.94 20.73
N ALA C 270 1.16 -10.54 19.61
CA ALA C 270 -0.22 -11.00 19.33
C ALA C 270 -0.32 -12.47 19.72
N VAL C 271 -1.37 -12.83 20.46
CA VAL C 271 -1.76 -14.24 20.77
C VAL C 271 -3.18 -14.44 20.24
N TYR C 272 -3.36 -15.38 19.32
CA TYR C 272 -4.60 -15.54 18.54
C TYR C 272 -4.87 -17.01 18.27
N THR C 273 -6.13 -17.32 17.99
CA THR C 273 -6.57 -18.65 17.53
C THR C 273 -6.35 -18.76 16.04
N LEU C 274 -5.66 -19.81 15.60
CA LEU C 274 -5.67 -20.25 14.18
C LEU C 274 -6.70 -21.36 14.05
N ASN C 275 -7.66 -21.17 13.15
CA ASN C 275 -8.68 -22.18 12.83
C ASN C 275 -8.19 -22.95 11.61
N THR C 276 -8.05 -24.27 11.75
CA THR C 276 -7.68 -25.23 10.67
C THR C 276 -8.92 -26.11 10.43
N PRO C 277 -8.97 -26.87 9.31
CA PRO C 277 -10.14 -27.70 9.01
C PRO C 277 -10.58 -28.61 10.18
N THR C 278 -9.64 -28.99 11.06
CA THR C 278 -9.82 -30.04 12.10
C THR C 278 -9.60 -29.52 13.51
N LEU C 279 -8.89 -28.40 13.70
CA LEU C 279 -8.44 -27.96 15.06
C LEU C 279 -8.56 -26.43 15.20
N GLN C 280 -8.59 -25.97 16.46
CA GLN C 280 -8.39 -24.57 16.87
C GLN C 280 -7.23 -24.56 17.87
N VAL C 281 -6.14 -23.87 17.55
CA VAL C 281 -4.92 -23.79 18.39
C VAL C 281 -4.56 -22.32 18.61
N GLN C 282 -3.89 -22.02 19.73
CA GLN C 282 -3.36 -20.68 20.08
C GLN C 282 -1.96 -20.53 19.49
N GLU C 283 -1.75 -19.46 18.73
CA GLU C 283 -0.50 -19.10 18.05
C GLU C 283 -0.01 -17.74 18.54
N VAL C 284 1.28 -17.47 18.37
CA VAL C 284 1.96 -16.23 18.79
C VAL C 284 2.59 -15.60 17.55
N ALA C 285 2.55 -14.28 17.45
CA ALA C 285 3.29 -13.48 16.45
C ALA C 285 3.80 -12.22 17.16
N TYR C 286 4.91 -11.67 16.69
CA TYR C 286 5.58 -10.52 17.34
C TYR C 286 5.85 -9.45 16.27
N SER C 287 5.95 -8.21 16.72
CA SER C 287 6.14 -7.01 15.88
C SER C 287 7.14 -6.08 16.56
N THR C 288 8.18 -5.69 15.83
CA THR C 288 9.24 -4.74 16.26
C THR C 288 8.94 -3.35 15.69
N ASP C 289 7.98 -3.23 14.77
CA ASP C 289 7.70 -1.95 14.03
C ASP C 289 6.47 -1.25 14.65
N GLY C 290 6.05 -1.63 15.85
CA GLY C 290 4.95 -0.97 16.59
C GLY C 290 3.58 -1.56 16.29
N GLY C 291 3.53 -2.79 15.78
CA GLY C 291 2.29 -3.59 15.62
C GLY C 291 1.67 -3.44 14.25
N TYR C 292 2.44 -3.09 13.23
CA TYR C 292 1.94 -2.93 11.83
C TYR C 292 2.21 -4.20 11.04
N ASN C 293 3.38 -4.80 11.25
CA ASN C 293 3.83 -6.05 10.58
C ASN C 293 4.24 -7.04 11.69
N PHE C 294 3.79 -8.28 11.53
CA PHE C 294 3.93 -9.37 12.52
C PHE C 294 4.72 -10.52 11.87
N THR C 295 5.57 -11.15 12.68
CA THR C 295 6.32 -12.37 12.29
C THR C 295 5.80 -13.52 13.15
N PRO C 296 5.35 -14.64 12.52
CA PRO C 296 4.96 -15.81 13.30
C PRO C 296 6.13 -16.30 14.17
N TYR C 297 5.82 -16.72 15.40
CA TYR C 297 6.74 -17.52 16.26
C TYR C 297 7.12 -18.79 15.47
N GLU C 298 8.38 -19.21 15.61
CA GLU C 298 8.99 -20.32 14.82
C GLU C 298 8.28 -21.64 15.19
N ASN C 299 7.98 -21.83 16.48
CA ASN C 299 7.49 -23.10 17.06
C ASN C 299 5.99 -23.02 17.34
N ASN C 300 5.22 -22.32 16.50
CA ASN C 300 3.72 -22.31 16.56
C ASN C 300 3.24 -23.71 16.25
N PRO C 301 2.10 -24.17 16.80
CA PRO C 301 1.37 -23.47 17.85
C PRO C 301 1.95 -23.60 19.25
N VAL C 302 1.52 -22.73 20.17
CA VAL C 302 2.04 -22.64 21.57
C VAL C 302 1.09 -23.37 22.52
N LEU C 303 -0.14 -23.68 22.11
CA LEU C 303 -1.18 -24.31 22.97
C LEU C 303 -2.24 -25.00 22.12
N SER C 304 -2.43 -26.29 22.30
CA SER C 304 -3.53 -27.11 21.72
C SER C 304 -4.06 -28.05 22.80
N VAL C 305 -5.33 -28.41 22.71
CA VAL C 305 -6.03 -29.37 23.62
C VAL C 305 -6.67 -30.47 22.76
N GLY C 306 -6.32 -30.52 21.48
CA GLY C 306 -6.86 -31.47 20.48
C GLY C 306 -8.34 -31.26 20.21
N SER C 307 -8.81 -30.01 20.26
CA SER C 307 -10.25 -29.61 20.13
C SER C 307 -10.40 -28.68 18.91
N ASN C 308 -11.57 -28.66 18.26
CA ASN C 308 -11.84 -27.61 17.22
C ASN C 308 -12.91 -26.65 17.74
N GLN C 309 -12.99 -26.49 19.06
CA GLN C 309 -13.84 -25.50 19.77
C GLN C 309 -13.01 -24.99 20.95
N PHE C 310 -11.96 -24.21 20.67
CA PHE C 310 -10.94 -23.77 21.67
C PHE C 310 -10.31 -22.47 21.18
N ARG C 311 -10.79 -21.30 21.64
CA ARG C 311 -10.48 -20.04 20.91
C ARG C 311 -10.64 -18.79 21.76
N ASP C 312 -10.11 -17.69 21.23
CA ASP C 312 -10.27 -16.28 21.70
C ASP C 312 -9.44 -16.04 22.95
N PRO C 313 -8.10 -16.18 22.89
CA PRO C 313 -7.25 -15.94 24.05
C PRO C 313 -7.13 -14.45 24.36
N LYS C 314 -7.32 -14.10 25.62
CA LYS C 314 -7.10 -12.75 26.15
C LYS C 314 -5.91 -12.82 27.13
N VAL C 315 -4.77 -12.23 26.76
CA VAL C 315 -3.51 -12.31 27.56
C VAL C 315 -3.32 -10.97 28.27
N PHE C 316 -2.86 -11.03 29.51
CA PHE C 316 -2.49 -9.84 30.31
C PHE C 316 -1.43 -10.21 31.35
N TRP C 317 -0.74 -9.20 31.86
CA TRP C 317 0.30 -9.34 32.90
C TRP C 317 -0.38 -9.26 34.27
N TYR C 318 -0.10 -10.22 35.15
CA TYR C 318 -0.53 -10.20 36.57
C TYR C 318 0.69 -10.37 37.47
N GLU C 319 1.15 -9.27 38.06
CA GLU C 319 2.26 -9.20 39.05
C GLU C 319 3.57 -9.71 38.42
N ASP C 320 3.73 -11.03 38.26
CA ASP C 320 5.04 -11.67 37.92
C ASP C 320 4.89 -12.72 36.81
N HIS C 321 3.76 -12.78 36.11
CA HIS C 321 3.54 -13.76 35.01
C HIS C 321 2.42 -13.31 34.07
N TRP C 322 2.41 -13.86 32.87
CA TRP C 322 1.32 -13.71 31.87
C TRP C 322 0.16 -14.64 32.25
N VAL C 323 -1.07 -14.17 32.08
CA VAL C 323 -2.33 -14.94 32.21
C VAL C 323 -3.01 -14.99 30.84
N MET C 324 -3.51 -16.16 30.44
CA MET C 324 -4.37 -16.33 29.25
C MET C 324 -5.74 -16.86 29.70
N ALA C 325 -6.80 -16.12 29.38
CA ALA C 325 -8.19 -16.62 29.41
C ALA C 325 -8.57 -17.03 27.99
N VAL C 326 -9.00 -18.28 27.81
CA VAL C 326 -9.37 -18.83 26.48
C VAL C 326 -10.64 -19.68 26.65
N ALA C 327 -11.50 -19.71 25.64
CA ALA C 327 -12.83 -20.36 25.72
C ALA C 327 -12.75 -21.80 25.19
N ALA C 328 -13.08 -22.78 26.03
CA ALA C 328 -13.54 -24.12 25.61
C ALA C 328 -15.03 -23.98 25.28
N ALA C 329 -15.30 -23.53 24.06
CA ALA C 329 -16.52 -22.78 23.66
C ALA C 329 -17.78 -23.61 23.92
N ASN C 330 -17.78 -24.85 23.44
CA ASN C 330 -18.95 -25.77 23.46
C ASN C 330 -19.02 -26.55 24.78
N ASP C 331 -18.08 -26.36 25.69
CA ASP C 331 -18.09 -26.95 27.06
C ASP C 331 -18.46 -25.87 28.08
N PHE C 332 -18.74 -24.64 27.62
CA PHE C 332 -19.13 -23.50 28.49
C PHE C 332 -18.08 -23.34 29.60
N THR C 333 -16.81 -23.34 29.22
CA THR C 333 -15.67 -23.22 30.16
C THR C 333 -14.69 -22.16 29.65
N ILE C 334 -14.27 -21.27 30.54
CA ILE C 334 -13.07 -20.40 30.34
C ILE C 334 -11.89 -21.06 31.05
N GLU C 335 -10.88 -21.48 30.29
CA GLU C 335 -9.61 -22.05 30.81
C GLU C 335 -8.62 -20.90 31.02
N ILE C 336 -8.04 -20.84 32.22
CA ILE C 336 -6.98 -19.87 32.62
C ILE C 336 -5.65 -20.61 32.62
N TYR C 337 -4.71 -20.13 31.80
CA TYR C 337 -3.31 -20.60 31.66
C TYR C 337 -2.35 -19.49 32.12
N THR C 338 -1.15 -19.90 32.55
CA THR C 338 -0.06 -18.98 32.98
C THR C 338 1.20 -19.27 32.17
N SER C 339 2.07 -18.27 32.05
CA SER C 339 3.32 -18.32 31.24
C SER C 339 4.26 -17.23 31.72
N PRO C 340 5.59 -17.50 31.76
CA PRO C 340 6.57 -16.44 31.98
C PRO C 340 7.04 -15.72 30.70
N ASN C 341 6.87 -16.32 29.52
CA ASN C 341 7.50 -15.83 28.26
C ASN C 341 6.50 -15.77 27.09
N LEU C 342 5.21 -16.07 27.31
CA LEU C 342 4.13 -16.02 26.29
C LEU C 342 4.22 -17.17 25.27
N THR C 343 5.18 -18.10 25.41
CA THR C 343 5.38 -19.22 24.44
C THR C 343 5.16 -20.59 25.11
N SER C 344 5.28 -20.65 26.44
CA SER C 344 5.13 -21.89 27.24
C SER C 344 3.99 -21.72 28.25
N TRP C 345 2.90 -22.46 28.06
CA TRP C 345 1.65 -22.25 28.82
C TRP C 345 1.36 -23.45 29.71
N THR C 346 1.01 -23.17 30.96
CA THR C 346 0.67 -24.17 32.00
C THR C 346 -0.77 -23.93 32.44
N PHE C 347 -1.62 -24.97 32.42
CA PHE C 347 -3.00 -24.93 32.95
C PHE C 347 -2.96 -24.43 34.40
N ALA C 348 -3.90 -23.56 34.76
CA ALA C 348 -4.08 -23.02 36.13
C ALA C 348 -5.46 -23.39 36.68
N SER C 349 -6.54 -23.11 35.95
CA SER C 349 -7.93 -23.26 36.47
C SER C 349 -8.99 -23.24 35.36
N ASN C 350 -10.20 -23.66 35.73
CA ASN C 350 -11.42 -23.67 34.89
C ASN C 350 -12.50 -22.83 35.57
N PHE C 351 -13.20 -22.01 34.80
CA PHE C 351 -14.44 -21.29 35.18
C PHE C 351 -15.54 -21.82 34.26
N THR C 352 -16.49 -22.62 34.79
CA THR C 352 -17.44 -23.36 33.92
C THR C 352 -18.91 -23.23 34.35
N HIS C 353 -19.81 -23.32 33.37
CA HIS C 353 -21.29 -23.33 33.56
C HIS C 353 -21.70 -22.20 34.49
N HIS C 354 -21.30 -20.98 34.14
CA HIS C 354 -21.73 -19.77 34.87
C HIS C 354 -22.69 -18.97 33.98
N GLY C 355 -23.69 -18.34 34.58
CA GLY C 355 -24.62 -17.42 33.91
C GLY C 355 -25.37 -18.10 32.78
N LEU C 356 -25.71 -17.35 31.74
CA LEU C 356 -26.40 -17.87 30.54
C LEU C 356 -25.38 -18.69 29.75
N LEU C 357 -25.77 -19.88 29.33
CA LEU C 357 -24.90 -20.79 28.55
C LEU C 357 -24.94 -20.37 27.07
N GLY C 358 -26.13 -20.02 26.56
CA GLY C 358 -26.38 -20.00 25.11
C GLY C 358 -25.88 -21.27 24.48
N LEU C 359 -25.27 -21.18 23.29
CA LEU C 359 -24.77 -22.38 22.58
C LEU C 359 -23.23 -22.45 22.65
N ALA C 360 -22.56 -21.39 23.11
CA ALA C 360 -21.08 -21.33 23.20
C ALA C 360 -20.61 -20.10 23.98
N TYR C 361 -19.59 -20.29 24.81
CA TYR C 361 -18.76 -19.23 25.45
C TYR C 361 -17.78 -18.71 24.39
N GLU C 362 -17.56 -17.40 24.33
CA GLU C 362 -16.66 -16.76 23.33
C GLU C 362 -16.03 -15.51 23.91
N CYS C 363 -14.94 -15.06 23.29
CA CYS C 363 -14.26 -13.76 23.54
C CYS C 363 -14.21 -13.43 25.04
N PRO C 364 -13.66 -14.34 25.88
CA PRO C 364 -13.48 -14.02 27.30
C PRO C 364 -12.59 -12.79 27.48
N ASN C 365 -12.93 -11.93 28.42
CA ASN C 365 -12.08 -10.82 28.91
C ASN C 365 -12.08 -10.88 30.42
N LEU C 366 -10.90 -10.91 31.03
CA LEU C 366 -10.73 -10.85 32.50
C LEU C 366 -10.00 -9.56 32.79
N VAL C 367 -10.70 -8.59 33.39
CA VAL C 367 -10.23 -7.18 33.48
C VAL C 367 -10.52 -6.62 34.87
N GLN C 368 -9.71 -5.64 35.25
CA GLN C 368 -9.83 -4.89 36.52
C GLN C 368 -10.54 -3.60 36.16
N VAL C 369 -11.67 -3.33 36.79
CA VAL C 369 -12.53 -2.17 36.43
C VAL C 369 -12.68 -1.30 37.68
N PRO C 370 -12.37 0.01 37.58
CA PRO C 370 -12.52 0.92 38.71
C PRO C 370 -13.99 1.20 39.07
N PHE C 371 -14.22 1.58 40.33
CA PHE C 371 -15.54 2.04 40.86
C PHE C 371 -15.81 3.44 40.31
N GLN C 372 -17.03 3.71 39.88
CA GLN C 372 -17.45 5.00 39.27
C GLN C 372 -17.29 6.13 40.30
N ASP C 373 -17.62 5.86 41.57
CA ASP C 373 -17.71 6.89 42.63
C ASP C 373 -16.37 7.03 43.36
N ASP C 374 -15.46 6.08 43.19
CA ASP C 374 -14.14 6.05 43.90
C ASP C 374 -13.07 5.42 43.02
N PRO C 375 -12.31 6.24 42.26
CA PRO C 375 -11.27 5.73 41.35
C PRO C 375 -10.19 4.83 41.98
N SER C 376 -10.00 4.91 43.31
CA SER C 376 -8.95 4.16 44.06
C SER C 376 -9.39 2.70 44.31
N LYS C 377 -10.69 2.41 44.22
CA LYS C 377 -11.25 1.03 44.38
C LYS C 377 -11.49 0.40 43.00
N SER C 378 -11.33 -0.92 42.92
CA SER C 378 -11.55 -1.72 41.68
C SER C 378 -12.03 -3.12 42.04
N ALA C 379 -12.59 -3.83 41.07
CA ALA C 379 -12.89 -5.27 41.19
C ALA C 379 -12.59 -5.94 39.85
N TRP C 380 -12.30 -7.24 39.90
CA TRP C 380 -12.09 -8.04 38.68
C TRP C 380 -13.47 -8.37 38.09
N LEU C 381 -13.49 -8.54 36.78
CA LEU C 381 -14.72 -8.80 35.99
C LEU C 381 -14.35 -9.82 34.93
N MET C 382 -15.07 -10.94 34.90
CA MET C 382 -15.05 -11.90 33.78
C MET C 382 -16.19 -11.49 32.84
N TYR C 383 -15.86 -11.04 31.62
CA TYR C 383 -16.86 -10.71 30.58
C TYR C 383 -16.84 -11.83 29.56
N ILE C 384 -18.00 -12.40 29.26
CA ILE C 384 -18.12 -13.53 28.30
C ILE C 384 -19.21 -13.19 27.30
N SER C 385 -18.90 -13.41 26.04
CA SER C 385 -19.86 -13.32 24.91
C SER C 385 -20.45 -14.71 24.67
N ILE C 386 -21.74 -14.79 24.40
CA ILE C 386 -22.40 -16.09 24.04
C ILE C 386 -23.12 -15.93 22.70
N ASN C 387 -23.02 -16.97 21.87
CA ASN C 387 -23.66 -17.01 20.52
C ASN C 387 -23.63 -18.43 19.97
N PRO C 388 -24.71 -18.91 19.33
CA PRO C 388 -26.05 -18.33 19.48
C PRO C 388 -26.62 -18.53 20.89
N GLY C 389 -27.94 -18.38 21.02
CA GLY C 389 -28.70 -18.76 22.24
C GLY C 389 -28.89 -17.64 23.25
N ALA C 390 -28.51 -16.39 22.94
CA ALA C 390 -28.85 -15.22 23.78
C ALA C 390 -30.37 -15.15 23.97
N PRO C 391 -30.86 -14.63 25.11
CA PRO C 391 -32.30 -14.44 25.33
C PRO C 391 -33.04 -13.70 24.21
N LEU C 392 -32.48 -12.59 23.72
CA LEU C 392 -33.15 -11.77 22.65
C LEU C 392 -32.89 -12.41 21.27
N GLY C 393 -32.11 -13.50 21.23
CA GLY C 393 -31.82 -14.23 19.99
C GLY C 393 -30.41 -13.89 19.52
N GLY C 394 -29.68 -14.91 19.09
CA GLY C 394 -28.31 -14.75 18.56
C GLY C 394 -27.31 -14.49 19.67
N SER C 395 -26.69 -13.32 19.60
CA SER C 395 -25.45 -12.99 20.35
C SER C 395 -25.71 -11.94 21.43
N VAL C 396 -25.02 -12.06 22.57
CA VAL C 396 -25.08 -11.08 23.69
C VAL C 396 -23.86 -11.31 24.61
N GLY C 397 -23.45 -10.27 25.32
CA GLY C 397 -22.41 -10.33 26.35
C GLY C 397 -23.00 -10.34 27.74
N GLN C 398 -22.29 -10.96 28.66
CA GLN C 398 -22.66 -11.04 30.10
C GLN C 398 -21.37 -10.94 30.90
N TYR C 399 -21.47 -10.65 32.19
CA TYR C 399 -20.30 -10.39 33.05
C TYR C 399 -20.55 -10.90 34.47
N PHE C 400 -19.45 -11.09 35.19
CA PHE C 400 -19.40 -11.65 36.57
C PHE C 400 -18.37 -10.83 37.35
N PRO C 401 -18.79 -10.02 38.34
CA PRO C 401 -17.82 -9.38 39.23
C PRO C 401 -17.26 -10.47 40.16
N GLY C 402 -15.97 -10.37 40.50
CA GLY C 402 -15.35 -11.35 41.40
C GLY C 402 -13.92 -10.99 41.76
N ASP C 403 -13.18 -12.01 42.20
CA ASP C 403 -11.78 -11.88 42.63
C ASP C 403 -10.92 -12.75 41.72
N PHE C 404 -9.77 -12.22 41.31
CA PHE C 404 -8.72 -12.96 40.58
C PHE C 404 -7.40 -12.81 41.38
N ASN C 405 -6.71 -13.92 41.60
CA ASN C 405 -5.49 -14.00 42.44
C ASN C 405 -4.29 -14.44 41.58
N GLY C 406 -4.44 -14.46 40.25
CA GLY C 406 -3.36 -14.77 39.30
C GLY C 406 -3.51 -16.16 38.68
N THR C 407 -4.33 -17.02 39.28
CA THR C 407 -4.55 -18.41 38.80
C THR C 407 -6.04 -18.72 38.66
N HIS C 408 -6.86 -18.27 39.62
CA HIS C 408 -8.28 -18.64 39.80
C HIS C 408 -9.14 -17.39 39.83
N PHE C 409 -10.21 -17.37 39.03
CA PHE C 409 -11.30 -16.37 39.16
C PHE C 409 -12.45 -16.99 39.95
N VAL C 410 -12.92 -16.28 40.97
CA VAL C 410 -14.07 -16.69 41.82
C VAL C 410 -15.11 -15.57 41.80
N ALA C 411 -16.27 -15.82 41.20
CA ALA C 411 -17.42 -14.90 41.17
C ALA C 411 -17.85 -14.61 42.61
N TYR C 412 -18.32 -13.40 42.90
CA TYR C 412 -18.83 -13.02 44.24
C TYR C 412 -20.16 -13.73 44.52
N ASP C 413 -20.94 -14.06 43.48
CA ASP C 413 -22.24 -14.76 43.61
C ASP C 413 -22.47 -15.60 42.34
N SER C 414 -23.63 -16.25 42.24
CA SER C 414 -24.00 -17.16 41.11
C SER C 414 -24.99 -16.46 40.17
N ALA C 415 -25.16 -15.14 40.29
CA ALA C 415 -26.09 -14.35 39.46
C ALA C 415 -25.53 -14.18 38.04
N ALA C 416 -26.43 -14.14 37.06
CA ALA C 416 -26.14 -13.84 35.64
C ALA C 416 -26.47 -12.36 35.41
N ARG C 417 -25.60 -11.63 34.70
CA ARG C 417 -25.82 -10.18 34.43
C ARG C 417 -25.49 -9.86 32.97
N ILE C 418 -26.44 -9.26 32.25
CA ILE C 418 -26.36 -8.92 30.81
C ILE C 418 -25.93 -7.46 30.66
N ALA C 419 -25.05 -7.15 29.71
CA ALA C 419 -24.36 -5.84 29.58
C ALA C 419 -25.27 -4.78 28.96
N ASP C 420 -26.00 -5.13 27.89
CA ASP C 420 -26.73 -4.20 26.98
C ASP C 420 -28.17 -4.70 26.91
N PHE C 421 -29.18 -3.82 26.92
CA PHE C 421 -30.60 -4.26 26.94
C PHE C 421 -31.19 -4.35 25.52
N ALA C 422 -30.39 -4.13 24.47
CA ALA C 422 -30.77 -4.41 23.06
C ALA C 422 -29.93 -5.57 22.49
N LYS C 423 -29.82 -5.69 21.17
CA LYS C 423 -29.36 -6.92 20.45
C LYS C 423 -28.00 -6.70 19.78
N ASP C 424 -27.54 -5.47 19.62
CA ASP C 424 -26.47 -5.12 18.64
C ASP C 424 -25.18 -4.69 19.37
N ASN C 425 -24.73 -5.48 20.34
CA ASN C 425 -23.48 -5.25 21.10
C ASN C 425 -22.89 -6.60 21.47
N TYR C 426 -21.73 -6.94 20.92
CA TYR C 426 -21.15 -8.30 21.07
C TYR C 426 -19.63 -8.22 21.03
N ALA C 427 -18.97 -9.15 21.72
CA ALA C 427 -17.53 -9.42 21.60
C ALA C 427 -16.75 -8.19 22.06
N SER C 428 -17.20 -7.53 23.13
CA SER C 428 -16.43 -6.43 23.76
C SER C 428 -14.99 -6.91 24.02
N GLN C 429 -14.00 -6.09 23.66
CA GLN C 429 -12.59 -6.31 24.06
C GLN C 429 -12.08 -5.03 24.72
N TRP C 430 -11.38 -5.20 25.84
CA TRP C 430 -10.72 -4.11 26.58
C TRP C 430 -9.32 -3.85 26.01
N PHE C 431 -8.96 -2.57 25.89
CA PHE C 431 -7.63 -2.10 25.44
C PHE C 431 -6.59 -2.44 26.52
N ALA C 432 -5.54 -3.18 26.14
CA ALA C 432 -4.33 -3.41 26.95
C ALA C 432 -3.52 -2.11 27.05
N ASP C 433 -2.79 -1.95 28.16
CA ASP C 433 -1.71 -0.94 28.34
C ASP C 433 -2.26 0.49 28.25
N THR C 434 -3.44 0.76 28.80
CA THR C 434 -4.05 2.13 28.85
C THR C 434 -3.39 2.95 29.98
N GLU C 435 -3.49 4.28 29.90
CA GLU C 435 -3.06 5.25 30.96
C GLU C 435 -3.81 4.96 32.26
N ASN C 436 -3.14 5.15 33.40
CA ASN C 436 -3.48 4.61 34.75
C ASN C 436 -4.97 4.72 35.04
N GLY C 437 -5.59 3.58 35.42
CA GLY C 437 -6.99 3.49 35.88
C GLY C 437 -7.98 3.21 34.75
N GLU C 438 -7.75 3.80 33.57
CA GLU C 438 -8.73 3.88 32.46
C GLU C 438 -9.09 2.47 31.95
N SER C 439 -10.34 2.04 32.20
CA SER C 439 -10.94 0.83 31.57
C SER C 439 -11.61 1.28 30.27
N ILE C 440 -10.99 0.94 29.13
CA ILE C 440 -11.46 1.36 27.77
C ILE C 440 -11.80 0.09 27.02
N SER C 441 -13.00 0.02 26.45
CA SER C 441 -13.47 -1.16 25.68
C SER C 441 -14.11 -0.70 24.38
N ILE C 442 -14.24 -1.63 23.44
CA ILE C 442 -15.01 -1.43 22.18
C ILE C 442 -15.63 -2.77 21.83
N ALA C 443 -16.77 -2.72 21.15
CA ALA C 443 -17.57 -3.91 20.82
C ALA C 443 -17.96 -3.82 19.36
N TRP C 444 -18.37 -4.95 18.81
CA TRP C 444 -18.93 -5.08 17.46
C TRP C 444 -20.44 -4.82 17.57
N ALA C 445 -20.94 -3.88 16.78
CA ALA C 445 -22.30 -3.32 16.91
C ALA C 445 -23.19 -4.06 15.94
N SER C 446 -23.34 -5.37 16.13
CA SER C 446 -24.25 -6.17 15.28
C SER C 446 -24.72 -7.39 16.08
N ASN C 447 -25.45 -8.27 15.40
CA ASN C 447 -26.00 -9.52 15.97
C ASN C 447 -25.85 -10.60 14.90
N TRP C 448 -25.33 -11.77 15.29
CA TRP C 448 -25.04 -12.88 14.35
C TRP C 448 -26.29 -13.33 13.60
N GLN C 449 -27.50 -13.08 14.11
CA GLN C 449 -28.73 -13.55 13.44
C GLN C 449 -28.97 -12.80 12.12
N TYR C 450 -28.49 -11.57 11.96
CA TYR C 450 -28.77 -10.80 10.73
C TYR C 450 -27.54 -10.04 10.22
N THR C 451 -26.39 -10.17 10.86
CA THR C 451 -25.21 -9.33 10.50
C THR C 451 -24.82 -9.56 9.03
N GLN C 452 -25.03 -10.76 8.51
CA GLN C 452 -24.58 -11.15 7.15
C GLN C 452 -25.65 -10.81 6.10
N GLN C 453 -26.79 -10.28 6.54
CA GLN C 453 -27.96 -9.97 5.68
C GLN C 453 -28.27 -8.47 5.69
N VAL C 454 -27.59 -7.64 6.49
CA VAL C 454 -27.94 -6.19 6.63
C VAL C 454 -27.65 -5.48 5.31
N PRO C 455 -28.50 -4.50 4.90
CA PRO C 455 -28.48 -3.97 3.53
C PRO C 455 -27.46 -2.86 3.30
N THR C 456 -26.19 -3.11 3.62
CA THR C 456 -25.09 -2.10 3.57
C THR C 456 -24.00 -2.51 2.57
N SER C 457 -24.09 -3.70 1.98
CA SER C 457 -23.07 -4.21 1.02
C SER C 457 -23.01 -3.37 -0.27
N ALA C 458 -24.13 -2.81 -0.70
CA ALA C 458 -24.20 -1.83 -1.82
C ALA C 458 -23.38 -0.58 -1.50
N GLN C 459 -23.04 -0.38 -0.21
CA GLN C 459 -22.27 0.81 0.26
C GLN C 459 -20.87 0.38 0.71
N ALA C 460 -20.45 -0.81 0.31
CA ALA C 460 -19.05 -1.26 0.33
C ALA C 460 -18.65 -1.75 1.73
N PHE C 461 -19.58 -2.03 2.64
CA PHE C 461 -19.23 -2.53 3.99
C PHE C 461 -20.36 -3.36 4.60
N ARG C 462 -20.00 -4.19 5.56
CA ARG C 462 -20.97 -4.84 6.47
C ARG C 462 -20.32 -4.81 7.86
N SER C 463 -20.98 -4.16 8.83
CA SER C 463 -20.65 -4.20 10.28
C SER C 463 -19.84 -2.98 10.68
N ALA C 464 -20.05 -2.50 11.91
CA ALA C 464 -19.26 -1.41 12.48
C ALA C 464 -19.00 -1.69 13.96
N MET C 465 -17.98 -1.05 14.52
CA MET C 465 -17.76 -1.09 15.98
C MET C 465 -18.74 -0.14 16.69
N SER C 466 -18.98 -0.41 17.97
CA SER C 466 -19.67 0.49 18.93
C SER C 466 -18.83 1.75 19.08
N LEU C 467 -19.39 2.79 19.71
CA LEU C 467 -18.55 3.87 20.27
C LEU C 467 -17.56 3.22 21.21
N PRO C 468 -16.29 3.72 21.28
CA PRO C 468 -15.38 3.30 22.33
C PRO C 468 -16.03 3.71 23.66
N ARG C 469 -15.80 2.91 24.70
CA ARG C 469 -16.50 3.05 25.99
C ARG C 469 -15.47 3.23 27.11
N ARG C 470 -15.77 4.10 28.06
CA ARG C 470 -15.12 4.12 29.39
C ARG C 470 -15.95 3.24 30.31
N ASN C 471 -15.33 2.32 31.05
CA ASN C 471 -16.05 1.35 31.90
C ASN C 471 -15.81 1.65 33.38
N TYR C 472 -16.83 1.44 34.19
CA TYR C 472 -16.76 1.51 35.68
C TYR C 472 -17.65 0.41 36.25
N LEU C 473 -17.49 0.14 37.54
CA LEU C 473 -18.44 -0.68 38.35
C LEU C 473 -19.16 0.26 39.32
N THR C 474 -20.45 0.05 39.52
CA THR C 474 -21.24 0.79 40.53
C THR C 474 -22.22 -0.19 41.19
N ASN C 475 -22.81 0.24 42.31
CA ASN C 475 -23.98 -0.40 42.96
C ASN C 475 -25.19 0.44 42.60
N ILE C 476 -26.20 -0.20 42.00
CA ILE C 476 -27.51 0.45 41.71
C ILE C 476 -28.52 -0.12 42.71
N THR C 477 -29.55 0.67 43.02
CA THR C 477 -30.58 0.34 44.04
C THR C 477 -31.15 -1.05 43.77
N ARG C 478 -31.15 -1.90 44.80
CA ARG C 478 -31.71 -3.27 44.85
C ARG C 478 -30.81 -4.26 44.10
N LEU C 479 -30.52 -4.00 42.82
CA LEU C 479 -29.83 -4.97 41.93
C LEU C 479 -28.38 -5.17 42.37
N GLY C 480 -27.75 -4.13 42.94
CA GLY C 480 -26.33 -4.18 43.34
C GLY C 480 -25.40 -4.01 42.15
N TRP C 481 -24.48 -4.95 41.94
CA TRP C 481 -23.34 -4.85 40.99
C TRP C 481 -23.84 -4.50 39.59
N ASP C 482 -23.20 -3.53 38.95
CA ASP C 482 -23.58 -3.05 37.59
C ASP C 482 -22.35 -2.60 36.83
N LEU C 483 -22.19 -3.08 35.59
CA LEU C 483 -21.12 -2.61 34.66
C LEU C 483 -21.60 -1.31 34.02
N VAL C 484 -20.93 -0.21 34.33
CA VAL C 484 -21.19 1.14 33.75
C VAL C 484 -20.44 1.25 32.42
N SER C 485 -21.13 1.74 31.40
CA SER C 485 -20.57 1.99 30.05
C SER C 485 -20.94 3.42 29.62
N LEU C 486 -19.95 4.27 29.37
CA LEU C 486 -20.15 5.65 28.85
C LEU C 486 -19.33 5.84 27.58
N PRO C 487 -19.74 6.73 26.65
CA PRO C 487 -18.93 7.01 25.47
C PRO C 487 -17.56 7.55 25.91
N TYR C 488 -16.47 7.07 25.31
CA TYR C 488 -15.12 7.66 25.53
C TYR C 488 -15.17 9.10 25.00
N ASP C 489 -14.60 10.04 25.77
CA ASP C 489 -14.52 11.50 25.48
C ASP C 489 -14.87 11.81 24.01
N LEU C 490 -16.05 12.39 23.80
CA LEU C 490 -16.65 12.68 22.47
C LEU C 490 -16.17 14.04 21.94
N SER C 491 -15.45 14.84 22.74
CA SER C 491 -15.15 16.27 22.44
C SER C 491 -14.52 16.44 21.05
N PRO C 492 -13.61 15.55 20.57
CA PRO C 492 -13.03 15.70 19.24
C PRO C 492 -13.99 15.62 18.03
N VAL C 493 -15.21 15.13 18.22
CA VAL C 493 -16.20 15.00 17.10
C VAL C 493 -17.41 15.91 17.33
N VAL C 494 -17.51 16.55 18.49
CA VAL C 494 -18.67 17.42 18.87
C VAL C 494 -18.59 18.72 18.06
N GLY C 495 -19.57 18.93 17.17
CA GLY C 495 -19.69 20.16 16.35
C GLY C 495 -20.56 21.21 17.03
N PRO C 496 -21.13 22.16 16.27
CA PRO C 496 -21.90 23.26 16.86
C PRO C 496 -23.27 22.82 17.40
N SER C 497 -23.74 23.55 18.42
CA SER C 497 -25.06 23.37 19.06
C SER C 497 -26.19 23.52 18.03
N LEU C 498 -27.19 22.64 18.10
CA LEU C 498 -28.42 22.69 17.26
C LEU C 498 -29.58 23.19 18.11
N LEU C 499 -29.55 22.92 19.41
CA LEU C 499 -30.61 23.30 20.37
C LEU C 499 -30.07 23.22 21.80
N SER C 500 -30.37 24.23 22.60
CA SER C 500 -30.27 24.21 24.09
C SER C 500 -31.64 24.66 24.60
N SER C 501 -32.25 23.90 25.51
CA SER C 501 -33.62 24.15 26.03
C SER C 501 -33.66 23.78 27.51
N SER C 502 -34.40 24.58 28.28
CA SER C 502 -34.64 24.37 29.75
C SER C 502 -36.13 24.14 29.98
N GLU C 503 -36.90 23.95 28.91
CA GLU C 503 -38.38 23.87 28.95
C GLU C 503 -38.81 22.47 29.40
N ALA C 504 -39.57 22.40 30.50
CA ALA C 504 -40.27 21.16 30.91
C ALA C 504 -41.63 21.11 30.19
N ASN C 505 -42.21 19.92 30.07
CA ASN C 505 -43.54 19.71 29.43
C ASN C 505 -43.60 20.38 28.06
N SER C 506 -42.52 20.28 27.26
CA SER C 506 -42.54 20.85 25.89
C SER C 506 -42.11 19.83 24.86
N THR C 507 -42.22 20.18 23.58
CA THR C 507 -41.73 19.35 22.46
C THR C 507 -40.70 20.18 21.70
N ALA C 508 -39.45 19.70 21.66
CA ALA C 508 -38.34 20.37 20.94
C ALA C 508 -38.15 19.65 19.60
N ASP C 509 -38.27 20.39 18.50
CA ASP C 509 -38.06 19.88 17.13
C ASP C 509 -36.68 20.33 16.67
N VAL C 510 -35.80 19.37 16.39
CA VAL C 510 -34.39 19.64 15.99
C VAL C 510 -34.20 19.05 14.59
N ASP C 511 -34.09 19.92 13.58
CA ASP C 511 -33.75 19.56 12.18
C ASP C 511 -32.22 19.46 12.09
N PHE C 512 -31.70 18.41 11.45
CA PHE C 512 -30.24 18.27 11.21
C PHE C 512 -29.98 17.77 9.79
N THR C 513 -30.87 18.09 8.86
CA THR C 513 -30.67 17.88 7.39
C THR C 513 -29.45 18.69 6.92
N ASN C 514 -29.07 19.74 7.66
CA ASN C 514 -27.92 20.66 7.45
C ASN C 514 -26.61 20.03 7.94
N VAL C 515 -26.68 19.05 8.86
CA VAL C 515 -25.51 18.33 9.42
C VAL C 515 -25.12 17.21 8.44
N THR C 516 -24.04 17.40 7.68
CA THR C 516 -23.60 16.50 6.59
C THR C 516 -23.20 15.12 7.14
N SER C 517 -22.64 15.05 8.36
CA SER C 517 -22.33 13.76 9.04
C SER C 517 -23.61 12.92 9.17
N ASN C 518 -24.77 13.56 9.32
CA ASN C 518 -26.07 12.91 9.64
C ASN C 518 -25.89 12.16 10.96
N ALA C 519 -25.11 12.75 11.87
CA ALA C 519 -24.79 12.21 13.22
C ALA C 519 -24.97 13.31 14.27
N VAL C 520 -25.67 12.99 15.37
CA VAL C 520 -25.94 13.95 16.46
C VAL C 520 -25.66 13.30 17.81
N TRP C 521 -25.23 14.11 18.75
CA TRP C 521 -25.15 13.81 20.20
C TRP C 521 -26.27 14.58 20.89
N PHE C 522 -26.88 14.01 21.93
CA PHE C 522 -27.88 14.72 22.75
C PHE C 522 -27.70 14.28 24.19
N SER C 523 -28.00 15.21 25.09
CA SER C 523 -27.98 15.03 26.56
C SER C 523 -29.32 15.56 27.10
N LEU C 524 -29.98 14.78 27.93
CA LEU C 524 -31.23 15.18 28.62
C LEU C 524 -31.04 14.90 30.11
N ASN C 525 -31.02 15.95 30.93
CA ASN C 525 -31.04 15.84 32.41
C ASN C 525 -32.47 16.18 32.89
N VAL C 526 -32.99 15.38 33.81
CA VAL C 526 -34.31 15.63 34.46
C VAL C 526 -34.06 15.52 35.97
N THR C 527 -34.26 16.62 36.69
CA THR C 527 -34.14 16.66 38.17
C THR C 527 -35.55 16.87 38.75
N LEU C 528 -36.09 15.83 39.37
CA LEU C 528 -37.41 15.88 40.06
C LEU C 528 -37.23 16.67 41.36
N PRO C 529 -38.28 17.40 41.82
CA PRO C 529 -38.24 18.02 43.13
C PRO C 529 -38.13 16.92 44.20
N ASP C 530 -37.47 17.21 45.32
CA ASP C 530 -37.19 16.22 46.39
C ASP C 530 -38.52 15.67 46.94
N ALA C 531 -39.61 16.44 46.85
CA ALA C 531 -40.98 16.01 47.22
C ALA C 531 -41.37 14.76 46.43
N ALA C 532 -41.28 14.83 45.09
CA ALA C 532 -41.59 13.74 44.14
C ALA C 532 -40.67 12.54 44.37
N ILE C 533 -39.42 12.78 44.77
CA ILE C 533 -38.44 11.68 45.05
C ILE C 533 -38.83 11.00 46.36
N GLN C 534 -39.35 11.77 47.31
CA GLN C 534 -39.71 11.30 48.68
C GLN C 534 -41.08 10.62 48.68
N ASN C 535 -41.91 10.93 47.68
CA ASN C 535 -43.27 10.36 47.56
C ASN C 535 -43.59 10.18 46.08
N ALA C 536 -43.30 9.00 45.51
CA ALA C 536 -43.44 8.72 44.07
C ALA C 536 -44.90 8.88 43.62
N SER C 537 -45.86 8.64 44.52
CA SER C 537 -47.33 8.73 44.23
C SER C 537 -47.75 10.18 43.90
N LEU C 538 -46.88 11.15 44.18
CA LEU C 538 -47.06 12.58 43.79
C LEU C 538 -46.98 12.73 42.27
N ILE C 539 -46.32 11.78 41.59
CA ILE C 539 -46.08 11.84 40.12
C ILE C 539 -47.34 11.34 39.41
N SER C 540 -47.81 12.10 38.43
CA SER C 540 -49.00 11.73 37.60
C SER C 540 -48.64 10.57 36.67
N ALA C 541 -49.64 9.75 36.35
CA ALA C 541 -49.52 8.52 35.51
C ALA C 541 -49.00 8.86 34.11
N ASP C 542 -49.14 10.10 33.66
CA ASP C 542 -48.77 10.54 32.27
C ASP C 542 -47.37 11.20 32.25
N ALA C 543 -46.63 11.20 33.35
CA ALA C 543 -45.26 11.76 33.44
C ALA C 543 -44.31 10.88 32.62
N SER C 544 -43.81 11.42 31.51
CA SER C 544 -43.15 10.64 30.44
C SER C 544 -42.15 11.47 29.64
N ILE C 545 -41.18 10.79 29.05
CA ILE C 545 -40.23 11.34 28.04
C ILE C 545 -40.41 10.52 26.76
N ASN C 546 -40.54 11.20 25.62
CA ASN C 546 -40.71 10.59 24.29
C ASN C 546 -39.69 11.24 23.36
N ILE C 547 -38.78 10.43 22.80
CA ILE C 547 -37.77 10.86 21.79
C ILE C 547 -38.03 10.07 20.53
N THR C 548 -38.21 10.75 19.41
CA THR C 548 -38.52 10.13 18.09
C THR C 548 -37.52 10.69 17.08
N PHE C 549 -36.96 9.83 16.24
CA PHE C 549 -36.09 10.19 15.09
C PHE C 549 -36.93 10.04 13.83
N LEU C 550 -37.04 11.11 13.03
CA LEU C 550 -38.06 11.22 11.94
C LEU C 550 -37.36 11.26 10.58
N PRO C 551 -37.97 10.65 9.54
CA PRO C 551 -37.36 10.64 8.21
C PRO C 551 -37.22 12.04 7.60
N SER C 552 -36.15 12.24 6.84
CA SER C 552 -35.87 13.48 6.05
C SER C 552 -36.94 13.64 4.96
N THR C 553 -37.36 14.88 4.74
CA THR C 553 -38.25 15.30 3.63
C THR C 553 -37.41 15.46 2.37
N LYS C 554 -36.17 15.96 2.52
CA LYS C 554 -35.22 16.30 1.43
C LYS C 554 -34.72 15.01 0.76
N SER C 558 -34.57 11.68 -0.19
CA SER C 558 -35.47 10.75 0.54
C SER C 558 -36.21 9.86 -0.47
N SER C 559 -36.71 8.71 -0.01
CA SER C 559 -37.14 7.54 -0.83
C SER C 559 -35.90 6.75 -1.26
N SER C 563 -44.59 5.26 5.68
CA SER C 563 -43.66 6.24 5.05
C SER C 563 -43.24 7.33 6.05
N ASP C 564 -44.14 7.72 6.96
CA ASP C 564 -43.93 8.84 7.92
C ASP C 564 -43.54 8.30 9.30
N SER C 565 -43.48 6.97 9.46
CA SER C 565 -43.07 6.28 10.71
C SER C 565 -41.70 6.79 11.17
N PRO C 566 -41.52 7.03 12.50
CA PRO C 566 -40.19 7.25 13.06
C PRO C 566 -39.24 6.08 12.80
N ALA C 567 -37.95 6.37 12.62
CA ALA C 567 -36.87 5.39 12.42
C ALA C 567 -36.52 4.75 13.77
N ALA C 568 -36.67 5.50 14.85
CA ALA C 568 -36.34 5.05 16.22
C ALA C 568 -37.14 5.88 17.23
N THR C 569 -37.51 5.27 18.35
CA THR C 569 -38.26 5.91 19.45
C THR C 569 -37.64 5.49 20.78
N LEU C 570 -37.73 6.37 21.77
CA LEU C 570 -37.42 6.07 23.18
C LEU C 570 -38.55 6.68 24.02
N THR C 571 -39.18 5.84 24.83
CA THR C 571 -40.32 6.21 25.71
C THR C 571 -39.98 5.78 27.12
N TYR C 572 -40.08 6.70 28.08
CA TYR C 572 -39.87 6.38 29.52
C TYR C 572 -41.08 6.90 30.30
N PHE C 573 -41.59 6.10 31.22
CA PHE C 573 -42.71 6.45 32.14
C PHE C 573 -42.16 6.51 33.56
N TYR C 574 -42.39 7.65 34.25
CA TYR C 574 -41.98 7.84 35.66
C TYR C 574 -42.90 7.04 36.60
N ALA C 575 -44.18 6.89 36.25
CA ALA C 575 -45.20 6.24 37.10
C ALA C 575 -46.17 5.44 36.23
N GLY C 576 -47.44 5.33 36.63
CA GLY C 576 -48.48 4.62 35.86
C GLY C 576 -48.30 3.11 35.98
N LEU C 577 -48.87 2.36 35.04
CA LEU C 577 -48.96 0.87 35.10
C LEU C 577 -47.60 0.24 34.76
N THR C 578 -46.77 0.92 33.96
CA THR C 578 -45.41 0.46 33.60
C THR C 578 -44.37 1.44 34.16
N ASN C 579 -44.41 1.67 35.48
CA ASN C 579 -43.54 2.67 36.16
C ASN C 579 -42.08 2.23 36.02
N GLY C 580 -41.23 3.14 35.52
CA GLY C 580 -39.77 2.94 35.40
C GLY C 580 -39.38 2.24 34.09
N ALA C 581 -40.36 1.85 33.27
CA ALA C 581 -40.12 1.12 32.01
C ALA C 581 -39.60 2.10 30.96
N LEU C 582 -38.44 1.77 30.40
CA LEU C 582 -37.86 2.47 29.23
C LEU C 582 -38.04 1.53 28.03
N ALA C 583 -38.70 2.01 26.98
CA ALA C 583 -38.88 1.31 25.68
C ALA C 583 -38.01 1.98 24.63
N LEU C 584 -37.22 1.17 23.93
CA LEU C 584 -36.42 1.57 22.74
C LEU C 584 -36.95 0.77 21.56
N THR C 585 -37.35 1.44 20.47
CA THR C 585 -37.98 0.78 19.29
C THR C 585 -37.34 1.26 17.98
N ARG C 586 -37.26 0.35 17.01
CA ARG C 586 -36.96 0.63 15.58
C ARG C 586 -38.17 0.13 14.80
N PRO C 587 -39.23 0.95 14.62
CA PRO C 587 -40.50 0.45 14.09
C PRO C 587 -40.36 -0.27 12.73
N ALA C 588 -41.05 -1.39 12.60
CA ALA C 588 -41.10 -2.23 11.39
C ALA C 588 -41.52 -1.37 10.19
N ALA C 589 -42.52 -0.50 10.36
CA ALA C 589 -43.11 0.36 9.29
C ALA C 589 -42.05 1.27 8.66
N SER C 590 -40.95 1.59 9.36
CA SER C 590 -39.89 2.54 8.90
C SER C 590 -38.95 1.87 7.89
N SER C 591 -38.87 0.54 7.91
CA SER C 591 -37.84 -0.25 7.19
C SER C 591 -38.46 -1.48 6.53
N SER C 592 -38.43 -1.51 5.21
CA SER C 592 -38.87 -2.67 4.38
C SER C 592 -37.98 -3.88 4.71
N TRP C 593 -36.67 -3.70 4.68
CA TRP C 593 -35.70 -4.78 5.00
C TRP C 593 -35.94 -5.29 6.43
N GLY C 594 -36.06 -4.37 7.39
CA GLY C 594 -36.24 -4.69 8.83
C GLY C 594 -37.49 -5.51 9.08
N ALA C 595 -38.61 -5.13 8.48
CA ALA C 595 -39.94 -5.76 8.69
C ALA C 595 -39.88 -7.22 8.22
N GLU C 596 -39.20 -7.48 7.11
CA GLU C 596 -39.17 -8.82 6.47
C GLU C 596 -38.18 -9.75 7.21
N ASN C 597 -37.06 -9.23 7.75
CA ASN C 597 -36.05 -10.10 8.43
C ASN C 597 -36.68 -10.71 9.68
N PRO C 598 -36.84 -12.04 9.77
CA PRO C 598 -37.52 -12.65 10.90
C PRO C 598 -36.82 -12.57 12.27
N PHE C 599 -35.58 -12.07 12.33
CA PHE C 599 -34.80 -11.98 13.60
C PHE C 599 -34.55 -10.51 14.03
N PHE C 600 -34.90 -9.53 13.18
CA PHE C 600 -34.65 -8.09 13.43
C PHE C 600 -35.75 -7.52 14.31
N THR C 601 -35.65 -7.82 15.61
CA THR C 601 -36.60 -7.42 16.68
C THR C 601 -36.80 -5.91 16.67
N ASP C 602 -38.05 -5.46 16.83
CA ASP C 602 -38.45 -4.03 16.71
C ASP C 602 -38.33 -3.32 18.07
N LYS C 603 -38.47 -4.01 19.19
CA LYS C 603 -38.74 -3.37 20.51
C LYS C 603 -37.93 -4.04 21.63
N PHE C 604 -37.34 -3.19 22.47
CA PHE C 604 -36.42 -3.52 23.58
C PHE C 604 -36.85 -2.70 24.80
N SER C 605 -36.65 -3.22 26.01
CA SER C 605 -36.95 -2.44 27.23
C SER C 605 -35.98 -2.79 28.35
N TYR C 606 -35.82 -1.82 29.24
CA TYR C 606 -35.17 -1.96 30.57
C TYR C 606 -36.09 -1.26 31.57
N THR C 607 -36.19 -1.79 32.78
CA THR C 607 -36.99 -1.14 33.85
C THR C 607 -36.03 -0.64 34.94
N LEU C 608 -36.09 0.66 35.20
CA LEU C 608 -35.32 1.33 36.29
C LEU C 608 -36.08 1.15 37.61
N VAL C 609 -35.36 1.09 38.71
CA VAL C 609 -35.95 1.28 40.08
C VAL C 609 -35.95 2.79 40.38
N ASP C 610 -34.78 3.41 40.33
CA ASP C 610 -34.59 4.88 40.50
C ASP C 610 -35.22 5.59 39.31
N PRO C 611 -35.76 6.82 39.47
CA PRO C 611 -36.23 7.58 38.32
C PRO C 611 -35.08 7.87 37.33
N LEU C 612 -35.43 8.09 36.07
CA LEU C 612 -34.47 8.53 35.02
C LEU C 612 -34.07 9.97 35.32
N THR C 613 -32.77 10.20 35.55
CA THR C 613 -32.21 11.55 35.83
C THR C 613 -31.35 12.03 34.66
N SER C 614 -30.73 11.10 33.92
CA SER C 614 -29.84 11.47 32.77
C SER C 614 -29.98 10.45 31.63
N LEU C 615 -29.88 10.99 30.42
CA LEU C 615 -29.97 10.24 29.16
C LEU C 615 -29.01 10.89 28.16
N VAL C 616 -28.02 10.12 27.70
CA VAL C 616 -27.07 10.53 26.63
C VAL C 616 -27.31 9.62 25.43
N GLY C 617 -27.28 10.20 24.24
CA GLY C 617 -27.55 9.47 22.99
C GLY C 617 -26.60 9.91 21.90
N VAL C 618 -26.25 8.97 21.01
CA VAL C 618 -25.53 9.25 19.75
C VAL C 618 -26.28 8.52 18.64
N PHE C 619 -26.69 9.27 17.62
CA PHE C 619 -27.27 8.74 16.36
C PHE C 619 -26.20 8.94 15.29
N ASP C 620 -25.92 7.91 14.48
CA ASP C 620 -24.89 7.98 13.42
C ASP C 620 -25.34 7.19 12.20
N ARG C 621 -26.24 7.79 11.42
CA ARG C 621 -26.76 7.30 10.10
C ARG C 621 -27.56 6.01 10.26
N SER C 622 -26.96 4.93 10.76
CA SER C 622 -27.60 3.58 10.85
C SER C 622 -27.49 2.99 12.25
N MET C 623 -27.19 3.81 13.26
CA MET C 623 -26.87 3.35 14.63
C MET C 623 -27.41 4.35 15.64
N LEU C 624 -28.02 3.83 16.71
CA LEU C 624 -28.38 4.62 17.90
C LEU C 624 -27.80 3.94 19.13
N GLU C 625 -27.03 4.67 19.93
CA GLU C 625 -26.53 4.22 21.26
C GLU C 625 -27.13 5.14 22.33
N VAL C 626 -27.71 4.59 23.38
CA VAL C 626 -28.27 5.40 24.50
C VAL C 626 -27.63 4.93 25.80
N PHE C 627 -27.39 5.89 26.69
CA PHE C 627 -26.78 5.71 28.02
C PHE C 627 -27.69 6.38 29.06
N VAL C 628 -28.10 5.63 30.06
CA VAL C 628 -29.12 6.05 31.07
C VAL C 628 -28.47 6.10 32.45
N ASN C 629 -28.70 7.20 33.19
CA ASN C 629 -28.27 7.39 34.60
C ASN C 629 -26.76 7.22 34.71
N GLU C 630 -26.02 8.08 34.00
CA GLU C 630 -24.52 8.11 33.99
C GLU C 630 -23.99 6.74 33.55
N GLY C 631 -24.60 6.16 32.51
CA GLY C 631 -24.13 4.93 31.87
C GLY C 631 -24.39 3.68 32.70
N ALA C 632 -25.26 3.74 33.69
CA ALA C 632 -25.64 2.54 34.47
C ALA C 632 -26.33 1.55 33.53
N HIS C 633 -27.07 2.05 32.55
CA HIS C 633 -27.82 1.22 31.58
C HIS C 633 -27.47 1.72 30.18
N SER C 634 -27.33 0.80 29.26
CA SER C 634 -26.75 1.07 27.91
C SER C 634 -27.42 0.14 26.90
N ALA C 635 -27.70 0.65 25.72
CA ALA C 635 -28.24 -0.14 24.60
C ALA C 635 -27.65 0.39 23.30
N THR C 636 -27.30 -0.55 22.41
CA THR C 636 -26.81 -0.30 21.04
C THR C 636 -27.82 -0.89 20.07
N MET C 637 -28.33 -0.10 19.13
CA MET C 637 -29.41 -0.53 18.21
C MET C 637 -29.09 -0.06 16.78
N LEU C 638 -29.04 -1.00 15.84
CA LEU C 638 -28.94 -0.69 14.39
C LEU C 638 -30.32 -0.24 13.88
N VAL C 639 -30.33 0.69 12.92
CA VAL C 639 -31.58 1.09 12.21
C VAL C 639 -31.26 1.18 10.71
N PHE C 640 -32.15 0.65 9.89
CA PHE C 640 -32.03 0.69 8.41
C PHE C 640 -33.31 1.27 7.83
N PRO C 641 -33.62 2.54 8.15
CA PRO C 641 -34.85 3.17 7.66
C PRO C 641 -34.77 3.33 6.14
N ASP C 642 -35.92 3.18 5.47
CA ASP C 642 -36.05 3.37 4.00
C ASP C 642 -35.54 4.77 3.64
N SER C 643 -35.89 5.77 4.45
CA SER C 643 -35.48 7.20 4.28
C SER C 643 -34.50 7.57 5.39
N PRO C 644 -33.40 8.30 5.10
CA PRO C 644 -32.51 8.78 6.15
C PRO C 644 -33.24 9.64 7.18
N VAL C 645 -32.76 9.62 8.43
CA VAL C 645 -33.28 10.46 9.54
C VAL C 645 -32.88 11.92 9.28
N GLY C 646 -33.85 12.84 9.39
CA GLY C 646 -33.65 14.28 9.13
C GLY C 646 -33.80 15.12 10.38
N SER C 647 -34.52 14.64 11.39
CA SER C 647 -34.84 15.42 12.61
C SER C 647 -35.13 14.49 13.79
N MET C 648 -35.13 15.04 15.00
CA MET C 648 -35.59 14.33 16.23
C MET C 648 -36.52 15.25 17.02
N LYS C 649 -37.52 14.67 17.67
CA LYS C 649 -38.45 15.36 18.58
C LYS C 649 -38.18 14.86 20.00
N VAL C 650 -38.03 15.77 20.96
CA VAL C 650 -37.88 15.46 22.41
C VAL C 650 -39.07 16.09 23.13
N ALA C 651 -39.98 15.26 23.64
CA ALA C 651 -41.19 15.68 24.37
C ALA C 651 -41.11 15.16 25.81
N THR C 652 -41.28 16.06 26.78
CA THR C 652 -41.55 15.72 28.20
C THR C 652 -43.00 16.13 28.47
N GLY C 653 -43.66 15.47 29.43
CA GLY C 653 -45.08 15.68 29.74
C GLY C 653 -45.39 15.23 31.14
N GLY C 654 -46.37 15.87 31.78
CA GLY C 654 -46.96 15.45 33.06
C GLY C 654 -45.97 15.48 34.21
N LEU C 655 -44.90 16.26 34.08
CA LEU C 655 -43.80 16.28 35.09
C LEU C 655 -44.24 17.07 36.32
N PRO C 656 -43.83 16.67 37.54
CA PRO C 656 -44.23 17.40 38.74
C PRO C 656 -43.76 18.86 38.70
N GLU C 657 -44.53 19.77 39.35
CA GLU C 657 -44.17 21.21 39.49
C GLU C 657 -42.76 21.32 40.07
N GLY C 658 -41.91 22.14 39.45
CA GLY C 658 -40.53 22.41 39.90
C GLY C 658 -39.51 21.41 39.35
N THR C 659 -39.94 20.50 38.47
CA THR C 659 -39.03 19.58 37.74
C THR C 659 -38.17 20.42 36.79
N GLN C 660 -36.85 20.26 36.85
CA GLN C 660 -35.91 20.93 35.92
C GLN C 660 -35.54 19.98 34.79
N VAL C 661 -35.62 20.46 33.55
CA VAL C 661 -35.27 19.72 32.31
C VAL C 661 -34.18 20.52 31.61
N ASN C 662 -33.10 19.85 31.23
CA ASN C 662 -32.02 20.47 30.43
C ASN C 662 -31.73 19.56 29.23
N LEU C 663 -31.91 20.09 28.02
CA LEU C 663 -31.72 19.38 26.74
C LEU C 663 -30.61 20.09 25.95
N GLN C 664 -29.59 19.36 25.53
CA GLN C 664 -28.53 19.88 24.62
C GLN C 664 -28.42 18.93 23.44
N VAL C 665 -28.40 19.46 22.22
CA VAL C 665 -28.23 18.67 20.97
C VAL C 665 -27.12 19.33 20.15
N ASN C 666 -26.13 18.53 19.72
CA ASN C 666 -24.99 18.98 18.89
C ASN C 666 -24.86 18.05 17.68
N GLY C 667 -24.66 18.62 16.50
CA GLY C 667 -24.18 17.89 15.31
C GLY C 667 -22.79 17.34 15.56
N LEU C 668 -22.47 16.20 14.97
CA LEU C 668 -21.12 15.59 15.07
C LEU C 668 -20.37 15.82 13.76
N GLU C 669 -19.05 15.95 13.82
CA GLU C 669 -18.17 16.12 12.64
C GLU C 669 -17.73 14.75 12.13
N SER C 670 -17.91 14.47 10.85
CA SER C 670 -17.44 13.23 10.19
C SER C 670 -15.93 13.08 10.40
N THR C 671 -15.48 11.87 10.71
CA THR C 671 -14.05 11.55 10.96
C THR C 671 -13.39 11.06 9.66
N TRP C 672 -14.20 10.77 8.64
CA TRP C 672 -13.75 10.30 7.30
C TRP C 672 -13.73 11.47 6.31
N CYS D 143 -69.94 -14.37 12.59
CA CYS D 143 -68.60 -13.95 13.11
C CYS D 143 -68.66 -13.69 14.61
N ALA D 144 -67.65 -14.13 15.36
CA ALA D 144 -67.54 -13.96 16.83
C ALA D 144 -67.63 -12.47 17.15
N PRO D 145 -68.38 -12.08 18.21
CA PRO D 145 -68.55 -10.65 18.54
C PRO D 145 -67.26 -10.01 19.08
N THR D 146 -66.96 -8.79 18.59
CA THR D 146 -65.78 -7.99 19.00
C THR D 146 -66.10 -7.24 20.31
N SER D 147 -67.39 -7.07 20.61
CA SER D 147 -67.95 -6.39 21.82
C SER D 147 -69.14 -7.18 22.36
N LEU D 148 -69.25 -7.29 23.69
CA LEU D 148 -70.30 -8.09 24.37
C LEU D 148 -71.30 -7.15 25.04
N PRO D 149 -72.53 -7.64 25.37
CA PRO D 149 -73.49 -6.86 26.15
C PRO D 149 -72.98 -6.46 27.54
N ALA D 150 -73.47 -5.33 28.05
CA ALA D 150 -73.12 -4.74 29.37
C ALA D 150 -73.32 -5.76 30.49
N SER D 151 -74.31 -6.66 30.41
CA SER D 151 -74.57 -7.72 31.43
C SER D 151 -73.37 -8.67 31.52
N ALA D 152 -72.64 -8.88 30.42
CA ALA D 152 -71.47 -9.79 30.37
C ALA D 152 -70.28 -9.13 31.06
N THR D 153 -69.97 -7.89 30.66
CA THR D 153 -68.76 -7.18 31.18
C THR D 153 -69.10 -6.60 32.56
N GLU D 154 -70.06 -5.65 32.61
CA GLU D 154 -70.68 -5.20 33.87
C GLU D 154 -69.69 -4.42 34.74
N LEU D 155 -69.70 -4.72 36.05
CA LEU D 155 -68.95 -4.02 37.11
C LEU D 155 -69.55 -4.43 38.46
N PRO D 156 -69.26 -5.63 38.99
CA PRO D 156 -69.77 -6.02 40.31
C PRO D 156 -69.02 -5.25 41.40
N THR D 157 -69.72 -4.52 42.27
CA THR D 157 -69.10 -3.57 43.26
C THR D 157 -68.83 -4.32 44.57
N THR D 158 -69.49 -5.45 44.77
CA THR D 158 -69.26 -6.41 45.89
C THR D 158 -69.40 -7.84 45.34
N VAL D 159 -68.82 -8.83 46.03
CA VAL D 159 -69.33 -10.24 46.04
C VAL D 159 -68.56 -11.00 47.12
N VAL D 164 -71.27 -17.73 41.51
CA VAL D 164 -70.59 -17.90 40.19
C VAL D 164 -71.00 -16.72 39.29
N ILE D 165 -70.04 -16.15 38.54
CA ILE D 165 -70.27 -14.87 37.83
C ILE D 165 -70.75 -15.12 36.40
N THR D 166 -71.50 -14.16 35.85
CA THR D 166 -72.09 -14.27 34.48
C THR D 166 -71.06 -13.80 33.45
N GLY D 167 -70.49 -14.71 32.65
CA GLY D 167 -69.45 -14.36 31.68
C GLY D 167 -69.79 -14.92 30.32
N ASP D 168 -69.65 -14.09 29.27
CA ASP D 168 -69.83 -14.53 27.87
C ASP D 168 -68.48 -14.98 27.32
N TYR D 169 -68.29 -16.29 27.17
CA TYR D 169 -67.03 -16.87 26.63
C TYR D 169 -67.04 -16.85 25.10
N THR D 170 -67.69 -15.88 24.45
CA THR D 170 -67.91 -15.91 22.97
C THR D 170 -67.04 -14.87 22.26
N GLY D 171 -66.41 -13.95 22.99
CA GLY D 171 -65.54 -12.90 22.40
C GLY D 171 -64.56 -13.43 21.36
N SER D 172 -64.21 -12.61 20.37
CA SER D 172 -63.32 -12.97 19.24
C SER D 172 -61.88 -13.27 19.71
N TYR D 173 -61.49 -12.79 20.91
CA TYR D 173 -60.14 -12.97 21.50
C TYR D 173 -60.22 -13.99 22.65
N ARG D 174 -61.42 -14.48 22.99
CA ARG D 174 -61.62 -15.41 24.14
C ARG D 174 -61.15 -16.81 23.76
N PRO D 175 -60.11 -17.35 24.41
CA PRO D 175 -59.66 -18.72 24.15
C PRO D 175 -60.70 -19.77 24.55
N GLN D 176 -60.79 -20.85 23.77
CA GLN D 176 -61.85 -21.88 23.90
C GLN D 176 -61.31 -23.15 24.56
N VAL D 177 -59.99 -23.33 24.65
CA VAL D 177 -59.41 -24.53 25.32
C VAL D 177 -58.47 -24.12 26.46
N HIS D 178 -58.31 -22.82 26.71
CA HIS D 178 -57.51 -22.28 27.83
C HIS D 178 -58.46 -21.78 28.92
N TYR D 179 -58.10 -21.95 30.20
CA TYR D 179 -58.88 -21.35 31.30
C TYR D 179 -58.72 -19.83 31.27
N SER D 180 -59.84 -19.13 31.41
CA SER D 180 -59.88 -17.67 31.69
C SER D 180 -61.09 -17.39 32.58
N PRO D 181 -61.07 -16.32 33.40
CA PRO D 181 -62.13 -16.11 34.38
C PRO D 181 -63.38 -15.58 33.70
N PRO D 182 -64.57 -15.84 34.29
CA PRO D 182 -65.84 -15.47 33.65
C PRO D 182 -65.89 -13.97 33.36
N LYS D 183 -65.50 -13.15 34.33
CA LYS D 183 -65.14 -11.73 34.08
C LYS D 183 -64.14 -11.27 35.15
N GLY D 184 -63.51 -10.12 34.91
CA GLY D 184 -62.48 -9.55 35.80
C GLY D 184 -61.07 -9.90 35.34
N PHE D 185 -60.11 -9.62 36.22
CA PHE D 185 -58.65 -9.75 35.97
C PHE D 185 -58.12 -10.94 36.76
N MET D 186 -57.40 -11.82 36.07
CA MET D 186 -56.74 -13.01 36.68
C MET D 186 -55.22 -12.89 36.48
N ASN D 187 -54.41 -13.30 37.45
CA ASN D 187 -52.98 -13.54 37.18
C ASN D 187 -52.62 -14.94 37.71
N ALA D 188 -51.60 -15.09 38.56
CA ALA D 188 -50.90 -16.35 38.86
C ALA D 188 -51.87 -17.46 39.28
N PRO D 189 -51.65 -18.72 38.84
CA PRO D 189 -52.31 -19.88 39.44
C PRO D 189 -51.85 -20.15 40.88
N ASN D 190 -52.76 -20.64 41.73
CA ASN D 190 -52.56 -20.88 43.19
C ASN D 190 -53.19 -22.20 43.62
N GLY D 191 -52.65 -22.83 44.67
CA GLY D 191 -53.28 -23.95 45.42
C GLY D 191 -53.58 -25.14 44.53
N CYS D 192 -52.87 -25.27 43.41
CA CYS D 192 -53.09 -26.32 42.40
C CYS D 192 -52.86 -27.69 43.02
N HIS D 193 -53.87 -28.55 43.01
CA HIS D 193 -53.79 -29.92 43.57
C HIS D 193 -54.90 -30.78 42.95
N ARG D 194 -54.71 -32.10 43.03
CA ARG D 194 -55.67 -33.14 42.59
C ARG D 194 -56.26 -33.81 43.84
N ASP D 195 -57.59 -33.90 43.94
CA ASP D 195 -58.32 -34.69 44.98
C ASP D 195 -58.02 -36.17 44.84
N ARG D 196 -58.33 -36.97 45.87
CA ARG D 196 -58.23 -38.46 45.79
C ARG D 196 -59.22 -38.99 44.72
N ASN D 197 -60.37 -38.32 44.53
CA ASN D 197 -61.38 -38.73 43.52
C ASN D 197 -60.99 -38.22 42.12
N GLY D 198 -59.84 -37.58 41.99
CA GLY D 198 -59.22 -37.25 40.68
C GLY D 198 -59.66 -35.92 40.10
N THR D 199 -60.39 -35.10 40.86
CA THR D 199 -60.76 -33.71 40.43
C THR D 199 -59.54 -32.80 40.60
N TYR D 200 -59.16 -32.09 39.53
CA TYR D 200 -58.09 -31.06 39.54
C TYR D 200 -58.69 -29.74 40.02
N HIS D 201 -58.07 -29.17 41.07
CA HIS D 201 -58.45 -27.86 41.65
C HIS D 201 -57.46 -26.79 41.17
N LEU D 202 -57.97 -25.80 40.44
CA LEU D 202 -57.21 -24.61 40.03
C LEU D 202 -57.74 -23.44 40.85
N TYR D 203 -56.88 -22.80 41.64
CA TYR D 203 -57.17 -21.47 42.21
C TYR D 203 -56.30 -20.46 41.49
N TYR D 204 -56.64 -19.19 41.58
CA TYR D 204 -55.90 -18.12 40.86
C TYR D 204 -56.10 -16.78 41.54
N GLN D 205 -55.07 -15.94 41.48
CA GLN D 205 -55.10 -14.50 41.86
C GLN D 205 -56.18 -13.86 41.02
N TYR D 206 -57.20 -13.30 41.68
CA TYR D 206 -58.43 -12.80 41.03
C TYR D 206 -58.77 -11.41 41.59
N ASN D 207 -58.94 -10.44 40.69
CA ASN D 207 -59.61 -9.14 40.99
C ASN D 207 -61.03 -9.18 40.45
N PRO D 208 -62.04 -9.40 41.32
CA PRO D 208 -63.43 -9.46 40.87
C PRO D 208 -64.07 -8.09 40.57
N LEU D 209 -63.40 -6.98 40.89
CA LEU D 209 -64.00 -5.62 40.85
C LEU D 209 -63.49 -4.82 39.64
N GLU D 210 -62.34 -5.19 39.04
CA GLU D 210 -61.82 -4.45 37.86
C GLU D 210 -61.04 -5.36 36.90
N TYR D 211 -60.65 -4.77 35.76
CA TYR D 211 -59.87 -5.38 34.66
C TYR D 211 -58.39 -5.03 34.79
N VAL D 212 -57.94 -4.72 36.01
CA VAL D 212 -56.50 -4.49 36.33
C VAL D 212 -56.21 -5.24 37.64
N ALA D 213 -54.94 -5.35 38.03
CA ALA D 213 -54.52 -6.09 39.24
C ALA D 213 -55.02 -5.38 40.49
N GLY D 214 -55.29 -6.14 41.56
CA GLY D 214 -55.69 -5.57 42.87
C GLY D 214 -56.76 -6.43 43.56
N ASN D 215 -57.11 -6.06 44.79
CA ASN D 215 -58.25 -6.65 45.54
C ASN D 215 -58.13 -8.18 45.50
N GLN D 216 -56.92 -8.73 45.68
CA GLN D 216 -56.64 -10.14 45.32
C GLN D 216 -57.45 -11.09 46.21
N HIS D 217 -58.28 -11.92 45.56
CA HIS D 217 -58.89 -13.15 46.14
C HIS D 217 -58.32 -14.37 45.41
N TRP D 218 -58.57 -15.57 45.95
CA TRP D 218 -58.39 -16.85 45.21
C TRP D 218 -59.71 -17.22 44.52
N GLY D 219 -59.76 -17.02 43.20
CA GLY D 219 -60.76 -17.64 42.30
C GLY D 219 -60.57 -19.14 42.32
N HIS D 220 -61.57 -19.89 41.88
CA HIS D 220 -61.58 -21.38 41.95
C HIS D 220 -62.25 -21.93 40.70
N ALA D 221 -61.66 -22.94 40.07
CA ALA D 221 -62.28 -23.70 38.97
C ALA D 221 -61.84 -25.16 39.11
N THR D 222 -62.69 -26.09 38.64
CA THR D 222 -62.46 -27.54 38.77
C THR D 222 -62.56 -28.20 37.40
N SER D 223 -61.89 -29.34 37.27
CA SER D 223 -61.80 -30.11 36.01
C SER D 223 -61.36 -31.53 36.33
N ASP D 224 -61.85 -32.49 35.56
CA ASP D 224 -61.37 -33.89 35.63
C ASP D 224 -60.21 -34.07 34.63
N ASP D 225 -60.09 -33.19 33.63
CA ASP D 225 -59.19 -33.42 32.46
C ASP D 225 -58.29 -32.20 32.16
N LEU D 226 -58.43 -31.10 32.92
CA LEU D 226 -57.65 -29.83 32.80
C LEU D 226 -57.99 -29.08 31.51
N TYR D 227 -59.12 -29.40 30.89
CA TYR D 227 -59.63 -28.67 29.69
C TYR D 227 -61.08 -28.24 29.89
N HIS D 228 -61.92 -29.12 30.44
CA HIS D 228 -63.35 -28.80 30.71
C HIS D 228 -63.46 -28.22 32.12
N TRP D 229 -63.50 -26.89 32.22
CA TRP D 229 -63.43 -26.18 33.53
C TRP D 229 -64.84 -25.82 33.98
N THR D 230 -65.11 -26.02 35.26
CA THR D 230 -66.35 -25.52 35.93
C THR D 230 -65.94 -24.43 36.92
N ASN D 231 -66.48 -23.22 36.70
CA ASN D 231 -66.30 -22.04 37.59
C ASN D 231 -66.98 -22.34 38.94
N GLN D 232 -66.33 -21.98 40.04
CA GLN D 232 -66.74 -22.23 41.43
C GLN D 232 -66.81 -20.90 42.17
N PRO D 233 -67.48 -20.83 43.33
CA PRO D 233 -67.44 -19.61 44.16
C PRO D 233 -66.01 -19.29 44.59
N ILE D 234 -65.75 -18.01 44.86
CA ILE D 234 -64.44 -17.53 45.40
C ILE D 234 -64.10 -18.35 46.64
N ALA D 235 -62.85 -18.80 46.77
CA ALA D 235 -62.45 -19.81 47.78
C ALA D 235 -61.79 -19.14 49.00
N ILE D 236 -60.99 -18.10 48.79
CA ILE D 236 -60.27 -17.40 49.89
C ILE D 236 -60.47 -15.89 49.72
N PHE D 237 -60.91 -15.23 50.79
CA PHE D 237 -61.25 -13.78 50.83
C PHE D 237 -60.27 -13.07 51.76
N PRO D 238 -60.02 -11.76 51.53
CA PRO D 238 -59.23 -10.99 52.48
C PRO D 238 -60.08 -10.76 53.73
N PRO D 239 -59.47 -10.68 54.94
CA PRO D 239 -60.22 -10.36 56.15
C PRO D 239 -61.05 -9.06 56.04
N ASN D 240 -60.55 -8.05 55.32
CA ASN D 240 -61.17 -6.70 55.22
C ASN D 240 -60.83 -6.08 53.86
N SER D 241 -61.21 -4.81 53.67
CA SER D 241 -61.07 -4.05 52.39
C SER D 241 -59.61 -3.62 52.12
N THR D 242 -58.74 -3.68 53.12
CA THR D 242 -57.36 -3.08 53.05
C THR D 242 -56.28 -4.17 53.06
N SER D 243 -56.68 -5.43 52.91
CA SER D 243 -55.76 -6.61 52.87
C SER D 243 -56.01 -7.40 51.57
N GLN D 244 -55.02 -8.17 51.11
CA GLN D 244 -55.14 -8.96 49.84
C GLN D 244 -54.58 -10.36 50.05
N VAL D 245 -55.21 -11.34 49.41
CA VAL D 245 -54.75 -12.76 49.41
C VAL D 245 -53.82 -12.95 48.22
N PHE D 246 -52.52 -12.98 48.48
CA PHE D 246 -51.44 -13.18 47.47
C PHE D 246 -51.27 -14.68 47.25
N SER D 247 -50.26 -15.07 46.50
CA SER D 247 -50.14 -16.46 45.98
C SER D 247 -49.88 -17.43 47.12
N GLY D 248 -50.07 -18.72 46.84
CA GLY D 248 -49.73 -19.81 47.77
C GLY D 248 -50.07 -21.15 47.18
N SER D 249 -49.94 -22.20 47.97
CA SER D 249 -50.14 -23.61 47.56
C SER D 249 -51.19 -24.27 48.46
N ALA D 250 -51.60 -25.49 48.11
CA ALA D 250 -52.56 -26.30 48.89
C ALA D 250 -52.05 -27.73 48.91
N VAL D 251 -52.18 -28.43 50.03
CA VAL D 251 -51.79 -29.87 50.15
C VAL D 251 -52.92 -30.67 50.79
N LEU D 252 -53.01 -31.95 50.42
CA LEU D 252 -53.86 -32.95 51.10
C LEU D 252 -53.13 -33.35 52.39
N ASP D 253 -53.88 -33.45 53.50
CA ASP D 253 -53.34 -33.88 54.82
C ASP D 253 -54.13 -35.12 55.26
N PRO D 254 -53.98 -36.27 54.56
CA PRO D 254 -54.83 -37.43 54.83
C PRO D 254 -54.61 -38.03 56.22
N ASN D 255 -53.38 -37.96 56.77
CA ASN D 255 -53.02 -38.54 58.08
C ASN D 255 -53.18 -37.51 59.20
N ASN D 256 -53.74 -36.33 58.90
CA ASN D 256 -54.14 -35.30 59.90
C ASN D 256 -52.93 -34.90 60.75
N THR D 257 -51.81 -34.57 60.11
CA THR D 257 -50.59 -34.04 60.80
C THR D 257 -50.90 -32.62 61.31
N SER D 258 -51.87 -31.94 60.68
CA SER D 258 -52.26 -30.53 61.01
C SER D 258 -53.11 -30.49 62.28
N GLY D 259 -54.00 -31.47 62.46
CA GLY D 259 -54.94 -31.53 63.60
C GLY D 259 -56.28 -30.89 63.30
N PHE D 260 -56.49 -30.41 62.07
CA PHE D 260 -57.76 -29.75 61.68
C PHE D 260 -58.75 -30.77 61.14
N PHE D 261 -58.31 -32.02 60.98
CA PHE D 261 -59.11 -33.07 60.27
C PHE D 261 -59.28 -34.31 61.15
N PRO D 262 -59.93 -34.21 62.32
CA PRO D 262 -60.16 -35.38 63.17
C PRO D 262 -61.13 -36.40 62.54
N ASN D 263 -62.09 -35.92 61.72
CA ASN D 263 -63.24 -36.72 61.20
C ASN D 263 -63.29 -36.69 59.67
N THR D 264 -62.17 -36.45 59.00
CA THR D 264 -62.11 -36.32 57.52
C THR D 264 -60.73 -36.74 57.04
N THR D 265 -60.64 -37.64 56.07
CA THR D 265 -59.34 -38.01 55.45
C THR D 265 -59.14 -37.28 54.11
N ASP D 266 -60.04 -36.34 53.80
CA ASP D 266 -60.00 -35.57 52.52
C ASP D 266 -59.71 -34.09 52.83
N GLY D 267 -59.02 -33.81 53.93
CA GLY D 267 -58.70 -32.44 54.35
C GLY D 267 -57.70 -31.76 53.41
N VAL D 268 -57.96 -30.51 53.04
CA VAL D 268 -57.05 -29.63 52.26
C VAL D 268 -56.54 -28.51 53.17
N VAL D 269 -55.24 -28.22 53.14
CA VAL D 269 -54.61 -27.04 53.81
C VAL D 269 -54.06 -26.11 52.73
N ALA D 270 -54.55 -24.87 52.70
CA ALA D 270 -53.99 -23.75 51.91
C ALA D 270 -52.98 -23.00 52.77
N VAL D 271 -51.78 -22.74 52.21
CA VAL D 271 -50.73 -21.87 52.81
C VAL D 271 -50.46 -20.76 51.81
N TYR D 272 -50.69 -19.51 52.22
CA TYR D 272 -50.73 -18.34 51.30
C TYR D 272 -50.18 -17.11 52.00
N THR D 273 -49.74 -16.15 51.20
CA THR D 273 -49.31 -14.82 51.68
C THR D 273 -50.54 -13.92 51.82
N LEU D 274 -50.71 -13.34 53.01
CA LEU D 274 -51.62 -12.18 53.21
C LEU D 274 -50.79 -10.90 53.09
N ASN D 275 -51.19 -10.01 52.18
CA ASN D 275 -50.54 -8.70 51.98
C ASN D 275 -51.32 -7.67 52.78
N THR D 276 -50.63 -6.97 53.68
CA THR D 276 -51.07 -5.67 54.29
C THR D 276 -50.17 -4.57 53.77
N PRO D 277 -50.55 -3.28 53.91
CA PRO D 277 -49.70 -2.17 53.43
C PRO D 277 -48.47 -1.90 54.34
N THR D 278 -47.94 -2.94 54.93
CA THR D 278 -46.94 -2.91 56.04
C THR D 278 -46.15 -4.21 56.04
N LEU D 279 -46.85 -5.34 55.88
CA LEU D 279 -46.24 -6.69 55.99
C LEU D 279 -46.77 -7.65 54.91
N GLN D 280 -45.98 -8.70 54.69
CA GLN D 280 -46.37 -9.89 53.91
C GLN D 280 -46.06 -11.07 54.83
N VAL D 281 -47.09 -11.79 55.28
CA VAL D 281 -46.95 -12.94 56.22
C VAL D 281 -47.62 -14.17 55.59
N GLN D 282 -47.14 -15.35 55.96
CA GLN D 282 -47.68 -16.67 55.54
C GLN D 282 -48.80 -17.07 56.53
N GLU D 283 -49.97 -17.39 55.97
CA GLU D 283 -51.21 -17.75 56.72
C GLU D 283 -51.65 -19.15 56.28
N VAL D 284 -52.41 -19.80 57.15
CA VAL D 284 -52.95 -21.17 56.88
C VAL D 284 -54.48 -21.07 56.91
N ALA D 285 -55.14 -21.82 56.02
CA ALA D 285 -56.59 -22.07 56.03
C ALA D 285 -56.81 -23.54 55.68
N TYR D 286 -57.88 -24.13 56.19
CA TYR D 286 -58.20 -25.57 56.01
C TYR D 286 -59.62 -25.71 55.49
N SER D 287 -59.87 -26.81 54.79
CA SER D 287 -61.16 -27.15 54.13
C SER D 287 -61.45 -28.62 54.37
N THR D 288 -62.63 -28.93 54.90
CA THR D 288 -63.15 -30.31 55.12
C THR D 288 -64.11 -30.70 53.99
N ASP D 289 -64.51 -29.74 53.14
CA ASP D 289 -65.55 -29.95 52.09
C ASP D 289 -64.90 -30.18 50.71
N GLY D 290 -63.58 -30.47 50.68
CA GLY D 290 -62.84 -30.83 49.45
C GLY D 290 -62.26 -29.62 48.73
N GLY D 291 -62.08 -28.50 49.44
CA GLY D 291 -61.34 -27.32 48.96
C GLY D 291 -62.23 -26.28 48.31
N TYR D 292 -63.51 -26.24 48.67
CA TYR D 292 -64.48 -25.25 48.11
C TYR D 292 -64.62 -24.09 49.09
N ASN D 293 -64.67 -24.40 50.40
CA ASN D 293 -64.79 -23.41 51.50
C ASN D 293 -63.64 -23.65 52.47
N PHE D 294 -63.01 -22.55 52.92
CA PHE D 294 -61.78 -22.55 53.76
C PHE D 294 -62.07 -21.78 55.07
N THR D 295 -61.49 -22.25 56.15
CA THR D 295 -61.57 -21.61 57.50
C THR D 295 -60.17 -21.19 57.91
N PRO D 296 -59.96 -19.90 58.27
CA PRO D 296 -58.67 -19.44 58.79
C PRO D 296 -58.22 -20.25 60.01
N TYR D 297 -56.92 -20.56 60.07
CA TYR D 297 -56.25 -21.03 61.31
C TYR D 297 -56.43 -19.96 62.40
N GLU D 298 -56.65 -20.41 63.63
CA GLU D 298 -57.00 -19.55 64.80
C GLU D 298 -55.80 -18.66 65.13
N ASN D 299 -54.59 -19.19 65.05
CA ASN D 299 -53.33 -18.51 65.49
C ASN D 299 -52.54 -17.99 64.27
N ASN D 300 -53.23 -17.47 63.24
CA ASN D 300 -52.61 -16.72 62.11
C ASN D 300 -51.89 -15.49 62.66
N PRO D 301 -50.78 -15.04 62.03
CA PRO D 301 -50.09 -15.80 60.98
C PRO D 301 -49.17 -16.91 61.50
N VAL D 302 -48.69 -17.79 60.61
CA VAL D 302 -47.82 -18.95 60.99
C VAL D 302 -46.34 -18.63 60.75
N LEU D 303 -46.04 -17.60 59.96
CA LEU D 303 -44.64 -17.22 59.63
C LEU D 303 -44.56 -15.75 59.22
N SER D 304 -43.75 -14.98 59.95
CA SER D 304 -43.41 -13.58 59.65
C SER D 304 -41.91 -13.39 59.90
N VAL D 305 -41.29 -12.52 59.11
CA VAL D 305 -39.84 -12.15 59.21
C VAL D 305 -39.76 -10.63 59.32
N GLY D 306 -40.91 -9.96 59.49
CA GLY D 306 -41.01 -8.50 59.61
C GLY D 306 -40.69 -7.77 58.32
N SER D 307 -41.00 -8.39 57.17
CA SER D 307 -40.72 -7.84 55.80
C SER D 307 -42.04 -7.63 55.04
N ASN D 308 -42.11 -6.67 54.11
CA ASN D 308 -43.30 -6.57 53.20
C ASN D 308 -42.89 -6.95 51.76
N GLN D 309 -41.88 -7.82 51.66
CA GLN D 309 -41.43 -8.47 50.40
C GLN D 309 -41.06 -9.91 50.77
N PHE D 310 -42.04 -10.74 51.10
CA PHE D 310 -41.88 -12.11 51.66
C PHE D 310 -43.13 -12.93 51.34
N ARG D 311 -43.12 -13.73 50.25
CA ARG D 311 -44.39 -14.20 49.66
C ARG D 311 -44.23 -15.43 48.78
N ASP D 312 -45.38 -16.06 48.46
CA ASP D 312 -45.58 -17.15 47.48
C ASP D 312 -45.04 -18.48 48.05
N PRO D 313 -45.58 -18.96 49.19
CA PRO D 313 -45.11 -20.21 49.78
C PRO D 313 -45.60 -21.43 48.98
N LYS D 314 -44.68 -22.35 48.71
CA LYS D 314 -44.97 -23.63 48.03
C LYS D 314 -44.67 -24.75 49.03
N VAL D 315 -45.70 -25.45 49.52
CA VAL D 315 -45.58 -26.46 50.60
C VAL D 315 -45.68 -27.86 49.99
N PHE D 316 -44.88 -28.81 50.46
CA PHE D 316 -44.93 -30.23 50.04
C PHE D 316 -44.38 -31.13 51.15
N TRP D 317 -44.72 -32.42 51.07
CA TRP D 317 -44.26 -33.47 52.01
C TRP D 317 -42.93 -34.05 51.51
N TYR D 318 -41.92 -34.11 52.37
CA TYR D 318 -40.63 -34.78 52.10
C TYR D 318 -40.36 -35.81 53.19
N GLU D 319 -40.59 -37.09 52.89
CA GLU D 319 -40.30 -38.27 53.76
C GLU D 319 -41.12 -38.18 55.06
N ASP D 320 -40.71 -37.33 56.00
CA ASP D 320 -41.22 -37.33 57.40
C ASP D 320 -41.55 -35.91 57.91
N HIS D 321 -41.60 -34.90 57.02
CA HIS D 321 -41.92 -33.51 57.41
C HIS D 321 -42.39 -32.68 56.20
N TRP D 322 -43.10 -31.59 56.48
CA TRP D 322 -43.48 -30.56 55.49
C TRP D 322 -42.28 -29.65 55.19
N VAL D 323 -42.14 -29.26 53.92
CA VAL D 323 -41.15 -28.24 53.43
C VAL D 323 -41.93 -27.06 52.86
N MET D 324 -41.47 -25.84 53.14
CA MET D 324 -41.99 -24.60 52.51
C MET D 324 -40.85 -23.89 51.79
N ALA D 325 -41.01 -23.64 50.49
CA ALA D 325 -40.18 -22.68 49.71
C ALA D 325 -40.95 -21.35 49.61
N VAL D 326 -40.35 -20.25 50.04
CA VAL D 326 -40.99 -18.90 50.04
C VAL D 326 -39.94 -17.86 49.60
N ALA D 327 -40.36 -16.80 48.92
CA ALA D 327 -39.47 -15.81 48.26
C ALA D 327 -39.27 -14.61 49.19
N ALA D 328 -38.03 -14.34 49.57
CA ALA D 328 -37.58 -12.99 50.00
C ALA D 328 -37.29 -12.19 48.72
N ALA D 329 -38.34 -11.59 48.17
CA ALA D 329 -38.48 -11.22 46.75
C ALA D 329 -37.38 -10.24 46.33
N ASN D 330 -37.20 -9.16 47.11
CA ASN D 330 -36.28 -8.04 46.76
C ASN D 330 -34.87 -8.31 47.27
N ASP D 331 -34.63 -9.44 47.94
CA ASP D 331 -33.28 -9.90 48.35
C ASP D 331 -32.81 -11.03 47.44
N PHE D 332 -33.61 -11.41 46.43
CA PHE D 332 -33.25 -12.48 45.46
C PHE D 332 -32.91 -13.74 46.22
N THR D 333 -33.74 -14.12 47.18
CA THR D 333 -33.51 -15.32 48.03
C THR D 333 -34.79 -16.15 48.11
N ILE D 334 -34.66 -17.47 48.01
CA ILE D 334 -35.76 -18.42 48.30
C ILE D 334 -35.42 -19.06 49.66
N GLU D 335 -36.28 -18.88 50.64
CA GLU D 335 -36.07 -19.47 52.00
C GLU D 335 -36.81 -20.80 52.08
N ILE D 336 -36.11 -21.84 52.53
CA ILE D 336 -36.69 -23.20 52.81
C ILE D 336 -36.89 -23.34 54.32
N TYR D 337 -38.13 -23.61 54.72
CA TYR D 337 -38.58 -23.87 56.12
C TYR D 337 -39.11 -25.31 56.23
N THR D 338 -39.07 -25.88 57.44
CA THR D 338 -39.60 -27.24 57.75
C THR D 338 -40.60 -27.16 58.90
N SER D 339 -41.51 -28.13 58.94
CA SER D 339 -42.66 -28.18 59.90
C SER D 339 -43.19 -29.61 59.97
N PRO D 340 -43.60 -30.09 61.16
CA PRO D 340 -44.32 -31.36 61.27
C PRO D 340 -45.85 -31.25 61.12
N ASN D 341 -46.42 -30.06 61.30
CA ASN D 341 -47.91 -29.89 61.42
C ASN D 341 -48.44 -28.73 60.56
N LEU D 342 -47.60 -28.08 59.75
CA LEU D 342 -47.97 -26.98 58.80
C LEU D 342 -48.30 -25.68 59.54
N THR D 343 -48.15 -25.62 60.88
CA THR D 343 -48.48 -24.40 61.68
C THR D 343 -47.24 -23.83 62.37
N SER D 344 -46.21 -24.65 62.57
CA SER D 344 -44.96 -24.25 63.27
C SER D 344 -43.76 -24.48 62.35
N TRP D 345 -43.15 -23.40 61.85
CA TRP D 345 -42.07 -23.51 60.83
C TRP D 345 -40.72 -23.07 61.42
N THR D 346 -39.70 -23.86 61.12
CA THR D 346 -38.30 -23.57 61.53
C THR D 346 -37.45 -23.41 60.27
N PHE D 347 -36.63 -22.34 60.21
CA PHE D 347 -35.72 -22.08 59.08
C PHE D 347 -34.81 -23.28 58.86
N ALA D 348 -34.55 -23.61 57.60
CA ALA D 348 -33.64 -24.70 57.19
C ALA D 348 -32.48 -24.19 56.32
N SER D 349 -32.75 -23.38 55.30
CA SER D 349 -31.71 -22.97 54.30
C SER D 349 -32.16 -21.78 53.46
N ASN D 350 -31.18 -21.17 52.81
CA ASN D 350 -31.32 -20.05 51.84
C ASN D 350 -30.73 -20.48 50.49
N PHE D 351 -31.43 -20.13 49.43
CA PHE D 351 -30.94 -20.21 48.02
C PHE D 351 -30.97 -18.78 47.48
N THR D 352 -29.81 -18.13 47.32
CA THR D 352 -29.79 -16.67 46.98
C THR D 352 -28.88 -16.29 45.82
N HIS D 353 -29.23 -15.18 45.14
CA HIS D 353 -28.49 -14.59 44.00
C HIS D 353 -28.07 -15.68 43.02
N HIS D 354 -29.05 -16.45 42.54
CA HIS D 354 -28.81 -17.48 41.48
C HIS D 354 -29.48 -17.02 40.18
N GLY D 355 -28.86 -17.38 39.05
CA GLY D 355 -29.43 -17.11 37.71
C GLY D 355 -29.68 -15.64 37.48
N LEU D 356 -30.72 -15.32 36.70
CA LEU D 356 -31.10 -13.92 36.42
C LEU D 356 -31.80 -13.37 37.66
N LEU D 357 -31.43 -12.16 38.07
CA LEU D 357 -32.04 -11.50 39.26
C LEU D 357 -33.37 -10.85 38.86
N GLY D 358 -33.42 -10.21 37.70
CA GLY D 358 -34.48 -9.24 37.37
C GLY D 358 -34.63 -8.26 38.53
N LEU D 359 -35.86 -7.87 38.86
CA LEU D 359 -36.11 -6.90 39.96
C LEU D 359 -36.70 -7.61 41.21
N ALA D 360 -37.06 -8.88 41.11
CA ALA D 360 -37.62 -9.67 42.25
C ALA D 360 -37.74 -11.16 41.89
N TYR D 361 -37.40 -12.03 42.85
CA TYR D 361 -37.73 -13.47 42.87
C TYR D 361 -39.19 -13.64 43.27
N GLU D 362 -39.94 -14.53 42.60
CA GLU D 362 -41.39 -14.75 42.87
C GLU D 362 -41.74 -16.22 42.65
N CYS D 363 -42.89 -16.63 43.19
CA CYS D 363 -43.59 -17.90 42.87
C CYS D 363 -42.61 -19.06 42.82
N PRO D 364 -41.79 -19.28 43.86
CA PRO D 364 -40.89 -20.43 43.89
C PRO D 364 -41.67 -21.75 43.84
N ASN D 365 -41.16 -22.72 43.08
CA ASN D 365 -41.64 -24.12 43.08
C ASN D 365 -40.41 -24.99 43.23
N LEU D 366 -40.43 -25.90 44.21
CA LEU D 366 -39.36 -26.91 44.40
C LEU D 366 -40.03 -28.27 44.17
N VAL D 367 -39.71 -28.93 43.06
CA VAL D 367 -40.48 -30.11 42.56
C VAL D 367 -39.53 -31.19 42.08
N GLN D 368 -40.02 -32.42 42.17
CA GLN D 368 -39.32 -33.62 41.67
C GLN D 368 -39.88 -33.90 40.28
N VAL D 369 -39.03 -33.94 39.28
CA VAL D 369 -39.47 -34.05 37.85
C VAL D 369 -38.83 -35.32 37.28
N PRO D 370 -39.63 -36.23 36.70
CA PRO D 370 -39.08 -37.45 36.09
C PRO D 370 -38.30 -37.19 34.80
N PHE D 371 -37.41 -38.11 34.47
CA PHE D 371 -36.63 -38.12 33.20
C PHE D 371 -37.57 -38.56 32.08
N GLN D 372 -37.50 -37.87 30.93
CA GLN D 372 -38.38 -38.14 29.76
C GLN D 372 -38.13 -39.57 29.26
N ASP D 373 -36.88 -40.02 29.27
CA ASP D 373 -36.44 -41.28 28.61
C ASP D 373 -36.53 -42.46 29.60
N ASP D 374 -36.64 -42.17 30.90
CA ASP D 374 -36.61 -43.20 31.98
C ASP D 374 -37.49 -42.75 33.15
N PRO D 375 -38.78 -43.14 33.20
CA PRO D 375 -39.69 -42.75 34.28
C PRO D 375 -39.24 -43.08 35.71
N SER D 376 -38.31 -44.04 35.88
CA SER D 376 -37.82 -44.50 37.21
C SER D 376 -36.78 -43.53 37.79
N LYS D 377 -36.18 -42.68 36.96
CA LYS D 377 -35.21 -41.62 37.39
C LYS D 377 -35.92 -40.27 37.52
N SER D 378 -35.45 -39.44 38.45
CA SER D 378 -35.99 -38.07 38.69
C SER D 378 -34.87 -37.17 39.22
N ALA D 379 -35.07 -35.87 39.17
CA ALA D 379 -34.18 -34.88 39.81
C ALA D 379 -35.04 -33.73 40.33
N TRP D 380 -34.54 -33.06 41.36
CA TRP D 380 -35.21 -31.89 41.94
C TRP D 380 -34.95 -30.68 41.06
N LEU D 381 -35.90 -29.75 41.07
CA LEU D 381 -35.89 -28.53 40.22
C LEU D 381 -36.41 -27.39 41.07
N MET D 382 -35.62 -26.32 41.22
CA MET D 382 -36.09 -25.02 41.75
C MET D 382 -36.52 -24.18 40.55
N TYR D 383 -37.81 -23.84 40.47
CA TYR D 383 -38.38 -22.95 39.41
C TYR D 383 -38.67 -21.61 40.08
N ILE D 384 -38.21 -20.52 39.48
CA ILE D 384 -38.39 -19.15 40.01
C ILE D 384 -38.87 -18.24 38.90
N SER D 385 -39.85 -17.40 39.19
CA SER D 385 -40.32 -16.35 38.26
C SER D 385 -39.70 -15.02 38.67
N ILE D 386 -39.43 -14.14 37.69
CA ILE D 386 -38.81 -12.80 37.95
C ILE D 386 -39.65 -11.74 37.24
N ASN D 387 -39.84 -10.58 37.89
CA ASN D 387 -40.60 -9.45 37.32
C ASN D 387 -40.40 -8.21 38.18
N PRO D 388 -40.25 -7.00 37.58
CA PRO D 388 -39.81 -6.86 36.18
C PRO D 388 -38.37 -7.33 35.97
N GLY D 389 -37.73 -6.91 34.86
CA GLY D 389 -36.29 -7.13 34.63
C GLY D 389 -35.95 -8.36 33.81
N ALA D 390 -36.93 -9.06 33.23
CA ALA D 390 -36.66 -10.17 32.29
C ALA D 390 -35.87 -9.62 31.10
N PRO D 391 -34.96 -10.42 30.50
CA PRO D 391 -34.23 -10.03 29.29
C PRO D 391 -35.11 -9.47 28.16
N LEU D 392 -36.21 -10.14 27.83
CA LEU D 392 -37.14 -9.69 26.76
C LEU D 392 -38.05 -8.56 27.27
N GLY D 393 -37.95 -8.22 28.56
CA GLY D 393 -38.76 -7.16 29.18
C GLY D 393 -39.87 -7.75 30.02
N GLY D 394 -40.08 -7.19 31.21
CA GLY D 394 -41.15 -7.59 32.12
C GLY D 394 -40.84 -8.89 32.81
N SER D 395 -41.68 -9.90 32.59
CA SER D 395 -41.76 -11.14 33.42
C SER D 395 -41.26 -12.37 32.63
N VAL D 396 -40.64 -13.31 33.33
CA VAL D 396 -40.17 -14.61 32.76
C VAL D 396 -39.87 -15.58 33.90
N GLY D 397 -39.92 -16.88 33.62
CA GLY D 397 -39.54 -17.96 34.54
C GLY D 397 -38.18 -18.53 34.20
N GLN D 398 -37.48 -19.06 35.20
CA GLN D 398 -36.17 -19.74 35.07
C GLN D 398 -36.15 -20.89 36.05
N TYR D 399 -35.21 -21.82 35.90
CA TYR D 399 -35.16 -23.07 36.68
C TYR D 399 -33.71 -23.50 36.89
N PHE D 400 -33.51 -24.37 37.89
CA PHE D 400 -32.21 -24.90 38.34
C PHE D 400 -32.39 -26.38 38.67
N PRO D 401 -31.79 -27.31 37.91
CA PRO D 401 -31.80 -28.72 38.31
C PRO D 401 -30.79 -28.90 39.46
N GLY D 402 -31.10 -29.78 40.40
CA GLY D 402 -30.20 -30.03 41.54
C GLY D 402 -30.66 -31.16 42.43
N ASP D 403 -30.14 -31.15 43.66
CA ASP D 403 -30.45 -32.17 44.70
C ASP D 403 -31.10 -31.46 45.89
N PHE D 404 -32.13 -32.10 46.44
CA PHE D 404 -32.79 -31.70 47.70
C PHE D 404 -32.77 -32.89 48.65
N ASN D 405 -32.38 -32.64 49.90
CA ASN D 405 -32.20 -33.69 50.95
C ASN D 405 -33.16 -33.43 52.11
N GLY D 406 -34.14 -32.54 51.93
CA GLY D 406 -35.21 -32.26 52.91
C GLY D 406 -35.03 -30.94 53.62
N THR D 407 -33.82 -30.37 53.57
CA THR D 407 -33.48 -29.07 54.21
C THR D 407 -32.80 -28.11 53.23
N HIS D 408 -31.91 -28.63 52.38
CA HIS D 408 -31.01 -27.81 51.51
C HIS D 408 -31.19 -28.22 50.05
N PHE D 409 -31.41 -27.23 49.18
CA PHE D 409 -31.33 -27.40 47.71
C PHE D 409 -29.95 -26.94 47.24
N VAL D 410 -29.28 -27.80 46.47
CA VAL D 410 -27.94 -27.52 45.87
C VAL D 410 -28.03 -27.76 44.37
N ALA D 411 -27.95 -26.67 43.59
CA ALA D 411 -27.90 -26.68 42.12
C ALA D 411 -26.72 -27.56 41.68
N TYR D 412 -26.86 -28.28 40.56
CA TYR D 412 -25.77 -29.10 39.97
C TYR D 412 -24.66 -28.22 39.41
N ASP D 413 -24.98 -26.98 39.01
CA ASP D 413 -23.99 -26.01 38.45
C ASP D 413 -24.47 -24.59 38.75
N SER D 414 -23.78 -23.57 38.23
CA SER D 414 -24.08 -22.13 38.49
C SER D 414 -24.82 -21.50 37.29
N ALA D 415 -25.26 -22.31 36.33
CA ALA D 415 -25.87 -21.84 35.07
C ALA D 415 -27.29 -21.32 35.31
N ALA D 416 -27.70 -20.30 34.56
CA ALA D 416 -29.08 -19.80 34.45
C ALA D 416 -29.77 -20.46 33.26
N ARG D 417 -31.04 -20.88 33.41
CA ARG D 417 -31.82 -21.52 32.32
C ARG D 417 -33.24 -20.96 32.30
N ILE D 418 -33.67 -20.44 31.15
CA ILE D 418 -34.99 -19.78 30.93
C ILE D 418 -35.96 -20.82 30.33
N ALA D 419 -37.21 -20.83 30.77
CA ALA D 419 -38.21 -21.90 30.49
C ALA D 419 -38.79 -21.77 29.06
N ASP D 420 -39.14 -20.55 28.65
CA ASP D 420 -39.94 -20.22 27.44
C ASP D 420 -39.14 -19.19 26.63
N PHE D 421 -39.09 -19.29 25.30
CA PHE D 421 -38.25 -18.38 24.47
C PHE D 421 -39.07 -17.18 23.97
N ALA D 422 -40.34 -17.03 24.38
CA ALA D 422 -41.15 -15.82 24.11
C ALA D 422 -41.45 -15.09 25.44
N LYS D 423 -42.49 -14.23 25.47
CA LYS D 423 -42.71 -13.22 26.55
C LYS D 423 -43.90 -13.58 27.45
N ASP D 424 -44.77 -14.52 27.04
CA ASP D 424 -46.16 -14.63 27.60
C ASP D 424 -46.33 -15.92 28.38
N ASN D 425 -45.41 -16.21 29.31
CA ASN D 425 -45.47 -17.41 30.19
C ASN D 425 -44.81 -17.07 31.52
N TYR D 426 -45.57 -17.06 32.61
CA TYR D 426 -45.13 -16.57 33.94
C TYR D 426 -45.84 -17.33 35.06
N ALA D 427 -45.17 -17.46 36.19
CA ALA D 427 -45.74 -17.90 37.47
C ALA D 427 -46.27 -19.33 37.36
N SER D 428 -45.55 -20.21 36.69
CA SER D 428 -45.87 -21.66 36.64
C SER D 428 -46.07 -22.17 38.08
N GLN D 429 -47.14 -22.94 38.31
CA GLN D 429 -47.29 -23.73 39.57
C GLN D 429 -47.56 -25.20 39.20
N TRP D 430 -46.89 -26.10 39.92
CA TRP D 430 -47.06 -27.56 39.81
C TRP D 430 -48.21 -28.03 40.71
N PHE D 431 -49.04 -28.95 40.20
CA PHE D 431 -50.17 -29.59 40.91
C PHE D 431 -49.59 -30.53 41.99
N ALA D 432 -49.98 -30.32 43.24
CA ALA D 432 -49.74 -31.26 44.39
C ALA D 432 -50.59 -32.52 44.22
N ASP D 433 -50.08 -33.65 44.74
CA ASP D 433 -50.85 -34.91 44.98
C ASP D 433 -51.36 -35.52 43.65
N THR D 434 -50.54 -35.46 42.60
CA THR D 434 -50.87 -36.08 41.28
C THR D 434 -50.62 -37.59 41.34
N GLU D 435 -51.24 -38.34 40.41
CA GLU D 435 -51.04 -39.80 40.21
C GLU D 435 -49.56 -40.08 39.90
N ASN D 436 -49.05 -41.23 40.36
CA ASN D 436 -47.60 -41.56 40.53
C ASN D 436 -46.77 -41.09 39.34
N GLY D 437 -45.71 -40.31 39.61
CA GLY D 437 -44.72 -39.85 38.62
C GLY D 437 -45.08 -38.50 37.99
N GLU D 438 -46.36 -38.26 37.73
CA GLU D 438 -46.86 -37.17 36.85
C GLU D 438 -46.47 -35.79 37.39
N SER D 439 -45.56 -35.09 36.70
CA SER D 439 -45.28 -33.65 36.91
C SER D 439 -46.23 -32.84 36.02
N ILE D 440 -47.23 -32.21 36.62
CA ILE D 440 -48.27 -31.42 35.89
C ILE D 440 -48.16 -29.99 36.36
N SER D 441 -48.10 -29.03 35.45
CA SER D 441 -47.98 -27.59 35.77
C SER D 441 -48.93 -26.79 34.91
N ILE D 442 -49.20 -25.55 35.31
CA ILE D 442 -49.94 -24.55 34.50
C ILE D 442 -49.39 -23.17 34.84
N ALA D 443 -49.46 -22.25 33.90
CA ALA D 443 -48.83 -20.91 33.98
C ALA D 443 -49.83 -19.87 33.53
N TRP D 444 -49.58 -18.62 33.87
CA TRP D 444 -50.32 -17.44 33.39
C TRP D 444 -49.71 -17.00 32.06
N ALA D 445 -50.55 -16.86 31.03
CA ALA D 445 -50.13 -16.65 29.63
C ALA D 445 -50.17 -15.16 29.33
N SER D 446 -49.36 -14.38 30.03
CA SER D 446 -49.30 -12.91 29.75
C SER D 446 -47.93 -12.38 30.17
N ASN D 447 -47.76 -11.06 30.08
CA ASN D 447 -46.51 -10.37 30.46
C ASN D 447 -46.90 -9.08 31.18
N TRP D 448 -46.31 -8.82 32.34
CA TRP D 448 -46.68 -7.65 33.20
C TRP D 448 -46.53 -6.34 32.46
N GLN D 449 -45.72 -6.26 31.40
CA GLN D 449 -45.51 -4.98 30.68
C GLN D 449 -46.77 -4.53 29.92
N TYR D 450 -47.64 -5.44 29.52
CA TYR D 450 -48.83 -5.04 28.72
C TYR D 450 -50.09 -5.79 29.17
N THR D 451 -50.03 -6.64 30.19
CA THR D 451 -51.17 -7.51 30.59
C THR D 451 -52.40 -6.63 30.92
N GLN D 452 -52.20 -5.45 31.49
CA GLN D 452 -53.32 -4.58 31.97
C GLN D 452 -53.78 -3.64 30.86
N GLN D 453 -53.19 -3.73 29.67
CA GLN D 453 -53.47 -2.82 28.52
C GLN D 453 -53.97 -3.61 27.29
N VAL D 454 -54.03 -4.95 27.36
CA VAL D 454 -54.43 -5.77 26.17
C VAL D 454 -55.89 -5.51 25.87
N PRO D 455 -56.30 -5.51 24.58
CA PRO D 455 -57.66 -5.13 24.19
C PRO D 455 -58.68 -6.30 24.29
N THR D 456 -58.81 -6.88 25.48
CA THR D 456 -59.75 -8.00 25.77
C THR D 456 -60.81 -7.56 26.81
N SER D 457 -60.63 -6.40 27.47
CA SER D 457 -61.75 -5.71 28.15
C SER D 457 -62.71 -5.39 26.99
N ALA D 458 -63.99 -5.15 27.23
CA ALA D 458 -65.00 -5.13 26.15
C ALA D 458 -65.35 -6.57 25.78
N GLN D 459 -64.47 -7.56 25.97
CA GLN D 459 -64.87 -8.99 25.80
C GLN D 459 -64.96 -9.62 27.19
N ALA D 460 -64.97 -8.79 28.24
CA ALA D 460 -65.31 -9.19 29.63
C ALA D 460 -64.15 -9.92 30.29
N PHE D 461 -62.92 -9.79 29.78
CA PHE D 461 -61.81 -10.63 30.35
C PHE D 461 -60.45 -9.98 30.14
N ARG D 462 -59.53 -10.31 31.04
CA ARG D 462 -58.11 -9.88 30.87
C ARG D 462 -57.27 -11.03 31.40
N SER D 463 -56.58 -11.74 30.50
CA SER D 463 -55.55 -12.78 30.83
C SER D 463 -56.16 -14.18 30.82
N ALA D 464 -55.31 -15.17 30.54
CA ALA D 464 -55.70 -16.59 30.50
C ALA D 464 -54.55 -17.45 30.98
N MET D 465 -54.83 -18.67 31.42
CA MET D 465 -53.77 -19.65 31.73
C MET D 465 -53.22 -20.23 30.42
N SER D 466 -51.99 -20.72 30.49
CA SER D 466 -51.34 -21.57 29.46
C SER D 466 -52.15 -22.85 29.33
N LEU D 467 -51.88 -23.64 28.28
CA LEU D 467 -52.27 -25.06 28.28
C LEU D 467 -51.69 -25.69 29.54
N PRO D 468 -52.39 -26.63 30.20
CA PRO D 468 -51.77 -27.42 31.25
C PRO D 468 -50.64 -28.21 30.60
N ARG D 469 -49.57 -28.50 31.34
CA ARG D 469 -48.39 -29.13 30.74
C ARG D 469 -47.97 -30.36 31.54
N ARG D 470 -47.51 -31.40 30.84
CA ARG D 470 -46.80 -32.52 31.48
C ARG D 470 -45.30 -32.18 31.42
N ASN D 471 -44.56 -32.35 32.51
CA ASN D 471 -43.15 -31.89 32.59
C ASN D 471 -42.21 -33.10 32.73
N TYR D 472 -41.03 -33.00 32.12
CA TYR D 472 -39.93 -33.99 32.23
C TYR D 472 -38.61 -33.23 32.27
N LEU D 473 -37.54 -33.94 32.64
CA LEU D 473 -36.15 -33.46 32.48
C LEU D 473 -35.50 -34.32 31.42
N THR D 474 -34.69 -33.69 30.56
CA THR D 474 -33.88 -34.43 29.57
C THR D 474 -32.51 -33.76 29.47
N ASN D 475 -31.57 -34.46 28.83
CA ASN D 475 -30.30 -33.88 28.35
C ASN D 475 -30.46 -33.65 26.85
N ILE D 476 -30.26 -32.41 26.41
CA ILE D 476 -30.20 -32.06 24.95
C ILE D 476 -28.72 -31.88 24.60
N THR D 477 -28.38 -32.16 23.36
CA THR D 477 -26.98 -32.13 22.83
C THR D 477 -26.34 -30.78 23.19
N ARG D 478 -25.14 -30.85 23.78
CA ARG D 478 -24.26 -29.71 24.17
C ARG D 478 -24.79 -29.01 25.43
N LEU D 479 -26.04 -28.52 25.40
CA LEU D 479 -26.58 -27.64 26.46
C LEU D 479 -26.77 -28.42 27.76
N GLY D 480 -27.05 -29.73 27.68
CA GLY D 480 -27.31 -30.58 28.85
C GLY D 480 -28.72 -30.40 29.38
N TRP D 481 -28.85 -30.06 30.66
CA TRP D 481 -30.12 -30.10 31.42
C TRP D 481 -31.17 -29.23 30.73
N ASP D 482 -32.39 -29.76 30.60
CA ASP D 482 -33.50 -29.06 29.91
C ASP D 482 -34.83 -29.44 30.56
N LEU D 483 -35.65 -28.45 30.89
CA LEU D 483 -37.04 -28.67 31.36
C LEU D 483 -37.92 -28.90 30.13
N VAL D 484 -38.44 -30.12 29.99
CA VAL D 484 -39.39 -30.50 28.91
C VAL D 484 -40.81 -30.09 29.33
N SER D 485 -41.53 -29.44 28.42
CA SER D 485 -42.93 -28.99 28.60
C SER D 485 -43.73 -29.44 27.38
N LEU D 486 -44.75 -30.28 27.59
CA LEU D 486 -45.67 -30.75 26.53
C LEU D 486 -47.11 -30.47 26.95
N PRO D 487 -48.06 -30.26 26.01
CA PRO D 487 -49.45 -30.08 26.38
C PRO D 487 -49.95 -31.34 27.12
N TYR D 488 -50.67 -31.16 28.23
CA TYR D 488 -51.32 -32.30 28.94
C TYR D 488 -52.36 -32.89 27.97
N ASP D 489 -52.42 -34.23 27.89
CA ASP D 489 -53.33 -35.02 27.01
C ASP D 489 -54.48 -34.15 26.45
N LEU D 490 -54.41 -33.84 25.15
CA LEU D 490 -55.34 -32.93 24.45
C LEU D 490 -56.56 -33.69 23.92
N SER D 491 -56.60 -35.02 24.04
CA SER D 491 -57.61 -35.89 23.35
C SER D 491 -59.04 -35.42 23.62
N PRO D 492 -59.41 -34.98 24.85
CA PRO D 492 -60.78 -34.49 25.11
C PRO D 492 -61.26 -33.26 24.33
N VAL D 493 -60.35 -32.50 23.70
CA VAL D 493 -60.73 -31.26 22.94
C VAL D 493 -60.43 -31.43 21.44
N VAL D 494 -59.78 -32.52 21.05
CA VAL D 494 -59.35 -32.76 19.63
C VAL D 494 -60.60 -33.11 18.80
N GLY D 495 -60.95 -32.24 17.84
CA GLY D 495 -62.07 -32.46 16.91
C GLY D 495 -61.64 -33.18 15.64
N PRO D 496 -62.42 -33.06 14.55
CA PRO D 496 -62.12 -33.79 13.31
C PRO D 496 -60.90 -33.24 12.55
N SER D 497 -60.23 -34.12 11.82
CA SER D 497 -59.07 -33.83 10.93
C SER D 497 -59.46 -32.79 9.87
N LEU D 498 -58.59 -31.80 9.63
CA LEU D 498 -58.73 -30.75 8.59
C LEU D 498 -57.77 -31.07 7.44
N LEU D 499 -56.66 -31.73 7.73
CA LEU D 499 -55.60 -32.08 6.74
C LEU D 499 -54.70 -33.15 7.35
N SER D 500 -54.43 -34.18 6.56
CA SER D 500 -53.31 -35.14 6.77
C SER D 500 -52.53 -35.17 5.47
N SER D 501 -51.21 -34.96 5.53
CA SER D 501 -50.32 -34.83 4.35
C SER D 501 -48.97 -35.47 4.66
N SER D 502 -48.40 -36.13 3.66
CA SER D 502 -47.07 -36.79 3.69
C SER D 502 -46.13 -36.09 2.71
N GLU D 503 -46.54 -34.95 2.15
CA GLU D 503 -45.82 -34.25 1.06
C GLU D 503 -44.65 -33.44 1.63
N ALA D 504 -43.43 -33.75 1.20
CA ALA D 504 -42.23 -32.91 1.40
C ALA D 504 -42.17 -31.86 0.29
N ASN D 505 -41.42 -30.78 0.50
CA ASN D 505 -41.16 -29.71 -0.50
C ASN D 505 -42.45 -29.17 -1.11
N SER D 506 -43.52 -29.07 -0.34
CA SER D 506 -44.83 -28.54 -0.82
C SER D 506 -45.34 -27.47 0.14
N THR D 507 -46.44 -26.82 -0.22
CA THR D 507 -47.20 -25.88 0.64
C THR D 507 -48.60 -26.46 0.83
N ALA D 508 -49.02 -26.65 2.08
CA ALA D 508 -50.39 -27.05 2.49
C ALA D 508 -51.18 -25.82 2.94
N ASP D 509 -52.36 -25.59 2.37
CA ASP D 509 -53.30 -24.51 2.77
C ASP D 509 -54.46 -25.16 3.54
N VAL D 510 -54.64 -24.76 4.80
CA VAL D 510 -55.70 -25.32 5.70
C VAL D 510 -56.62 -24.16 6.08
N ASP D 511 -57.84 -24.17 5.55
CA ASP D 511 -58.93 -23.21 5.92
C ASP D 511 -59.63 -23.76 7.17
N PHE D 512 -59.91 -22.90 8.16
CA PHE D 512 -60.66 -23.31 9.36
C PHE D 512 -61.67 -22.22 9.75
N THR D 513 -62.16 -21.48 8.76
CA THR D 513 -63.30 -20.53 8.93
C THR D 513 -64.57 -21.30 9.33
N ASN D 514 -64.62 -22.61 9.06
CA ASN D 514 -65.75 -23.51 9.43
C ASN D 514 -65.60 -24.06 10.86
N VAL D 515 -64.40 -23.95 11.45
CA VAL D 515 -64.15 -24.36 12.86
C VAL D 515 -64.58 -23.21 13.78
N THR D 516 -65.73 -23.33 14.45
CA THR D 516 -66.37 -22.24 15.25
C THR D 516 -65.50 -21.91 16.47
N SER D 517 -64.80 -22.88 17.06
CA SER D 517 -63.83 -22.65 18.16
C SER D 517 -62.78 -21.62 17.73
N ASN D 518 -62.43 -21.59 16.44
CA ASN D 518 -61.32 -20.77 15.87
C ASN D 518 -60.04 -21.20 16.59
N ALA D 519 -59.94 -22.50 16.89
CA ALA D 519 -58.81 -23.12 17.61
C ALA D 519 -58.40 -24.40 16.87
N VAL D 520 -57.10 -24.55 16.60
CA VAL D 520 -56.55 -25.73 15.87
C VAL D 520 -55.32 -26.26 16.60
N TRP D 521 -55.14 -27.56 16.51
CA TRP D 521 -53.92 -28.31 16.88
C TRP D 521 -53.24 -28.73 15.59
N PHE D 522 -51.91 -28.72 15.56
CA PHE D 522 -51.15 -29.26 14.41
C PHE D 522 -49.91 -29.94 14.94
N SER D 523 -49.49 -30.96 14.21
CA SER D 523 -48.29 -31.77 14.45
C SER D 523 -47.52 -31.85 13.13
N LEU D 524 -46.23 -31.56 13.16
CA LEU D 524 -45.33 -31.68 11.98
C LEU D 524 -44.12 -32.49 12.41
N ASN D 525 -43.96 -33.68 11.84
CA ASN D 525 -42.77 -34.56 12.02
C ASN D 525 -41.92 -34.45 10.75
N VAL D 526 -40.61 -34.31 10.93
CA VAL D 526 -39.64 -34.29 9.80
C VAL D 526 -38.55 -35.30 10.17
N THR D 527 -38.42 -36.35 9.36
CA THR D 527 -37.37 -37.40 9.53
C THR D 527 -36.39 -37.25 8.36
N LEU D 528 -35.19 -36.78 8.65
CA LEU D 528 -34.10 -36.65 7.64
C LEU D 528 -33.56 -38.05 7.35
N PRO D 529 -33.07 -38.32 6.11
CA PRO D 529 -32.35 -39.56 5.84
C PRO D 529 -31.08 -39.61 6.70
N ASP D 530 -30.65 -40.80 7.10
CA ASP D 530 -29.53 -41.03 8.05
C ASP D 530 -28.24 -40.41 7.51
N ALA D 531 -28.11 -40.29 6.18
CA ALA D 531 -26.98 -39.63 5.49
C ALA D 531 -26.88 -38.17 5.96
N ALA D 532 -27.98 -37.43 5.85
CA ALA D 532 -28.10 -36.00 6.24
C ALA D 532 -27.87 -35.84 7.75
N ILE D 533 -28.29 -36.81 8.57
CA ILE D 533 -28.09 -36.82 10.05
C ILE D 533 -26.59 -36.94 10.37
N GLN D 534 -25.87 -37.83 9.68
CA GLN D 534 -24.44 -38.13 10.01
C GLN D 534 -23.51 -37.08 9.38
N ASN D 535 -23.99 -36.32 8.39
CA ASN D 535 -23.20 -35.26 7.71
C ASN D 535 -24.14 -34.11 7.34
N ALA D 536 -24.25 -33.11 8.23
CA ALA D 536 -25.21 -31.97 8.12
C ALA D 536 -24.92 -31.13 6.87
N SER D 537 -23.66 -31.09 6.42
CA SER D 537 -23.23 -30.28 5.23
C SER D 537 -23.89 -30.80 3.94
N LEU D 538 -24.50 -31.99 3.98
CA LEU D 538 -25.33 -32.55 2.87
C LEU D 538 -26.61 -31.73 2.69
N ILE D 539 -27.04 -31.00 3.72
CA ILE D 539 -28.32 -30.22 3.73
C ILE D 539 -28.06 -28.88 3.02
N SER D 540 -28.92 -28.53 2.07
CA SER D 540 -28.84 -27.25 1.31
C SER D 540 -29.20 -26.07 2.22
N ALA D 541 -28.60 -24.92 1.93
CA ALA D 541 -28.75 -23.63 2.64
C ALA D 541 -30.22 -23.19 2.69
N ASP D 542 -31.07 -23.65 1.77
CA ASP D 542 -32.49 -23.21 1.64
C ASP D 542 -33.45 -24.18 2.33
N ALA D 543 -32.96 -25.21 3.03
CA ALA D 543 -33.78 -26.22 3.73
C ALA D 543 -34.48 -25.54 4.93
N SER D 544 -35.81 -25.42 4.87
CA SER D 544 -36.59 -24.52 5.75
C SER D 544 -38.03 -24.99 5.90
N ILE D 545 -38.64 -24.62 7.03
CA ILE D 545 -40.08 -24.81 7.36
C ILE D 545 -40.64 -23.42 7.64
N ASN D 546 -41.78 -23.08 7.05
CA ASN D 546 -42.46 -21.78 7.17
C ASN D 546 -43.92 -22.07 7.46
N ILE D 547 -44.41 -21.57 8.61
CA ILE D 547 -45.84 -21.68 9.02
C ILE D 547 -46.35 -20.25 9.17
N THR D 548 -47.44 -19.92 8.49
CA THR D 548 -48.07 -18.58 8.56
C THR D 548 -49.55 -18.78 8.89
N PHE D 549 -50.08 -17.97 9.80
CA PHE D 549 -51.51 -17.90 10.16
C PHE D 549 -52.06 -16.63 9.51
N LEU D 550 -53.10 -16.77 8.67
CA LEU D 550 -53.58 -15.71 7.75
C LEU D 550 -54.96 -15.22 8.16
N PRO D 551 -55.24 -13.91 7.98
CA PRO D 551 -56.53 -13.34 8.36
C PRO D 551 -57.68 -13.95 7.54
N SER D 552 -58.86 -14.08 8.17
CA SER D 552 -60.11 -14.51 7.51
C SER D 552 -60.55 -13.47 6.48
N THR D 553 -61.06 -13.93 5.34
CA THR D 553 -61.71 -13.09 4.29
C THR D 553 -63.16 -12.80 4.71
N LYS D 554 -63.79 -13.79 5.35
CA LYS D 554 -65.24 -13.80 5.73
C LYS D 554 -65.49 -12.84 6.90
N CYS D 555 -64.65 -12.87 7.95
CA CYS D 555 -64.88 -12.13 9.21
C CYS D 555 -63.97 -10.89 9.34
N SER D 556 -63.56 -10.33 8.19
CA SER D 556 -63.05 -8.95 7.99
C SER D 556 -62.16 -8.89 6.75
N SER D 563 -52.93 -5.12 5.70
CA SER D 563 -54.27 -5.75 5.76
C SER D 563 -54.18 -7.26 5.51
N ASP D 564 -53.23 -7.71 4.66
CA ASP D 564 -53.06 -9.14 4.25
C ASP D 564 -51.92 -9.79 5.05
N SER D 565 -51.25 -9.03 5.92
CA SER D 565 -50.17 -9.51 6.82
C SER D 565 -50.64 -10.74 7.61
N PRO D 566 -49.78 -11.78 7.74
CA PRO D 566 -50.04 -12.87 8.67
C PRO D 566 -50.16 -12.38 10.12
N ALA D 567 -50.97 -13.05 10.92
CA ALA D 567 -51.15 -12.78 12.37
C ALA D 567 -49.97 -13.35 13.15
N ALA D 568 -49.38 -14.44 12.64
CA ALA D 568 -48.29 -15.17 13.31
C ALA D 568 -47.51 -15.97 12.27
N THR D 569 -46.20 -16.07 12.45
CA THR D 569 -45.29 -16.82 11.56
C THR D 569 -44.34 -17.66 12.41
N LEU D 570 -43.92 -18.80 11.87
CA LEU D 570 -42.81 -19.61 12.41
C LEU D 570 -41.93 -19.99 11.22
N THR D 571 -40.63 -19.73 11.34
CA THR D 571 -39.59 -20.00 10.31
C THR D 571 -38.47 -20.78 10.97
N TYR D 572 -38.05 -21.89 10.38
CA TYR D 572 -36.90 -22.70 10.86
C TYR D 572 -35.99 -22.96 9.67
N PHE D 573 -34.68 -22.79 9.87
CA PHE D 573 -33.62 -23.10 8.88
C PHE D 573 -32.79 -24.28 9.40
N TYR D 574 -32.65 -25.33 8.59
CA TYR D 574 -31.81 -26.52 8.91
C TYR D 574 -30.30 -26.17 8.81
N ALA D 575 -29.93 -25.30 7.88
CA ALA D 575 -28.52 -24.97 7.56
C ALA D 575 -28.40 -23.49 7.20
N GLY D 576 -27.44 -23.14 6.36
CA GLY D 576 -27.23 -21.75 5.88
C GLY D 576 -26.60 -20.90 6.96
N LEU D 577 -26.78 -19.58 6.87
CA LEU D 577 -26.04 -18.60 7.72
C LEU D 577 -26.65 -18.56 9.13
N THR D 578 -27.94 -18.86 9.27
CA THR D 578 -28.64 -18.95 10.59
C THR D 578 -29.10 -20.38 10.84
N ASN D 579 -28.16 -21.34 10.81
CA ASN D 579 -28.44 -22.79 10.95
C ASN D 579 -29.01 -23.05 12.34
N GLY D 580 -30.18 -23.71 12.39
CA GLY D 580 -30.87 -24.13 13.61
C GLY D 580 -31.76 -23.04 14.20
N ALA D 581 -31.76 -21.84 13.62
CA ALA D 581 -32.54 -20.68 14.14
C ALA D 581 -34.04 -20.90 13.85
N LEU D 582 -34.84 -20.85 14.91
CA LEU D 582 -36.30 -20.85 14.84
C LEU D 582 -36.77 -19.43 15.17
N ALA D 583 -37.52 -18.80 14.26
CA ALA D 583 -38.12 -17.46 14.42
C ALA D 583 -39.63 -17.60 14.60
N LEU D 584 -40.16 -16.99 15.64
CA LEU D 584 -41.61 -16.89 15.96
C LEU D 584 -41.96 -15.40 15.96
N THR D 585 -42.92 -14.98 15.13
CA THR D 585 -43.27 -13.54 14.95
C THR D 585 -44.79 -13.32 15.04
N ARG D 586 -45.17 -12.17 15.60
CA ARG D 586 -46.54 -11.59 15.53
C ARG D 586 -46.39 -10.24 14.84
N PRO D 587 -46.45 -10.18 13.49
CA PRO D 587 -46.09 -8.97 12.75
C PRO D 587 -46.88 -7.73 13.20
N ALA D 588 -46.16 -6.62 13.33
CA ALA D 588 -46.73 -5.30 13.72
C ALA D 588 -47.88 -4.92 12.77
N ALA D 589 -47.71 -5.15 11.47
CA ALA D 589 -48.67 -4.79 10.40
C ALA D 589 -50.03 -5.47 10.60
N SER D 590 -50.09 -6.60 11.32
CA SER D 590 -51.34 -7.39 11.53
C SER D 590 -52.23 -6.77 12.61
N SER D 591 -51.66 -5.95 13.50
CA SER D 591 -52.32 -5.48 14.76
C SER D 591 -52.02 -4.00 14.98
N SER D 592 -53.06 -3.17 14.91
CA SER D 592 -53.00 -1.73 15.22
C SER D 592 -52.59 -1.54 16.69
N TRP D 593 -53.26 -2.24 17.61
CA TRP D 593 -52.95 -2.17 19.06
C TRP D 593 -51.50 -2.61 19.30
N GLY D 594 -51.10 -3.76 18.72
CA GLY D 594 -49.77 -4.36 18.89
C GLY D 594 -48.65 -3.42 18.43
N ALA D 595 -48.82 -2.79 17.27
CA ALA D 595 -47.80 -1.90 16.65
C ALA D 595 -47.54 -0.70 17.55
N GLU D 596 -48.59 -0.17 18.18
CA GLU D 596 -48.52 1.07 19.00
C GLU D 596 -47.95 0.75 20.39
N ASN D 597 -48.25 -0.41 20.98
CA ASN D 597 -47.79 -0.73 22.37
C ASN D 597 -46.26 -0.83 22.36
N PRO D 598 -45.53 0.04 23.09
CA PRO D 598 -44.06 0.04 23.04
C PRO D 598 -43.35 -1.17 23.67
N PHE D 599 -44.06 -2.09 24.32
CA PHE D 599 -43.49 -3.30 24.97
C PHE D 599 -43.87 -4.60 24.25
N PHE D 600 -44.82 -4.56 23.32
CA PHE D 600 -45.39 -5.74 22.61
C PHE D 600 -44.46 -6.14 21.47
N THR D 601 -43.36 -6.81 21.83
CA THR D 601 -42.28 -7.26 20.93
C THR D 601 -42.87 -8.15 19.81
N ASP D 602 -42.40 -7.95 18.58
CA ASP D 602 -42.91 -8.61 17.36
C ASP D 602 -42.23 -9.97 17.13
N LYS D 603 -40.98 -10.17 17.56
CA LYS D 603 -40.12 -11.28 17.07
C LYS D 603 -39.32 -11.93 18.19
N PHE D 604 -39.29 -13.25 18.20
CA PHE D 604 -38.69 -14.15 19.21
C PHE D 604 -37.93 -15.25 18.46
N SER D 605 -36.88 -15.78 19.07
CA SER D 605 -36.10 -16.88 18.43
C SER D 605 -35.48 -17.78 19.47
N TYR D 606 -35.27 -19.02 19.08
CA TYR D 606 -34.46 -20.05 19.78
C TYR D 606 -33.60 -20.71 18.71
N THR D 607 -32.37 -21.08 19.06
CA THR D 607 -31.46 -21.81 18.14
C THR D 607 -31.28 -23.23 18.65
N LEU D 608 -31.62 -24.21 17.81
CA LEU D 608 -31.42 -25.66 18.07
C LEU D 608 -29.98 -26.02 17.71
N VAL D 609 -29.43 -27.02 18.39
CA VAL D 609 -28.20 -27.71 17.92
C VAL D 609 -28.63 -28.86 17.01
N ASP D 610 -29.44 -29.77 17.54
CA ASP D 610 -30.06 -30.90 16.79
C ASP D 610 -31.02 -30.34 15.74
N PRO D 611 -31.18 -31.00 14.58
CA PRO D 611 -32.21 -30.59 13.62
C PRO D 611 -33.61 -30.72 14.24
N LEU D 612 -34.55 -29.90 13.76
CA LEU D 612 -35.98 -29.97 14.14
C LEU D 612 -36.57 -31.28 13.58
N THR D 613 -37.05 -32.15 14.46
CA THR D 613 -37.67 -33.45 14.08
C THR D 613 -39.18 -33.42 14.36
N SER D 614 -39.63 -32.63 15.35
CA SER D 614 -41.07 -32.55 15.73
C SER D 614 -41.44 -31.14 16.16
N LEU D 615 -42.67 -30.76 15.83
CA LEU D 615 -43.27 -29.44 16.12
C LEU D 615 -44.75 -29.67 16.38
N VAL D 616 -45.21 -29.33 17.59
CA VAL D 616 -46.65 -29.32 17.98
C VAL D 616 -47.03 -27.86 18.25
N GLY D 617 -48.23 -27.49 17.82
CA GLY D 617 -48.77 -26.13 17.96
C GLY D 617 -50.23 -26.20 18.34
N VAL D 618 -50.66 -25.21 19.12
CA VAL D 618 -52.09 -24.92 19.40
C VAL D 618 -52.28 -23.43 19.18
N PHE D 619 -53.21 -23.08 18.29
CA PHE D 619 -53.72 -21.71 18.08
C PHE D 619 -55.11 -21.66 18.70
N ASP D 620 -55.41 -20.63 19.50
CA ASP D 620 -56.71 -20.49 20.20
C ASP D 620 -57.13 -19.02 20.24
N ARG D 621 -57.58 -18.50 19.10
CA ARG D 621 -58.18 -17.15 18.89
C ARG D 621 -57.14 -16.05 19.09
N SER D 622 -56.54 -15.95 20.28
CA SER D 622 -55.61 -14.84 20.64
C SER D 622 -54.30 -15.39 21.23
N MET D 623 -54.02 -16.68 21.04
CA MET D 623 -52.88 -17.39 21.69
C MET D 623 -52.29 -18.41 20.72
N LEU D 624 -50.96 -18.44 20.65
CA LEU D 624 -50.22 -19.53 19.98
C LEU D 624 -49.21 -20.12 20.98
N GLU D 625 -49.26 -21.44 21.17
CA GLU D 625 -48.24 -22.20 21.94
C GLU D 625 -47.56 -23.17 20.98
N VAL D 626 -46.22 -23.21 20.95
CA VAL D 626 -45.46 -24.16 20.08
C VAL D 626 -44.49 -24.95 20.96
N PHE D 627 -44.33 -26.22 20.62
CA PHE D 627 -43.50 -27.22 21.31
C PHE D 627 -42.62 -27.91 20.28
N VAL D 628 -41.30 -27.88 20.49
CA VAL D 628 -40.28 -28.32 19.50
C VAL D 628 -39.50 -29.51 20.10
N ASN D 629 -39.33 -30.57 19.30
CA ASN D 629 -38.48 -31.75 19.60
C ASN D 629 -38.97 -32.41 20.89
N GLU D 630 -40.22 -32.86 20.89
CA GLU D 630 -40.89 -33.55 22.03
C GLU D 630 -40.82 -32.63 23.26
N GLY D 631 -41.11 -31.35 23.07
CA GLY D 631 -41.26 -30.38 24.16
C GLY D 631 -39.94 -29.97 24.78
N ALA D 632 -38.80 -30.24 24.13
CA ALA D 632 -37.48 -29.77 24.57
C ALA D 632 -37.50 -28.25 24.66
N HIS D 633 -38.17 -27.59 23.71
CA HIS D 633 -38.25 -26.11 23.64
C HIS D 633 -39.72 -25.72 23.48
N SER D 634 -40.10 -24.58 24.01
CA SER D 634 -41.52 -24.18 24.22
C SER D 634 -41.61 -22.66 24.20
N ALA D 635 -42.65 -22.13 23.58
CA ALA D 635 -42.95 -20.68 23.57
C ALA D 635 -44.45 -20.49 23.61
N THR D 636 -44.88 -19.49 24.38
CA THR D 636 -46.29 -19.01 24.51
C THR D 636 -46.31 -17.57 24.01
N MET D 637 -47.15 -17.27 23.02
CA MET D 637 -47.22 -15.94 22.38
C MET D 637 -48.68 -15.50 22.22
N LEU D 638 -49.04 -14.34 22.78
CA LEU D 638 -50.36 -13.69 22.56
C LEU D 638 -50.38 -13.03 21.20
N VAL D 639 -51.52 -13.03 20.54
CA VAL D 639 -51.74 -12.28 19.26
C VAL D 639 -53.08 -11.56 19.34
N PHE D 640 -53.12 -10.31 18.89
CA PHE D 640 -54.34 -9.47 18.82
C PHE D 640 -54.45 -8.92 17.40
N PRO D 641 -54.62 -9.81 16.39
CA PRO D 641 -54.75 -9.36 15.01
C PRO D 641 -56.05 -8.57 14.83
N ASP D 642 -56.03 -7.54 13.97
CA ASP D 642 -57.22 -6.69 13.67
C ASP D 642 -58.34 -7.61 13.16
N SER D 643 -57.98 -8.58 12.31
CA SER D 643 -58.90 -9.57 11.70
C SER D 643 -58.64 -10.94 12.31
N PRO D 644 -59.70 -11.73 12.65
CA PRO D 644 -59.49 -13.09 13.12
C PRO D 644 -58.74 -13.94 12.09
N VAL D 645 -57.99 -14.94 12.59
CA VAL D 645 -57.23 -15.91 11.74
C VAL D 645 -58.24 -16.87 11.11
N GLY D 646 -58.13 -17.07 9.79
CA GLY D 646 -59.04 -17.92 9.00
C GLY D 646 -58.36 -19.17 8.46
N SER D 647 -57.03 -19.16 8.31
CA SER D 647 -56.28 -20.28 7.67
C SER D 647 -54.83 -20.29 8.14
N MET D 648 -54.12 -21.40 7.90
CA MET D 648 -52.64 -21.47 8.06
C MET D 648 -52.05 -22.10 6.81
N LYS D 649 -50.84 -21.67 6.43
CA LYS D 649 -50.00 -22.29 5.38
C LYS D 649 -48.81 -22.97 6.05
N VAL D 650 -48.55 -24.22 5.68
CA VAL D 650 -47.33 -24.98 6.10
C VAL D 650 -46.53 -25.29 4.84
N ALA D 651 -45.36 -24.67 4.70
CA ALA D 651 -44.43 -24.84 3.56
C ALA D 651 -43.12 -25.45 4.06
N THR D 652 -42.69 -26.55 3.44
CA THR D 652 -41.31 -27.10 3.57
C THR D 652 -40.63 -26.88 2.22
N GLY D 653 -39.29 -26.76 2.22
CA GLY D 653 -38.50 -26.46 1.02
C GLY D 653 -37.06 -26.87 1.21
N GLY D 654 -36.39 -27.24 0.10
CA GLY D 654 -34.95 -27.53 0.03
C GLY D 654 -34.53 -28.71 0.89
N LEU D 655 -35.46 -29.60 1.23
CA LEU D 655 -35.21 -30.74 2.13
C LEU D 655 -34.40 -31.81 1.39
N PRO D 656 -33.48 -32.52 2.06
CA PRO D 656 -32.69 -33.56 1.38
C PRO D 656 -33.59 -34.64 0.78
N GLU D 657 -33.14 -35.27 -0.32
CA GLU D 657 -33.83 -36.41 -0.99
C GLU D 657 -34.11 -37.49 0.06
N GLY D 658 -35.35 -37.98 0.13
CA GLY D 658 -35.75 -39.08 1.02
C GLY D 658 -36.21 -38.58 2.39
N THR D 659 -36.27 -37.27 2.60
CA THR D 659 -36.82 -36.66 3.84
C THR D 659 -38.32 -36.99 3.91
N GLN D 660 -38.78 -37.55 5.03
CA GLN D 660 -40.22 -37.83 5.26
C GLN D 660 -40.81 -36.69 6.09
N VAL D 661 -41.96 -36.19 5.64
CA VAL D 661 -42.75 -35.11 6.31
C VAL D 661 -44.12 -35.69 6.62
N ASN D 662 -44.58 -35.52 7.86
CA ASN D 662 -45.96 -35.89 8.25
C ASN D 662 -46.60 -34.68 8.93
N LEU D 663 -47.69 -34.18 8.35
CA LEU D 663 -48.46 -33.01 8.84
C LEU D 663 -49.87 -33.48 9.18
N GLN D 664 -50.30 -33.24 10.42
CA GLN D 664 -51.70 -33.48 10.86
C GLN D 664 -52.23 -32.15 11.42
N VAL D 665 -53.43 -31.76 11.02
CA VAL D 665 -54.12 -30.54 11.54
C VAL D 665 -55.55 -30.96 11.92
N ASN D 666 -55.97 -30.61 13.13
CA ASN D 666 -57.30 -30.92 13.69
C ASN D 666 -57.90 -29.63 14.27
N GLY D 667 -59.17 -29.39 14.01
CA GLY D 667 -59.97 -28.38 14.73
C GLY D 667 -60.09 -28.79 16.19
N LEU D 668 -60.19 -27.82 17.09
CA LEU D 668 -60.42 -28.10 18.54
C LEU D 668 -61.89 -27.78 18.87
N GLU D 669 -62.45 -28.51 19.82
CA GLU D 669 -63.83 -28.30 20.32
C GLU D 669 -63.78 -27.31 21.49
N SER D 670 -64.58 -26.24 21.43
CA SER D 670 -64.74 -25.28 22.56
C SER D 670 -65.15 -26.04 23.82
N THR D 671 -64.56 -25.69 24.97
CA THR D 671 -64.82 -26.31 26.29
C THR D 671 -65.89 -25.49 27.04
N TRP D 672 -66.27 -24.33 26.50
CA TRP D 672 -67.29 -23.42 27.08
C TRP D 672 -68.61 -23.61 26.32
N GLN D 673 -68.59 -23.48 24.99
CA GLN D 673 -69.76 -23.58 24.08
C GLN D 673 -69.84 -24.99 23.49
#